data_8EE0
#
_entry.id   8EE0
#
_cell.length_a   91.850
_cell.length_b   91.850
_cell.length_c   393.100
_cell.angle_alpha   90.000
_cell.angle_beta   90.000
_cell.angle_gamma   90.000
#
_symmetry.space_group_name_H-M   'P 43 21 2'
#
loop_
_entity.id
_entity.type
_entity.pdbx_description
1 polymer '6-deoxyerythronolide B synthase'
2 polymer '1B2 antibody light chain'
3 polymer '1B2 antibody heavy chain'
4 water water
#
loop_
_entity_poly.entity_id
_entity_poly.type
_entity_poly.pdbx_seq_one_letter_code
_entity_poly.pdbx_strand_id
1 'polypeptide(L)'
;MASTDSEKVAEYLRRATLDLRAARQRIRELESEPIAIVGMACRLPGEVDSPERLWELITSGRDSAAEVPDDRGWVPDELM
ASDAAGTRRAHGNFMAGAGDFDAAFFGISPREALAMDPQQRQALETTWEALESAGIPPETLRGSDTGVFVGMSHQGYATG
RPRPEDGVDGYLLTGNTASVASGRIAYVLGLEGPALTVDTACSSSLVALHTACGSLRDGDCGLAVAGGVSVMAGPEVFTE
FSRQGALSPDGRCKPFSDEADGFGLGEGSAFVVLQRLSDARREGRRVLGVVAGSAVNQDGASNGLSAPSGVAQQRVIRRA
WARAGITGADVAVVEAHGTGTRLGDPVEASALLATYGKSRGSSGPVLLGSVKSNIGHAQAAAGVAGVIKVLLGLERGVVP
PMLCRGERSGLIDWSSGEIELADGVREWSPAADGVRRAGVSAFGVSGTNAHVIIAEPPEPEPVPQPRRMLPATGVVPVVL
SARTGAALRAQAGRLADHLAAHPGIAPADVSWTMARARQHFEERAAVLAADTAEAVHRLRAVADGAVVPGVVTGSASDGG
SVFVFPGQGAQWEGMARELLPVPVFAESIAECDAVLSEVAGFSVSEVLEPRPDAPSLERVDVVQPVLFAVMVSLARLWRA
CGAVPSAVIGHSQGEIAAAVVAGALSLEDGMRVVARRSRAVRAVAGRGSMLSVRGGRSDVEKLLADDSWTGRLEVAAVNG
PDAVVVAGDAQAAREFLEYCEGVGIRARAIPVDYASHTAHVEPVRDELVQALAGITPRRAEVPFFSTLTGDFLDGTELDA
GYWYRNLRHPVEFHSAVQALTDQGYATFIEVSPHPVLASSVQETLDDAESDAAVLGTLERDAGDADRFLTALADAHTRGV
AVDWEAVLGRAGLVDLPGYPFQGKRFWLLPDRTTPRDELDGAAALEHHHHHH
;
A
2 'polypeptide(L)'
;LFAIPLVVPFYSHSALDVVMTQSPLSLPVTPGEPASISCRSSQSLLHSNGYNYLDWYLQKPGQSPQLLIYLGSNRASGVP
DRFSGSGSGTDFTLKISRVEAEDVGVYYCMQSLQTPRLTFGPGTKVDIKRTVAAPSVFIFPPSDEQLKSGTASVVCLLNN
FYPRGAKVQWKVDNALQSGNSQESVTEQDSKDSTYSLSSTLTLSKADYEKHKVYACEVTHQGLSSPVTKSFNRGEC
;
L
3 'polypeptide(L)'
;MAEVQLVQSGGGLVQPGRSLRLSCTASGFTFGDYAMSWVRQAPGKGLEWVGFIRSKAYGGTTEYAASVKGRFTISRDDSK
SIAYLQMNSLKTEDTAVYYCTRGGTLFDYWGQGTLVTVSSASTKGPSVFPLAPSSKSTSGGTAALGCLVKDYFPEPVTVS
WNSGALTSGVHTFPAVLQSSGLYSLSSVVTVPSSSLGTQTYICNVNHKPSNTKVDKKVEPKSCAALVPRGSAHHHHHHAA
DYKDDDDKA
;
H
#
# COMPACT_ATOMS: atom_id res chain seq x y z
N ALA A 2 -45.44 18.53 -3.24
CA ALA A 2 -46.02 17.42 -2.49
C ALA A 2 -45.28 17.20 -1.19
N SER A 3 -44.13 17.85 -1.00
CA SER A 3 -43.50 17.94 0.31
C SER A 3 -43.91 19.25 0.97
N THR A 4 -44.45 19.15 2.20
CA THR A 4 -44.88 20.34 2.93
C THR A 4 -43.69 21.23 3.25
N ASP A 5 -43.98 22.51 3.46
CA ASP A 5 -42.89 23.44 3.76
C ASP A 5 -42.16 23.03 5.02
N SER A 6 -42.89 22.49 5.99
CA SER A 6 -42.29 22.03 7.23
C SER A 6 -41.25 20.94 7.00
N GLU A 7 -41.52 20.01 6.07
CA GLU A 7 -40.57 18.92 5.83
C GLU A 7 -39.30 19.43 5.15
N LYS A 8 -39.43 20.35 4.20
CA LYS A 8 -38.26 20.84 3.49
C LYS A 8 -37.35 21.62 4.43
N VAL A 9 -37.92 22.57 5.18
CA VAL A 9 -37.11 23.37 6.10
C VAL A 9 -36.55 22.50 7.23
N ALA A 10 -37.25 21.42 7.59
CA ALA A 10 -36.69 20.42 8.50
C ALA A 10 -35.32 19.90 8.03
N GLU A 11 -35.19 19.59 6.73
CA GLU A 11 -33.94 19.03 6.21
C GLU A 11 -32.83 20.06 6.08
N TYR A 12 -33.17 21.33 5.82
CA TYR A 12 -32.14 22.37 5.79
C TYR A 12 -31.67 22.72 7.20
N LEU A 13 -32.59 22.88 8.14
CA LEU A 13 -32.17 23.12 9.51
C LEU A 13 -31.21 22.04 9.99
N ARG A 14 -31.56 20.76 9.74
CA ARG A 14 -30.73 19.66 10.21
C ARG A 14 -29.36 19.73 9.59
N ARG A 15 -29.30 20.10 8.32
CA ARG A 15 -28.02 20.20 7.63
C ARG A 15 -27.20 21.37 8.20
N ALA A 16 -27.88 22.47 8.52
CA ALA A 16 -27.18 23.63 9.07
C ALA A 16 -26.56 23.31 10.41
N THR A 17 -27.32 22.68 11.32
CA THR A 17 -26.74 22.34 12.62
C THR A 17 -25.70 21.23 12.50
N LEU A 18 -25.82 20.33 11.52
CA LEU A 18 -24.79 19.33 11.29
C LEU A 18 -23.51 19.99 10.83
N ASP A 19 -23.63 20.96 9.91
CA ASP A 19 -22.49 21.75 9.45
C ASP A 19 -21.86 22.53 10.58
N LEU A 20 -22.70 23.01 11.50
CA LEU A 20 -22.20 23.73 12.67
C LEU A 20 -21.42 22.81 13.59
N ARG A 21 -21.89 21.56 13.81
CA ARG A 21 -21.12 20.62 14.62
C ARG A 21 -19.75 20.35 14.01
N ALA A 22 -19.68 20.17 12.70
CA ALA A 22 -18.40 19.94 12.04
C ALA A 22 -17.48 21.15 12.21
N ALA A 23 -18.01 22.35 11.97
CA ALA A 23 -17.18 23.54 12.12
C ALA A 23 -16.57 23.61 13.50
N ARG A 24 -17.38 23.37 14.54
CA ARG A 24 -16.89 23.54 15.90
C ARG A 24 -15.94 22.41 16.28
N GLN A 25 -16.09 21.24 15.67
CA GLN A 25 -15.09 20.18 15.83
C GLN A 25 -13.77 20.54 15.16
N ARG A 26 -13.83 21.16 13.98
CA ARG A 26 -12.63 21.69 13.35
C ARG A 26 -11.95 22.73 14.24
N ILE A 27 -12.73 23.60 14.91
CA ILE A 27 -12.14 24.61 15.79
C ILE A 27 -11.36 23.92 16.91
N ARG A 28 -12.00 22.95 17.57
CA ARG A 28 -11.33 22.19 18.63
C ARG A 28 -10.06 21.51 18.12
N GLU A 29 -10.08 20.94 16.90
CA GLU A 29 -8.88 20.31 16.36
C GLU A 29 -7.73 21.31 16.23
N LEU A 30 -8.01 22.49 15.68
CA LEU A 30 -6.96 23.46 15.44
C LEU A 30 -6.33 23.95 16.73
N GLU A 31 -7.11 23.98 17.81
CA GLU A 31 -6.69 24.57 19.07
C GLU A 31 -6.10 23.54 20.00
N SER A 32 -6.64 22.31 19.99
CA SER A 32 -6.32 21.38 21.06
C SER A 32 -6.31 19.91 20.66
N GLU A 33 -6.21 19.57 19.38
CA GLU A 33 -6.15 18.15 19.03
C GLU A 33 -5.03 17.47 19.80
N PRO A 34 -5.27 16.31 20.40
CA PRO A 34 -4.16 15.57 21.01
C PRO A 34 -3.11 15.21 19.96
N ILE A 35 -1.85 15.37 20.32
CA ILE A 35 -0.74 14.94 19.48
C ILE A 35 -0.26 13.56 19.96
N ALA A 36 -0.37 12.55 19.10
CA ALA A 36 0.07 11.22 19.51
C ALA A 36 1.59 11.15 19.56
N ILE A 37 2.10 10.52 20.62
CA ILE A 37 3.51 10.17 20.72
C ILE A 37 3.65 8.75 20.20
N VAL A 38 4.21 8.60 19.01
CA VAL A 38 4.21 7.29 18.35
C VAL A 38 5.55 6.57 18.46
N GLY A 39 6.57 7.28 18.89
CA GLY A 39 7.91 6.71 19.03
C GLY A 39 8.73 7.44 20.04
N MET A 40 9.76 6.79 20.56
CA MET A 40 10.63 7.40 21.59
C MET A 40 11.97 6.67 21.61
N ALA A 41 13.04 7.44 21.83
CA ALA A 41 14.40 6.85 21.94
C ALA A 41 15.13 7.59 23.06
N CYS A 42 16.08 6.93 23.65
CA CYS A 42 16.71 7.67 24.74
C CYS A 42 18.12 7.14 24.87
N ARG A 43 19.12 7.93 24.78
CA ARG A 43 20.52 7.48 25.11
C ARG A 43 20.92 8.39 26.28
N LEU A 44 20.81 7.96 27.47
CA LEU A 44 21.01 8.73 28.72
C LEU A 44 22.07 8.09 29.61
N PRO A 45 22.55 8.78 30.68
CA PRO A 45 23.52 8.19 31.59
C PRO A 45 22.98 6.94 32.30
N GLY A 46 23.87 6.15 32.88
CA GLY A 46 23.47 4.94 33.61
C GLY A 46 23.44 3.73 32.70
N GLU A 47 24.19 3.80 31.59
CA GLU A 47 24.16 2.70 30.59
C GLU A 47 22.74 2.56 30.06
N VAL A 48 22.04 3.68 29.85
CA VAL A 48 20.65 3.66 29.33
C VAL A 48 20.71 3.96 27.84
N ASP A 49 20.68 2.91 27.02
CA ASP A 49 20.76 3.05 25.54
C ASP A 49 19.34 2.95 25.00
N SER A 50 18.41 2.58 25.86
CA SER A 50 17.03 2.33 25.41
C SER A 50 16.05 2.83 26.46
N PRO A 51 14.87 3.32 26.08
CA PRO A 51 13.85 3.67 27.05
C PRO A 51 13.66 2.57 28.10
N GLU A 52 13.65 1.29 27.70
CA GLU A 52 13.43 0.18 28.66
C GLU A 52 14.62 0.09 29.62
N ARG A 53 15.82 0.45 29.17
CA ARG A 53 16.88 0.49 30.16
C ARG A 53 16.58 1.54 31.23
N LEU A 54 16.02 2.68 30.82
CA LEU A 54 15.62 3.70 31.81
C LEU A 54 14.63 3.13 32.83
N TRP A 55 13.67 2.34 32.37
CA TRP A 55 12.73 1.74 33.31
C TRP A 55 13.47 0.85 34.32
N GLU A 56 14.40 0.04 33.82
CA GLU A 56 15.13 -0.87 34.69
C GLU A 56 15.95 -0.10 35.72
N LEU A 57 16.63 0.96 35.30
CA LEU A 57 17.43 1.76 36.21
C LEU A 57 16.59 2.35 37.34
N ILE A 58 15.38 2.83 37.04
CA ILE A 58 14.67 3.53 38.10
C ILE A 58 13.89 2.57 38.99
N THR A 59 13.29 1.50 38.42
CA THR A 59 12.69 0.50 39.32
C THR A 59 13.72 -0.28 40.11
N SER A 60 15.00 -0.12 39.81
CA SER A 60 16.05 -0.80 40.58
C SER A 60 16.77 0.14 41.52
N GLY A 61 16.31 1.38 41.63
CA GLY A 61 16.86 2.34 42.56
C GLY A 61 18.33 2.65 42.40
N ARG A 62 18.83 2.70 41.16
CA ARG A 62 20.22 2.97 40.89
C ARG A 62 20.38 4.35 40.28
N ASP A 63 21.52 4.96 40.54
CA ASP A 63 21.83 6.23 39.91
C ASP A 63 23.07 6.00 39.04
N SER A 64 23.69 7.08 38.62
CA SER A 64 24.69 6.98 37.58
C SER A 64 25.87 7.91 37.81
N ALA A 65 25.94 8.56 38.97
CA ALA A 65 27.01 9.51 39.20
C ALA A 65 28.36 8.78 39.23
N ALA A 66 29.36 9.38 38.60
CA ALA A 66 30.65 8.73 38.49
C ALA A 66 31.67 9.81 38.20
N GLU A 67 32.94 9.44 38.36
CA GLU A 67 34.01 10.39 38.04
C GLU A 67 34.04 10.62 36.54
N VAL A 68 34.44 11.83 36.17
CA VAL A 68 34.54 12.27 34.78
C VAL A 68 35.32 11.21 33.99
N PRO A 69 34.98 10.97 32.73
CA PRO A 69 35.79 10.05 31.92
C PRO A 69 37.07 10.74 31.46
N ASP A 70 38.04 9.92 31.05
CA ASP A 70 39.29 10.46 30.52
C ASP A 70 39.27 10.60 29.01
N ASP A 71 38.37 9.86 28.35
CA ASP A 71 38.25 9.92 26.88
C ASP A 71 38.11 11.38 26.46
N ARG A 72 37.34 12.17 27.21
CA ARG A 72 37.24 13.64 26.92
C ARG A 72 38.53 14.31 27.37
N GLY A 73 38.92 15.42 26.75
CA GLY A 73 40.21 16.06 27.08
C GLY A 73 40.16 16.96 28.31
N TRP A 74 39.47 16.52 29.36
CA TRP A 74 39.32 17.37 30.57
C TRP A 74 40.71 17.67 31.15
N ARG A 89 38.47 15.18 42.70
CA ARG A 89 37.35 16.07 43.01
C ARG A 89 36.61 16.49 41.74
N ALA A 90 35.88 15.56 41.12
CA ALA A 90 35.07 15.85 39.93
C ALA A 90 34.18 14.68 39.54
N HIS A 91 32.86 14.83 39.74
CA HIS A 91 31.93 13.73 39.49
C HIS A 91 30.75 14.23 38.65
N GLY A 92 30.17 13.34 37.87
CA GLY A 92 29.10 13.72 36.98
C GLY A 92 28.28 12.53 36.56
N ASN A 93 27.52 12.71 35.49
CA ASN A 93 26.67 11.67 34.90
C ASN A 93 26.91 11.66 33.39
N PHE A 94 27.62 10.64 32.92
CA PHE A 94 28.06 10.67 31.51
C PHE A 94 27.52 9.51 30.68
N MET A 95 27.26 9.79 29.41
CA MET A 95 26.77 8.74 28.48
C MET A 95 27.96 7.87 28.08
N ALA A 96 27.74 6.57 27.97
CA ALA A 96 28.84 5.62 27.67
C ALA A 96 29.42 5.85 26.28
N GLY A 97 28.58 5.93 25.26
CA GLY A 97 29.10 6.04 23.88
C GLY A 97 28.89 7.41 23.28
N ALA A 98 29.12 8.45 24.09
CA ALA A 98 28.92 9.83 23.60
C ALA A 98 29.74 10.04 22.35
N GLY A 99 30.88 9.37 22.26
CA GLY A 99 31.78 9.55 21.11
C GLY A 99 31.56 8.53 20.01
N ASP A 100 30.79 7.47 20.29
CA ASP A 100 30.65 6.47 19.23
C ASP A 100 29.64 6.92 18.18
N PHE A 101 29.96 6.67 16.90
CA PHE A 101 29.13 7.09 15.78
C PHE A 101 29.36 6.14 14.61
N ASP A 102 28.27 5.63 14.01
CA ASP A 102 28.34 4.85 12.78
C ASP A 102 28.27 5.84 11.61
N ALA A 103 29.43 6.37 11.24
CA ALA A 103 29.46 7.36 10.17
C ALA A 103 29.06 6.73 8.84
N ALA A 104 29.45 5.47 8.62
CA ALA A 104 29.15 4.78 7.37
C ALA A 104 27.64 4.67 7.14
N PHE A 105 26.90 4.35 8.19
CA PHE A 105 25.46 4.17 8.08
C PHE A 105 24.79 5.37 7.42
N PHE A 106 25.26 6.58 7.74
CA PHE A 106 24.63 7.82 7.29
C PHE A 106 25.35 8.43 6.10
N GLY A 107 26.33 7.74 5.53
CA GLY A 107 27.02 8.28 4.38
C GLY A 107 27.93 9.43 4.75
N ILE A 108 28.58 9.37 5.90
CA ILE A 108 29.46 10.44 6.36
C ILE A 108 30.88 9.92 6.40
N SER A 109 31.81 10.70 5.84
CA SER A 109 33.21 10.30 5.82
C SER A 109 33.78 10.42 7.23
N PRO A 110 34.75 9.56 7.58
CA PRO A 110 35.35 9.67 8.93
C PRO A 110 36.03 11.00 9.16
N ARG A 111 36.42 11.71 8.10
CA ARG A 111 36.96 13.06 8.28
C ARG A 111 35.88 13.99 8.81
N GLU A 112 34.72 14.01 8.15
CA GLU A 112 33.63 14.86 8.64
C GLU A 112 33.10 14.39 9.98
N ALA A 113 33.13 13.08 10.25
CA ALA A 113 32.58 12.61 11.52
C ALA A 113 33.43 13.08 12.69
N LEU A 114 34.75 13.11 12.51
CA LEU A 114 35.61 13.57 13.59
C LEU A 114 35.32 15.05 13.88
N ALA A 115 35.09 15.83 12.83
CA ALA A 115 34.82 17.27 12.97
C ALA A 115 33.44 17.55 13.52
N MET A 116 32.60 16.54 13.70
CA MET A 116 31.20 16.73 14.04
C MET A 116 31.00 16.74 15.55
N ASP A 117 30.35 17.79 16.05
CA ASP A 117 29.92 17.87 17.44
C ASP A 117 29.20 16.57 17.82
N PRO A 118 29.59 15.91 18.93
CA PRO A 118 28.87 14.68 19.33
C PRO A 118 27.38 14.88 19.48
N GLN A 119 26.97 16.11 19.84
CA GLN A 119 25.54 16.44 19.92
C GLN A 119 24.83 16.17 18.59
N GLN A 120 25.45 16.58 17.48
CA GLN A 120 24.92 16.25 16.15
C GLN A 120 24.86 14.74 15.94
N ARG A 121 25.91 14.02 16.31
CA ARG A 121 25.94 12.60 16.00
C ARG A 121 24.91 11.85 16.84
N GLN A 122 24.82 12.17 18.13
CA GLN A 122 23.85 11.49 18.99
C GLN A 122 22.42 11.79 18.57
N ALA A 123 22.17 12.98 18.02
CA ALA A 123 20.83 13.32 17.58
C ALA A 123 20.45 12.50 16.36
N LEU A 124 21.38 12.36 15.42
CA LEU A 124 21.12 11.57 14.22
C LEU A 124 20.84 10.11 14.58
N GLU A 125 21.63 9.54 15.50
CA GLU A 125 21.39 8.13 15.83
C GLU A 125 20.10 7.97 16.63
N THR A 126 19.84 8.85 17.60
CA THR A 126 18.63 8.71 18.41
C THR A 126 17.36 8.96 17.60
N THR A 127 17.40 9.90 16.64
CA THR A 127 16.25 10.10 15.75
C THR A 127 15.91 8.81 15.01
N TRP A 128 16.92 8.14 14.45
CA TRP A 128 16.68 6.88 13.75
C TRP A 128 15.97 5.89 14.66
N GLU A 129 16.47 5.71 15.89
CA GLU A 129 15.85 4.77 16.83
C GLU A 129 14.43 5.19 17.18
N ALA A 130 14.16 6.48 17.24
CA ALA A 130 12.79 6.94 17.49
C ALA A 130 11.89 6.54 16.36
N LEU A 131 12.42 6.62 15.13
CA LEU A 131 11.62 6.24 13.97
C LEU A 131 11.40 4.74 13.95
N GLU A 132 12.36 3.95 14.46
CA GLU A 132 12.16 2.50 14.56
C GLU A 132 11.21 2.17 15.69
N SER A 133 11.26 2.95 16.77
CA SER A 133 10.30 2.77 17.87
C SER A 133 8.88 3.08 17.40
N ALA A 134 8.72 4.02 16.45
CA ALA A 134 7.42 4.29 15.88
C ALA A 134 7.05 3.32 14.78
N GLY A 135 7.88 2.32 14.50
CA GLY A 135 7.59 1.36 13.46
C GLY A 135 7.56 1.94 12.06
N ILE A 136 8.30 3.01 11.82
CA ILE A 136 8.35 3.68 10.52
C ILE A 136 9.68 3.34 9.87
N PRO A 137 9.71 2.58 8.77
CA PRO A 137 10.96 2.38 8.00
C PRO A 137 11.42 3.67 7.35
N PRO A 138 12.54 4.26 7.79
CA PRO A 138 12.81 5.65 7.46
C PRO A 138 12.80 5.96 5.96
N GLU A 139 12.93 4.96 5.11
CA GLU A 139 12.94 5.28 3.69
C GLU A 139 11.58 5.80 3.22
N THR A 140 10.50 5.40 3.89
CA THR A 140 9.19 5.89 3.46
C THR A 140 9.03 7.39 3.69
N LEU A 141 9.84 7.95 4.59
CA LEU A 141 9.77 9.37 4.90
C LEU A 141 10.56 10.26 3.94
N ARG A 142 11.33 9.69 3.01
CA ARG A 142 12.11 10.53 2.09
C ARG A 142 11.18 11.37 1.21
N GLY A 143 11.42 12.67 1.15
CA GLY A 143 10.53 13.53 0.42
C GLY A 143 9.22 13.79 1.13
N SER A 144 9.07 13.26 2.33
CA SER A 144 7.87 13.52 3.09
C SER A 144 7.98 14.85 3.84
N ASP A 145 6.84 15.21 4.41
CA ASP A 145 6.50 16.51 4.97
C ASP A 145 6.86 16.60 6.44
N THR A 146 8.06 16.17 6.84
CA THR A 146 8.35 15.84 8.24
C THR A 146 9.28 16.89 8.84
N GLY A 147 8.88 17.46 9.97
CA GLY A 147 9.67 18.45 10.64
C GLY A 147 10.56 17.89 11.73
N VAL A 148 11.56 18.70 12.09
CA VAL A 148 12.61 18.32 13.03
C VAL A 148 12.83 19.49 13.97
N PHE A 149 12.68 19.24 15.27
CA PHE A 149 12.69 20.30 16.27
C PHE A 149 13.66 19.86 17.36
N VAL A 150 14.85 20.45 17.38
CA VAL A 150 15.89 19.99 18.28
C VAL A 150 16.15 21.08 19.31
N GLY A 151 15.99 20.72 20.58
CA GLY A 151 16.42 21.58 21.65
C GLY A 151 17.86 21.30 21.99
N MET A 152 18.69 22.32 21.94
CA MET A 152 20.13 22.09 22.01
C MET A 152 20.80 23.41 22.33
N SER A 153 21.99 23.30 22.87
CA SER A 153 22.75 24.45 23.29
C SER A 153 24.18 24.26 22.82
N HIS A 154 24.81 25.34 22.40
CA HIS A 154 26.19 25.24 21.85
C HIS A 154 27.19 24.89 22.94
N GLN A 155 27.99 23.86 22.69
CA GLN A 155 29.08 23.48 23.62
C GLN A 155 30.37 23.57 22.81
N GLY A 156 31.52 23.46 23.45
CA GLY A 156 32.78 23.67 22.71
C GLY A 156 33.53 22.38 22.40
N TYR A 157 33.23 21.78 21.26
CA TYR A 157 33.90 20.50 20.88
C TYR A 157 35.18 20.85 20.11
N ALA A 158 35.09 21.87 19.28
CA ALA A 158 36.26 22.28 18.46
C ALA A 158 36.74 23.64 18.95
N THR A 159 37.67 23.65 19.91
CA THR A 159 38.13 24.94 20.51
C THR A 159 39.64 25.08 20.30
N ASP A 169 38.78 18.02 11.03
CA ASP A 169 39.65 18.44 9.90
C ASP A 169 38.77 18.96 8.77
N GLY A 170 38.45 20.24 8.78
CA GLY A 170 37.51 20.77 7.75
C GLY A 170 36.09 20.41 8.16
N TYR A 171 35.09 20.79 7.38
CA TYR A 171 33.70 20.53 7.81
C TYR A 171 33.52 20.81 9.29
N LEU A 172 34.26 21.76 9.85
CA LEU A 172 34.20 21.97 11.33
C LEU A 172 33.13 23.02 11.63
N LEU A 173 32.84 23.88 10.65
CA LEU A 173 31.82 24.95 10.84
C LEU A 173 30.45 24.31 10.70
N THR A 174 30.30 23.44 9.70
CA THR A 174 29.01 22.73 9.51
C THR A 174 28.84 21.73 10.66
N GLY A 175 29.95 21.31 11.27
CA GLY A 175 29.88 20.28 12.31
C GLY A 175 29.66 20.87 13.68
N ASN A 176 29.50 22.19 13.76
CA ASN A 176 29.40 22.83 15.09
C ASN A 176 28.36 23.95 15.11
N THR A 177 27.79 24.35 13.97
CA THR A 177 26.67 25.28 14.04
C THR A 177 25.48 24.57 14.66
N ALA A 178 24.71 25.29 15.49
CA ALA A 178 23.52 24.68 16.06
C ALA A 178 22.47 24.40 15.00
N SER A 179 22.37 25.26 13.98
CA SER A 179 21.30 25.08 12.99
C SER A 179 21.45 23.76 12.25
N VAL A 180 22.70 23.29 12.08
CA VAL A 180 22.94 22.07 11.32
C VAL A 180 22.56 20.81 12.11
N ALA A 181 22.51 20.88 13.44
CA ALA A 181 22.01 19.73 14.20
C ALA A 181 20.60 19.33 13.79
N SER A 182 19.76 20.30 13.43
CA SER A 182 18.45 19.90 12.97
C SER A 182 18.43 19.68 11.46
N GLY A 183 19.16 20.50 10.70
CA GLY A 183 19.10 20.38 9.26
C GLY A 183 19.81 19.16 8.72
N ARG A 184 20.87 18.70 9.41
CA ARG A 184 21.61 17.50 9.00
C ARG A 184 20.71 16.27 9.06
N ILE A 185 19.82 16.22 10.05
CA ILE A 185 18.85 15.13 10.12
C ILE A 185 17.90 15.22 8.93
N ALA A 186 17.44 16.42 8.61
CA ALA A 186 16.61 16.60 7.44
C ALA A 186 17.34 16.16 6.18
N TYR A 187 18.61 16.54 6.05
CA TYR A 187 19.35 16.20 4.83
C TYR A 187 19.56 14.70 4.72
N VAL A 188 20.20 14.09 5.72
CA VAL A 188 20.45 12.65 5.71
C VAL A 188 19.17 11.87 5.40
N LEU A 189 18.14 12.10 6.20
CA LEU A 189 16.87 11.39 6.05
C LEU A 189 15.96 11.99 4.96
N GLY A 190 16.37 13.06 4.28
CA GLY A 190 15.57 13.55 3.16
C GLY A 190 14.22 14.13 3.55
N LEU A 191 14.14 14.78 4.72
CA LEU A 191 12.88 15.31 5.22
C LEU A 191 12.68 16.73 4.75
N GLU A 192 11.42 17.13 4.53
CA GLU A 192 11.14 18.42 3.92
C GLU A 192 10.22 19.33 4.75
N GLY A 193 9.90 18.95 5.98
CA GLY A 193 9.26 19.88 6.88
C GLY A 193 10.25 20.85 7.46
N PRO A 194 9.78 21.71 8.36
CA PRO A 194 10.70 22.65 9.02
C PRO A 194 11.71 21.93 9.89
N ALA A 195 12.95 22.45 9.88
CA ALA A 195 14.03 21.94 10.72
C ALA A 195 14.63 23.10 11.50
N LEU A 196 14.41 23.10 12.81
CA LEU A 196 14.82 24.15 13.73
C LEU A 196 15.65 23.57 14.86
N THR A 197 16.69 24.30 15.22
CA THR A 197 17.33 24.13 16.52
C THR A 197 16.87 25.29 17.40
N VAL A 198 16.46 24.98 18.65
CA VAL A 198 15.97 25.99 19.59
C VAL A 198 16.70 25.87 20.91
N ASP A 199 17.00 27.02 21.54
CA ASP A 199 17.71 27.05 22.84
C ASP A 199 16.94 27.84 23.89
N THR A 200 16.40 27.15 24.90
CA THR A 200 15.69 27.79 26.04
C THR A 200 16.32 27.16 27.28
N ALA A 201 17.51 26.58 27.12
CA ALA A 201 18.26 25.95 28.23
C ALA A 201 17.60 24.65 28.67
N CYS A 202 17.43 24.46 29.98
CA CYS A 202 16.88 23.21 30.52
C CYS A 202 15.45 22.95 30.01
N SER A 203 14.82 23.96 29.42
CA SER A 203 13.45 23.82 28.89
C SER A 203 13.51 23.53 27.40
N SER A 204 14.69 23.66 26.81
CA SER A 204 14.85 23.54 25.34
C SER A 204 14.10 22.37 24.70
N SER A 205 14.08 21.20 25.33
CA SER A 205 13.48 20.07 24.64
C SER A 205 11.96 20.07 24.80
N LEU A 206 11.45 20.64 25.89
CA LEU A 206 9.99 20.75 25.99
C LEU A 206 9.47 21.90 25.14
N VAL A 207 10.27 22.94 24.93
CA VAL A 207 9.92 23.97 23.96
C VAL A 207 9.92 23.38 22.56
N ALA A 208 10.94 22.58 22.24
CA ALA A 208 10.96 21.90 20.95
C ALA A 208 9.70 21.06 20.76
N LEU A 209 9.31 20.32 21.81
CA LEU A 209 8.07 19.55 21.75
C LEU A 209 6.86 20.47 21.55
N HIS A 210 6.79 21.59 22.27
CA HIS A 210 5.65 22.49 22.17
C HIS A 210 5.53 23.09 20.78
N THR A 211 6.64 23.51 20.21
CA THR A 211 6.64 24.08 18.88
C THR A 211 6.22 23.05 17.84
N ALA A 212 6.65 21.79 18.00
CA ALA A 212 6.29 20.78 17.02
C ALA A 212 4.78 20.47 17.04
N CYS A 213 4.14 20.51 18.22
CA CYS A 213 2.70 20.27 18.26
C CYS A 213 1.94 21.40 17.62
N GLY A 214 2.40 22.65 17.82
CA GLY A 214 1.85 23.76 17.08
C GLY A 214 2.07 23.61 15.58
N SER A 215 3.22 23.09 15.19
CA SER A 215 3.48 22.94 13.76
C SER A 215 2.60 21.86 13.15
N LEU A 216 2.49 20.72 13.81
CA LEU A 216 1.55 19.70 13.34
C LEU A 216 0.14 20.26 13.23
N ARG A 217 -0.30 20.97 14.27
CA ARG A 217 -1.69 21.41 14.28
C ARG A 217 -1.97 22.43 13.20
N ASP A 218 -0.95 23.16 12.79
CA ASP A 218 -1.04 24.12 11.68
C ASP A 218 -0.86 23.46 10.34
N GLY A 219 -0.62 22.15 10.29
CA GLY A 219 -0.39 21.47 9.03
C GLY A 219 0.91 21.84 8.34
N ASP A 220 1.85 22.48 9.03
CA ASP A 220 3.17 22.72 8.46
C ASP A 220 3.89 21.41 8.19
N CYS A 221 3.59 20.38 8.99
CA CYS A 221 4.18 19.06 8.78
C CYS A 221 3.15 18.03 9.21
N GLY A 222 3.38 16.78 8.80
CA GLY A 222 2.42 15.70 9.04
C GLY A 222 2.96 14.70 10.04
N LEU A 223 4.22 14.90 10.38
CA LEU A 223 4.99 14.11 11.30
C LEU A 223 6.11 15.01 11.83
N ALA A 224 6.48 14.83 13.08
CA ALA A 224 7.57 15.64 13.60
C ALA A 224 8.42 14.80 14.52
N VAL A 225 9.72 15.02 14.43
CA VAL A 225 10.68 14.54 15.41
C VAL A 225 11.00 15.70 16.33
N ALA A 226 10.88 15.47 17.63
CA ALA A 226 11.17 16.53 18.58
C ALA A 226 11.92 15.92 19.74
N GLY A 227 12.85 16.69 20.27
CA GLY A 227 13.54 16.28 21.49
C GLY A 227 14.75 17.16 21.75
N GLY A 228 15.68 16.61 22.49
CA GLY A 228 16.84 17.39 22.86
C GLY A 228 18.05 16.52 23.06
N VAL A 229 19.21 17.17 22.96
CA VAL A 229 20.48 16.47 23.05
C VAL A 229 21.48 17.41 23.70
N SER A 230 22.29 16.88 24.62
CA SER A 230 23.47 17.58 25.07
C SER A 230 24.55 16.58 25.46
N VAL A 231 25.79 16.96 25.16
CA VAL A 231 26.98 16.21 25.56
C VAL A 231 28.02 17.21 26.06
N MET A 232 28.58 16.96 27.26
CA MET A 232 29.62 17.83 27.80
C MET A 232 30.89 17.64 27.00
N ALA A 233 31.28 18.66 26.24
CA ALA A 233 32.43 18.49 25.37
C ALA A 233 33.59 19.40 25.71
N GLY A 234 33.34 20.69 25.97
CA GLY A 234 34.42 21.63 26.18
C GLY A 234 34.70 21.95 27.64
N PRO A 235 35.89 22.49 27.94
CA PRO A 235 36.31 22.64 29.35
C PRO A 235 35.34 23.44 30.20
N GLU A 236 34.70 24.46 29.60
CA GLU A 236 33.88 25.44 30.30
C GLU A 236 32.89 24.82 31.30
N VAL A 237 31.91 24.08 30.80
CA VAL A 237 30.66 23.88 31.55
C VAL A 237 30.91 23.27 32.92
N PHE A 238 31.86 22.35 33.03
CA PHE A 238 32.02 21.68 34.32
C PHE A 238 32.70 22.58 35.35
N THR A 239 33.80 23.22 34.98
CA THR A 239 34.46 24.14 35.88
C THR A 239 33.68 25.44 36.03
N GLU A 240 32.87 25.82 35.03
CA GLU A 240 32.07 27.03 35.13
C GLU A 240 31.04 26.92 36.26
N PHE A 241 30.44 25.75 36.43
CA PHE A 241 29.46 25.53 37.49
C PHE A 241 30.13 25.30 38.85
N SER A 242 31.37 24.80 38.87
CA SER A 242 32.07 24.58 40.13
C SER A 242 32.33 25.89 40.85
N ARG A 243 32.93 26.86 40.15
CA ARG A 243 33.11 28.21 40.69
C ARG A 243 31.75 28.83 41.06
N GLN A 244 30.75 28.64 40.22
CA GLN A 244 29.41 29.18 40.47
C GLN A 244 28.80 28.58 41.75
N GLY A 245 29.12 27.33 42.06
CA GLY A 245 28.71 26.72 43.32
C GLY A 245 27.38 25.99 43.31
N ALA A 246 26.79 25.74 42.14
CA ALA A 246 25.50 25.05 42.06
C ALA A 246 25.64 23.54 41.92
N LEU A 247 26.86 23.02 41.98
CA LEU A 247 27.14 21.61 41.73
C LEU A 247 27.15 20.83 43.03
N SER A 248 26.66 19.58 42.98
CA SER A 248 26.84 18.82 44.21
C SER A 248 28.17 18.07 44.20
N PRO A 249 28.75 17.78 45.36
CA PRO A 249 30.03 17.04 45.36
C PRO A 249 29.86 15.58 44.98
N ASP A 250 28.76 14.95 45.40
CA ASP A 250 28.48 13.57 45.01
C ASP A 250 28.31 13.43 43.50
N GLY A 251 27.97 14.52 42.81
CA GLY A 251 27.42 14.42 41.47
C GLY A 251 26.00 13.89 41.42
N ARG A 252 25.35 13.73 42.58
CA ARG A 252 23.97 13.24 42.67
C ARG A 252 23.01 14.40 42.90
N CYS A 253 21.91 14.39 42.15
CA CYS A 253 20.76 15.25 42.45
C CYS A 253 19.91 14.57 43.51
N LYS A 254 19.55 15.30 44.57
CA LYS A 254 18.67 14.77 45.61
C LYS A 254 17.39 15.62 45.67
N PRO A 255 16.54 15.53 44.64
CA PRO A 255 15.45 16.51 44.51
C PRO A 255 14.36 16.32 45.56
N PHE A 256 14.03 17.43 46.23
CA PHE A 256 12.95 17.45 47.27
C PHE A 256 13.43 16.81 48.58
N SER A 257 14.74 16.80 48.83
CA SER A 257 15.31 16.14 50.03
C SER A 257 16.06 17.16 50.88
N ASP A 258 16.14 16.93 52.19
CA ASP A 258 16.88 17.82 53.11
C ASP A 258 18.39 17.61 52.92
N GLU A 259 18.79 16.72 52.02
CA GLU A 259 20.23 16.51 51.74
C GLU A 259 20.54 17.18 50.39
N ALA A 260 19.63 18.01 49.93
CA ALA A 260 19.84 18.73 48.65
C ALA A 260 21.05 19.63 48.76
N ASP A 261 21.98 19.53 47.81
CA ASP A 261 23.20 20.34 47.86
C ASP A 261 23.67 20.72 46.47
N GLY A 262 22.76 20.86 45.50
CA GLY A 262 23.13 21.15 44.14
C GLY A 262 22.78 20.01 43.20
N PHE A 263 22.93 20.29 41.90
CA PHE A 263 22.65 19.29 40.89
C PHE A 263 23.94 18.63 40.41
N GLY A 264 23.81 17.38 39.97
CA GLY A 264 24.88 16.72 39.25
C GLY A 264 24.73 16.90 37.75
N LEU A 265 25.81 17.33 37.11
CA LEU A 265 25.77 17.54 35.68
C LEU A 265 25.54 16.23 34.93
N GLY A 266 24.89 16.34 33.77
CA GLY A 266 24.53 15.19 32.99
C GLY A 266 24.52 15.53 31.51
N GLU A 267 24.10 14.54 30.72
CA GLU A 267 24.03 14.68 29.27
C GLU A 267 23.06 13.63 28.75
N GLY A 268 22.74 13.72 27.46
CA GLY A 268 21.90 12.69 26.86
C GLY A 268 21.24 13.16 25.59
N SER A 269 20.59 12.19 24.94
CA SER A 269 19.63 12.35 23.86
C SER A 269 18.26 11.86 24.32
N ALA A 270 17.22 12.51 23.83
CA ALA A 270 15.88 12.04 24.12
C ALA A 270 14.96 12.65 23.08
N PHE A 271 14.36 11.80 22.25
CA PHE A 271 13.53 12.25 21.16
C PHE A 271 12.23 11.46 21.14
N VAL A 272 11.21 12.07 20.56
CA VAL A 272 9.89 11.47 20.43
C VAL A 272 9.44 11.75 19.01
N VAL A 273 8.54 10.93 18.52
CA VAL A 273 7.93 11.13 17.21
C VAL A 273 6.48 11.53 17.45
N LEU A 274 6.08 12.62 16.82
CA LEU A 274 4.81 13.29 17.09
C LEU A 274 3.95 13.25 15.84
N GLN A 275 2.67 12.90 16.03
CA GLN A 275 1.72 12.87 14.94
C GLN A 275 0.33 13.24 15.44
N ARG A 276 -0.38 14.07 14.68
CA ARG A 276 -1.80 14.32 14.96
C ARG A 276 -2.49 13.00 15.24
N LEU A 277 -3.23 12.93 16.36
CA LEU A 277 -3.85 11.67 16.76
C LEU A 277 -4.77 11.13 15.68
N SER A 278 -5.51 12.00 15.00
CA SER A 278 -6.40 11.50 13.96
C SER A 278 -5.62 10.76 12.87
N ASP A 279 -4.48 11.31 12.43
CA ASP A 279 -3.64 10.62 11.45
C ASP A 279 -3.06 9.32 12.01
N ALA A 280 -2.71 9.29 13.30
CA ALA A 280 -2.13 8.08 13.86
C ALA A 280 -3.15 6.95 13.93
N ARG A 281 -4.38 7.25 14.38
CA ARG A 281 -5.46 6.27 14.34
C ARG A 281 -5.68 5.75 12.93
N ARG A 282 -5.65 6.66 11.94
CA ARG A 282 -6.02 6.30 10.58
C ARG A 282 -4.98 5.39 9.91
N GLU A 283 -3.70 5.56 10.24
CA GLU A 283 -2.61 4.72 9.73
C GLU A 283 -2.32 3.52 10.64
N GLY A 284 -3.15 3.30 11.66
CA GLY A 284 -2.95 2.19 12.59
C GLY A 284 -1.65 2.22 13.36
N ARG A 285 -1.24 3.40 13.83
CA ARG A 285 -0.02 3.51 14.63
C ARG A 285 -0.27 3.17 16.08
N ARG A 286 0.58 2.31 16.63
CA ARG A 286 0.63 2.16 18.08
C ARG A 286 1.01 3.51 18.70
N VAL A 287 0.15 4.02 19.57
CA VAL A 287 0.36 5.27 20.27
C VAL A 287 0.87 4.98 21.68
N LEU A 288 2.02 5.59 22.06
CA LEU A 288 2.57 5.45 23.40
C LEU A 288 1.87 6.32 24.44
N GLY A 289 1.21 7.38 24.01
CA GLY A 289 0.66 8.41 24.86
C GLY A 289 0.34 9.60 24.01
N VAL A 290 -0.34 10.58 24.61
CA VAL A 290 -0.71 11.78 23.88
C VAL A 290 -0.23 13.00 24.64
N VAL A 291 0.22 14.02 23.90
CA VAL A 291 0.34 15.37 24.45
C VAL A 291 -1.07 15.97 24.46
N ALA A 292 -1.68 16.05 25.65
CA ALA A 292 -3.04 16.58 25.78
C ALA A 292 -3.05 18.11 25.83
N GLY A 293 -1.99 18.71 26.33
CA GLY A 293 -1.82 20.14 26.27
C GLY A 293 -0.43 20.49 26.76
N SER A 294 0.12 21.61 26.31
CA SER A 294 1.38 22.13 26.83
C SER A 294 1.30 23.64 26.85
N ALA A 295 2.12 24.25 27.71
CA ALA A 295 2.26 25.70 27.73
C ALA A 295 3.73 26.07 27.91
N VAL A 296 4.07 27.28 27.46
CA VAL A 296 5.42 27.82 27.56
C VAL A 296 5.27 29.29 27.90
N ASN A 297 5.95 29.74 28.95
CA ASN A 297 5.81 31.14 29.38
C ASN A 297 7.19 31.62 29.81
N GLN A 298 7.23 32.73 30.54
CA GLN A 298 8.48 33.30 31.03
C GLN A 298 8.33 33.73 32.48
N ASP A 299 9.44 33.71 33.22
CA ASP A 299 9.46 34.25 34.56
C ASP A 299 9.18 35.77 34.55
N GLY A 300 9.70 36.48 33.55
CA GLY A 300 9.49 37.91 33.52
C GLY A 300 10.37 38.61 34.54
N ALA A 301 9.83 39.70 35.14
CA ALA A 301 10.55 40.44 36.16
C ALA A 301 10.64 39.66 37.47
N SER A 302 11.70 38.88 37.63
CA SER A 302 11.96 38.04 38.80
C SER A 302 13.14 38.61 39.58
N ASN A 303 13.56 37.87 40.64
CA ASN A 303 14.59 38.41 41.54
C ASN A 303 15.93 38.43 40.91
N GLY A 304 16.03 38.14 39.63
CA GLY A 304 17.31 38.05 38.96
C GLY A 304 17.22 37.16 37.74
N LEU A 305 18.17 37.37 36.81
CA LEU A 305 18.12 36.70 35.50
C LEU A 305 17.99 35.18 35.65
N SER A 306 18.67 34.59 36.62
CA SER A 306 18.63 33.15 36.85
C SER A 306 17.66 32.75 37.95
N ALA A 307 16.88 33.66 38.45
CA ALA A 307 16.08 33.28 39.61
C ALA A 307 14.73 32.73 39.17
N PRO A 308 14.34 31.55 39.64
CA PRO A 308 13.01 31.03 39.30
C PRO A 308 11.93 31.85 39.96
N SER A 309 10.73 31.79 39.38
CA SER A 309 9.59 32.53 39.87
C SER A 309 8.47 31.53 40.10
N GLY A 310 8.03 31.41 41.36
CA GLY A 310 6.97 30.45 41.69
C GLY A 310 5.65 30.81 41.04
N VAL A 311 5.33 32.11 40.99
CA VAL A 311 4.08 32.51 40.35
C VAL A 311 4.14 32.25 38.85
N ALA A 312 5.29 32.42 38.22
CA ALA A 312 5.36 32.10 36.79
C ALA A 312 5.10 30.62 36.55
N GLN A 313 5.56 29.76 37.47
CA GLN A 313 5.35 28.34 37.31
C GLN A 313 3.90 27.95 37.56
N GLN A 314 3.20 28.67 38.44
CA GLN A 314 1.76 28.43 38.51
C GLN A 314 1.08 28.83 37.21
N ARG A 315 1.42 30.01 36.66
CA ARG A 315 0.79 30.45 35.42
C ARG A 315 0.95 29.40 34.33
N VAL A 316 2.13 28.82 34.18
CA VAL A 316 2.35 27.89 33.08
C VAL A 316 1.64 26.55 33.35
N ILE A 317 1.59 26.10 34.60
CA ILE A 317 0.87 24.85 34.91
C ILE A 317 -0.61 25.02 34.57
N ARG A 318 -1.19 26.14 35.01
CA ARG A 318 -2.61 26.40 34.77
C ARG A 318 -2.91 26.60 33.29
N ARG A 319 -1.95 27.15 32.52
CA ARG A 319 -2.20 27.27 31.08
C ARG A 319 -2.22 25.90 30.43
N ALA A 320 -1.36 24.99 30.87
CA ALA A 320 -1.35 23.62 30.35
C ALA A 320 -2.65 22.91 30.65
N TRP A 321 -3.20 23.10 31.86
CA TRP A 321 -4.50 22.54 32.15
C TRP A 321 -5.55 23.11 31.23
N ALA A 322 -5.50 24.42 30.96
CA ALA A 322 -6.50 25.03 30.09
C ALA A 322 -6.53 24.36 28.73
N ARG A 323 -5.35 24.28 28.08
CA ARG A 323 -5.22 23.74 26.73
C ARG A 323 -5.41 22.23 26.66
N ALA A 324 -5.49 21.53 27.79
CA ALA A 324 -5.85 20.13 27.78
C ALA A 324 -7.26 19.87 28.28
N GLY A 325 -7.96 20.92 28.72
CA GLY A 325 -9.34 20.76 29.18
C GLY A 325 -9.46 19.95 30.45
N ILE A 326 -8.46 20.00 31.32
CA ILE A 326 -8.43 19.23 32.54
C ILE A 326 -8.14 20.17 33.70
N THR A 327 -8.20 19.62 34.89
CA THR A 327 -7.86 20.31 36.11
C THR A 327 -6.83 19.48 36.87
N GLY A 328 -6.28 20.05 37.94
CA GLY A 328 -5.22 19.37 38.67
C GLY A 328 -5.61 17.98 39.15
N ALA A 329 -6.87 17.80 39.56
CA ALA A 329 -7.32 16.54 40.13
C ALA A 329 -7.23 15.38 39.16
N ASP A 330 -7.09 15.66 37.86
CA ASP A 330 -7.02 14.64 36.82
C ASP A 330 -5.61 14.13 36.56
N VAL A 331 -4.61 14.75 37.12
CA VAL A 331 -3.24 14.29 37.00
C VAL A 331 -2.87 13.60 38.31
N ALA A 332 -2.38 12.36 38.23
CA ALA A 332 -1.94 11.63 39.42
C ALA A 332 -0.44 11.66 39.63
N VAL A 333 0.33 12.04 38.62
CA VAL A 333 1.79 12.00 38.70
C VAL A 333 2.34 13.29 38.15
N VAL A 334 3.35 13.84 38.81
CA VAL A 334 4.05 15.00 38.31
C VAL A 334 5.52 14.65 38.20
N GLU A 335 6.06 14.84 37.00
CA GLU A 335 7.51 14.67 36.77
C GLU A 335 8.06 16.10 36.83
N ALA A 336 8.77 16.42 37.89
CA ALA A 336 9.19 17.82 38.11
C ALA A 336 10.55 18.15 37.49
N HIS A 337 10.92 19.42 37.52
CA HIS A 337 12.27 19.84 37.04
C HIS A 337 13.27 19.25 38.03
N GLY A 338 12.97 19.27 39.32
CA GLY A 338 13.80 18.65 40.37
C GLY A 338 15.28 18.62 40.07
N THR A 339 16.01 19.62 40.53
CA THR A 339 17.45 19.72 40.20
C THR A 339 18.28 19.36 41.44
N GLY A 340 17.70 19.46 42.62
CA GLY A 340 18.44 19.19 43.87
C GLY A 340 19.07 20.44 44.45
N THR A 341 18.57 21.61 44.08
CA THR A 341 19.09 22.90 44.60
C THR A 341 18.37 23.22 45.92
N ARG A 342 19.11 23.69 46.93
CA ARG A 342 18.45 23.88 48.22
C ARG A 342 17.30 24.87 48.12
N LEU A 343 17.48 25.94 47.35
CA LEU A 343 16.44 26.96 47.22
C LEU A 343 15.66 26.88 45.92
N GLY A 344 16.18 26.18 44.91
CA GLY A 344 15.38 25.91 43.73
C GLY A 344 14.19 25.01 44.00
N ASP A 345 14.40 23.91 44.73
CA ASP A 345 13.31 22.96 44.96
C ASP A 345 12.11 23.52 45.72
N PRO A 346 12.27 24.30 46.80
CA PRO A 346 11.07 24.83 47.47
C PRO A 346 10.24 25.71 46.58
N VAL A 347 10.85 26.42 45.63
CA VAL A 347 10.06 27.26 44.74
C VAL A 347 9.14 26.39 43.90
N GLU A 348 9.69 25.30 43.37
CA GLU A 348 8.91 24.38 42.55
C GLU A 348 7.85 23.66 43.39
N ALA A 349 8.19 23.27 44.62
CA ALA A 349 7.21 22.60 45.47
C ALA A 349 6.09 23.55 45.89
N SER A 350 6.43 24.80 46.20
CA SER A 350 5.41 25.81 46.45
C SER A 350 4.44 25.93 45.28
N ALA A 351 4.97 26.06 44.07
CA ALA A 351 4.11 26.23 42.90
C ALA A 351 3.27 24.99 42.63
N LEU A 352 3.78 23.81 42.96
CA LEU A 352 2.98 22.59 42.81
C LEU A 352 1.90 22.50 43.88
N LEU A 353 2.23 22.89 45.11
CA LEU A 353 1.27 22.86 46.19
C LEU A 353 0.08 23.78 45.92
N ALA A 354 0.35 24.93 45.30
CA ALA A 354 -0.71 25.88 45.03
C ALA A 354 -1.57 25.45 43.84
N THR A 355 -1.08 24.54 42.99
CA THR A 355 -1.83 24.07 41.83
C THR A 355 -2.36 22.66 42.05
N TYR A 356 -1.46 21.68 41.86
CA TYR A 356 -1.82 20.28 42.01
C TYR A 356 -2.24 19.92 43.45
N GLY A 357 -1.66 20.59 44.46
CA GLY A 357 -1.98 20.23 45.83
C GLY A 357 -3.32 20.69 46.35
N LYS A 358 -4.01 21.60 45.66
CA LYS A 358 -5.33 22.04 46.08
C LYS A 358 -6.39 21.41 45.19
N SER A 359 -7.60 21.30 45.73
CA SER A 359 -8.73 20.77 44.97
C SER A 359 -8.38 19.39 44.40
N ARG A 360 -7.62 18.64 45.19
CA ARG A 360 -7.36 17.24 44.88
C ARG A 360 -8.67 16.46 44.75
N GLY A 361 -9.67 16.80 45.56
CA GLY A 361 -11.01 16.23 45.39
C GLY A 361 -11.10 14.74 45.62
N SER A 362 -10.40 14.24 46.64
CA SER A 362 -10.35 12.80 46.94
C SER A 362 -9.96 11.99 45.69
N SER A 363 -8.92 12.45 44.99
CA SER A 363 -8.19 11.66 44.01
C SER A 363 -6.90 11.09 44.58
N GLY A 364 -6.67 11.25 45.87
CA GLY A 364 -5.45 10.82 46.47
C GLY A 364 -4.36 11.82 46.22
N PRO A 365 -3.30 11.78 47.03
CA PRO A 365 -2.22 12.76 46.84
C PRO A 365 -1.52 12.59 45.49
N VAL A 366 -1.15 13.71 44.88
CA VAL A 366 -0.35 13.68 43.66
C VAL A 366 1.04 13.15 44.00
N LEU A 367 1.58 12.28 43.14
CA LEU A 367 2.89 11.68 43.37
C LEU A 367 3.94 12.42 42.57
N LEU A 368 5.05 12.77 43.21
CA LEU A 368 6.03 13.71 42.68
C LEU A 368 7.37 13.04 42.53
N GLY A 369 8.07 13.36 41.44
CA GLY A 369 9.39 12.82 41.25
C GLY A 369 10.13 13.55 40.16
N SER A 370 11.33 13.07 39.89
CA SER A 370 12.23 13.74 38.98
C SER A 370 13.26 12.72 38.53
N VAL A 371 13.29 12.41 37.23
CA VAL A 371 14.26 11.46 36.72
C VAL A 371 15.69 11.88 37.03
N LYS A 372 15.89 13.16 37.38
CA LYS A 372 17.21 13.67 37.70
C LYS A 372 17.83 12.99 38.93
N SER A 373 17.03 12.39 39.81
CA SER A 373 17.61 11.65 40.92
C SER A 373 18.41 10.45 40.43
N ASN A 374 18.14 9.94 39.23
CA ASN A 374 18.78 8.74 38.74
C ASN A 374 19.80 8.98 37.63
N ILE A 375 19.68 10.04 36.84
CA ILE A 375 20.58 10.26 35.71
C ILE A 375 21.26 11.63 35.72
N GLY A 376 21.08 12.41 36.77
CA GLY A 376 21.54 13.79 36.75
C GLY A 376 20.72 14.70 35.86
N HIS A 377 21.22 15.93 35.72
CA HIS A 377 20.54 17.01 35.01
C HIS A 377 20.96 16.92 33.54
N ALA A 378 20.09 16.33 32.71
CA ALA A 378 20.51 16.16 31.32
C ALA A 378 20.50 17.47 30.50
N GLN A 379 20.37 18.65 31.10
CA GLN A 379 20.45 19.93 30.38
C GLN A 379 19.37 19.96 29.30
N ALA A 380 19.69 20.31 28.06
CA ALA A 380 18.67 20.46 27.03
C ALA A 380 17.85 19.18 26.81
N ALA A 381 18.31 18.03 27.29
CA ALA A 381 17.57 16.79 27.13
C ALA A 381 16.72 16.44 28.35
N ALA A 382 16.77 17.26 29.40
CA ALA A 382 16.08 16.92 30.65
C ALA A 382 14.59 16.67 30.41
N GLY A 383 13.94 17.54 29.63
CA GLY A 383 12.49 17.51 29.56
C GLY A 383 11.96 16.27 28.88
N VAL A 384 12.50 15.95 27.69
CA VAL A 384 11.96 14.79 27.01
C VAL A 384 12.41 13.50 27.69
N ALA A 385 13.54 13.53 28.40
CA ALA A 385 13.85 12.39 29.26
C ALA A 385 12.77 12.19 30.32
N GLY A 386 12.15 13.27 30.78
CA GLY A 386 11.04 13.14 31.71
C GLY A 386 9.79 12.60 31.06
N VAL A 387 9.46 13.10 29.86
CA VAL A 387 8.36 12.50 29.10
C VAL A 387 8.56 11.01 28.92
N ILE A 388 9.78 10.61 28.55
CA ILE A 388 10.04 9.21 28.25
C ILE A 388 9.78 8.35 29.47
N LYS A 389 10.23 8.85 30.64
CA LYS A 389 9.94 8.19 31.92
C LYS A 389 8.43 8.03 32.13
N VAL A 390 7.68 9.11 32.00
CA VAL A 390 6.24 9.10 32.18
C VAL A 390 5.57 8.10 31.23
N LEU A 391 6.00 8.07 29.97
CA LEU A 391 5.43 7.08 29.05
C LEU A 391 5.73 5.66 29.49
N LEU A 392 6.97 5.41 29.98
CA LEU A 392 7.29 4.10 30.51
C LEU A 392 6.29 3.67 31.57
N GLY A 393 6.02 4.57 32.53
CA GLY A 393 5.03 4.27 33.55
C GLY A 393 3.62 4.10 33.00
N LEU A 394 3.28 4.84 31.95
CA LEU A 394 1.92 4.73 31.41
C LEU A 394 1.70 3.39 30.73
N GLU A 395 2.73 2.86 30.06
CA GLU A 395 2.65 1.52 29.47
C GLU A 395 2.14 0.52 30.51
N ARG A 396 2.72 0.57 31.71
CA ARG A 396 2.55 -0.46 32.72
C ARG A 396 1.50 -0.15 33.77
N GLY A 397 0.93 1.06 33.78
CA GLY A 397 0.01 1.41 34.84
C GLY A 397 0.68 1.64 36.19
N VAL A 398 1.97 1.91 36.18
CA VAL A 398 2.79 1.96 37.38
C VAL A 398 3.41 3.34 37.46
N VAL A 399 3.29 3.97 38.63
CA VAL A 399 3.93 5.26 38.83
C VAL A 399 5.42 5.11 38.62
N PRO A 400 6.04 5.96 37.78
CA PRO A 400 7.47 5.93 37.57
C PRO A 400 8.22 6.30 38.85
N PRO A 401 9.04 5.38 39.40
CA PRO A 401 9.73 5.64 40.67
C PRO A 401 10.92 6.61 40.63
N MET A 402 11.21 7.23 41.78
CA MET A 402 12.38 8.14 41.91
C MET A 402 13.21 7.66 43.09
N LEU A 403 14.52 7.91 43.08
CA LEU A 403 15.43 7.42 44.15
C LEU A 403 14.94 7.88 45.52
N CYS A 404 14.77 9.18 45.72
CA CYS A 404 14.33 9.72 47.03
C CYS A 404 15.34 9.29 48.09
N ARG A 405 16.37 10.10 48.33
CA ARG A 405 17.41 9.77 49.32
C ARG A 405 17.25 10.63 50.57
N GLY A 406 17.15 10.00 51.73
CA GLY A 406 17.11 10.78 52.99
C GLY A 406 15.71 11.18 53.39
N GLU A 407 15.56 12.39 53.91
CA GLU A 407 14.25 12.84 54.39
C GLU A 407 13.71 13.94 53.50
N ARG A 408 12.40 14.20 53.56
CA ARG A 408 11.77 15.29 52.78
C ARG A 408 12.30 16.62 53.28
N SER A 409 12.56 17.55 52.37
CA SER A 409 13.12 18.87 52.70
C SER A 409 12.35 19.56 53.83
N GLY A 410 13.08 20.03 54.83
CA GLY A 410 12.43 20.82 55.87
C GLY A 410 11.89 22.15 55.38
N LEU A 411 12.30 22.59 54.19
CA LEU A 411 11.89 23.89 53.66
C LEU A 411 10.57 23.84 52.89
N ILE A 412 9.85 22.72 52.93
CA ILE A 412 8.65 22.52 52.13
C ILE A 412 7.52 22.03 53.04
N ASP A 413 6.30 22.48 52.76
CA ASP A 413 5.13 22.18 53.59
C ASP A 413 4.28 21.08 52.96
N TRP A 414 4.57 19.82 53.30
CA TRP A 414 3.67 18.73 52.94
C TRP A 414 2.58 18.48 53.96
N SER A 415 2.25 19.47 54.81
CA SER A 415 1.26 19.23 55.84
C SER A 415 -0.08 18.78 55.26
N SER A 416 -0.52 19.42 54.16
CA SER A 416 -1.80 19.08 53.53
C SER A 416 -1.92 17.59 53.26
N GLY A 417 -0.80 16.92 53.02
CA GLY A 417 -0.80 15.53 52.63
C GLY A 417 -1.14 15.27 51.18
N GLU A 418 -1.27 16.33 50.38
CA GLU A 418 -1.76 16.25 49.02
C GLU A 418 -0.66 16.07 47.99
N ILE A 419 0.61 16.23 48.39
CA ILE A 419 1.76 15.89 47.56
C ILE A 419 2.62 14.89 48.30
N GLU A 420 2.99 13.81 47.61
CA GLU A 420 3.83 12.74 48.14
C GLU A 420 4.90 12.36 47.12
N LEU A 421 6.13 12.13 47.57
CA LEU A 421 7.18 11.70 46.66
C LEU A 421 6.94 10.28 46.18
N ALA A 422 7.25 10.03 44.90
CA ALA A 422 7.00 8.73 44.28
C ALA A 422 8.11 7.78 44.73
N ASP A 423 7.94 7.29 45.96
CA ASP A 423 8.98 6.52 46.63
C ASP A 423 9.23 5.20 45.93
N GLY A 424 8.23 4.31 45.91
CA GLY A 424 8.49 2.98 45.38
C GLY A 424 7.50 2.45 44.36
N VAL A 425 7.06 1.22 44.57
CA VAL A 425 6.13 0.58 43.66
C VAL A 425 4.73 1.11 43.97
N ARG A 426 4.18 1.89 43.05
CA ARG A 426 2.86 2.48 43.22
C ARG A 426 2.03 2.18 41.99
N GLU A 427 0.76 1.85 42.19
CA GLU A 427 -0.16 1.74 41.06
C GLU A 427 -0.52 3.14 40.60
N TRP A 428 -0.32 3.40 39.30
CA TRP A 428 -0.74 4.66 38.68
C TRP A 428 -2.25 4.65 38.48
N SER A 429 -2.96 5.58 39.11
CA SER A 429 -4.40 5.39 39.07
C SER A 429 -5.06 6.48 38.25
N PRO A 430 -6.07 6.16 37.39
CA PRO A 430 -6.64 7.15 36.47
C PRO A 430 -7.49 8.24 37.15
N ALA A 431 -7.91 9.24 36.37
CA ALA A 431 -8.75 10.33 36.92
C ALA A 431 -10.23 9.99 36.74
N ALA A 432 -11.11 10.96 36.99
CA ALA A 432 -12.57 10.73 36.76
C ALA A 432 -12.78 10.34 35.29
N ASP A 433 -11.90 10.82 34.41
CA ASP A 433 -12.01 10.50 32.96
C ASP A 433 -11.52 9.07 32.71
N GLY A 434 -11.26 8.31 33.78
CA GLY A 434 -10.70 6.96 33.62
C GLY A 434 -9.38 7.02 32.87
N VAL A 435 -8.93 8.24 32.56
CA VAL A 435 -7.65 8.42 31.86
C VAL A 435 -6.53 8.66 32.86
N ARG A 436 -5.39 8.00 32.65
CA ARG A 436 -4.18 8.25 33.42
C ARG A 436 -3.39 9.41 32.81
N ARG A 437 -3.06 10.41 33.63
CA ARG A 437 -2.35 11.58 33.13
C ARG A 437 -1.17 11.91 34.03
N ALA A 438 -0.15 12.51 33.42
CA ALA A 438 0.98 13.08 34.14
C ALA A 438 1.23 14.49 33.63
N GLY A 439 1.80 15.33 34.51
CA GLY A 439 2.35 16.63 34.12
C GLY A 439 3.87 16.63 34.19
N VAL A 440 4.52 17.23 33.19
CA VAL A 440 5.97 17.27 33.07
C VAL A 440 6.44 18.73 33.00
N SER A 441 7.46 19.09 33.80
CA SER A 441 7.96 20.45 33.86
C SER A 441 9.41 20.54 33.39
N ALA A 442 9.78 21.73 32.89
CA ALA A 442 11.18 22.07 32.67
C ALA A 442 11.31 23.59 32.72
N PHE A 443 12.12 24.08 33.64
CA PHE A 443 12.31 25.51 33.85
C PHE A 443 13.76 25.85 33.51
N GLY A 444 13.95 26.90 32.69
CA GLY A 444 15.26 27.24 32.18
C GLY A 444 15.92 28.32 33.01
N VAL A 445 17.24 28.42 32.93
CA VAL A 445 17.90 29.48 33.69
C VAL A 445 17.65 30.84 33.05
N SER A 446 17.41 30.87 31.73
CA SER A 446 17.04 32.11 31.06
C SER A 446 15.65 32.60 31.47
N GLY A 447 14.83 31.74 32.10
CA GLY A 447 13.51 32.10 32.60
C GLY A 447 12.35 31.50 31.84
N THR A 448 12.59 30.86 30.69
CA THR A 448 11.52 30.29 29.86
C THR A 448 11.11 28.91 30.39
N ASN A 449 9.83 28.78 30.76
CA ASN A 449 9.28 27.63 31.45
C ASN A 449 8.33 26.83 30.55
N ALA A 450 8.17 25.55 30.88
CA ALA A 450 7.32 24.70 30.08
C ALA A 450 6.70 23.64 30.99
N HIS A 451 5.45 23.29 30.67
CA HIS A 451 4.73 22.22 31.32
C HIS A 451 3.88 21.53 30.26
N VAL A 452 3.91 20.20 30.26
CA VAL A 452 3.24 19.37 29.27
C VAL A 452 2.38 18.36 30.02
N ILE A 453 1.13 18.18 29.57
CA ILE A 453 0.25 17.13 30.09
C ILE A 453 0.34 15.95 29.14
N ILE A 454 0.80 14.81 29.65
CA ILE A 454 0.85 13.55 28.91
C ILE A 454 -0.28 12.68 29.41
N ALA A 455 -1.18 12.28 28.51
CA ALA A 455 -2.27 11.38 28.85
C ALA A 455 -2.04 9.99 28.24
N GLU A 456 -2.62 8.98 28.85
CA GLU A 456 -2.49 7.63 28.33
C GLU A 456 -3.24 7.53 27.00
N PRO A 457 -2.89 6.54 26.18
CA PRO A 457 -3.40 6.48 24.80
C PRO A 457 -4.85 6.04 24.78
N PRO A 458 -5.65 6.57 23.86
CA PRO A 458 -7.06 6.15 23.77
C PRO A 458 -7.15 4.70 23.30
N GLU A 459 -8.34 4.15 23.43
CA GLU A 459 -8.55 2.78 22.97
C GLU A 459 -8.35 2.73 21.45
N PRO A 460 -7.60 1.76 20.93
CA PRO A 460 -7.24 1.78 19.51
C PRO A 460 -8.20 1.07 18.55
N GLU A 461 -9.36 0.62 19.00
CA GLU A 461 -10.11 -0.48 18.37
C GLU A 461 -10.19 -0.35 16.84
N PRO A 462 -10.14 -1.48 16.09
CA PRO A 462 -10.17 -1.53 14.61
C PRO A 462 -11.59 -1.58 14.04
N ARG A 467 -6.86 -11.75 6.61
CA ARG A 467 -6.70 -12.11 5.20
C ARG A 467 -5.27 -12.60 4.93
N ARG A 468 -5.08 -13.91 4.80
CA ARG A 468 -3.73 -14.48 4.77
C ARG A 468 -3.67 -15.70 3.87
N MET A 469 -2.76 -15.61 2.90
CA MET A 469 -2.45 -16.81 2.11
C MET A 469 -1.59 -17.64 3.06
N LEU A 470 -1.31 -18.87 2.71
CA LEU A 470 -0.45 -19.73 3.50
C LEU A 470 -1.01 -19.72 4.92
N PRO A 471 -2.23 -20.10 5.09
CA PRO A 471 -2.94 -19.73 6.30
C PRO A 471 -2.36 -20.35 7.59
N ALA A 472 -2.85 -21.52 7.97
CA ALA A 472 -2.26 -22.27 9.06
C ALA A 472 -0.77 -22.46 8.82
N THR A 473 0.03 -22.21 9.84
CA THR A 473 1.49 -22.40 9.79
C THR A 473 2.00 -23.21 10.97
N GLY A 474 1.65 -22.82 12.19
CA GLY A 474 2.39 -23.31 13.35
C GLY A 474 3.69 -22.56 13.61
N VAL A 475 4.61 -22.53 12.62
CA VAL A 475 5.87 -21.79 12.70
C VAL A 475 5.72 -20.38 12.13
N VAL A 476 6.76 -19.57 12.24
CA VAL A 476 6.69 -18.11 12.07
C VAL A 476 8.05 -17.59 11.61
N PRO A 477 8.14 -16.78 10.56
CA PRO A 477 9.45 -16.27 10.12
C PRO A 477 9.85 -14.95 10.79
N VAL A 478 11.13 -14.87 11.18
CA VAL A 478 11.69 -13.63 11.71
C VAL A 478 12.85 -13.21 10.81
N VAL A 479 12.68 -12.08 10.11
CA VAL A 479 13.68 -11.59 9.16
C VAL A 479 14.52 -10.51 9.82
N LEU A 480 15.80 -10.48 9.45
CA LEU A 480 16.77 -9.58 10.02
C LEU A 480 17.55 -8.94 8.88
N SER A 481 18.13 -7.78 9.16
CA SER A 481 18.67 -6.93 8.12
C SER A 481 19.67 -5.94 8.73
N ALA A 482 20.77 -5.72 8.03
CA ALA A 482 21.77 -4.75 8.47
C ALA A 482 22.71 -4.44 7.31
N ARG A 483 23.48 -3.38 7.49
CA ARG A 483 24.31 -2.88 6.42
C ARG A 483 25.57 -3.72 6.21
N THR A 484 25.99 -4.49 7.22
CA THR A 484 27.17 -5.35 7.14
C THR A 484 26.90 -6.63 7.90
N GLY A 485 27.73 -7.65 7.62
CA GLY A 485 27.53 -8.95 8.23
C GLY A 485 27.63 -8.92 9.75
N ALA A 486 28.63 -8.21 10.27
CA ALA A 486 28.80 -8.10 11.72
C ALA A 486 27.64 -7.38 12.38
N ALA A 487 27.10 -6.34 11.73
CA ALA A 487 25.88 -5.69 12.22
C ALA A 487 24.69 -6.64 12.18
N LEU A 488 24.62 -7.49 11.15
CA LEU A 488 23.52 -8.45 11.06
C LEU A 488 23.54 -9.43 12.23
N ARG A 489 24.72 -9.99 12.56
CA ARG A 489 24.80 -10.93 13.68
C ARG A 489 24.52 -10.23 15.00
N ALA A 490 24.93 -8.97 15.13
CA ALA A 490 24.62 -8.21 16.35
C ALA A 490 23.11 -8.02 16.50
N GLN A 491 22.41 -7.71 15.40
CA GLN A 491 20.97 -7.60 15.49
C GLN A 491 20.35 -8.93 15.93
N ALA A 492 20.90 -10.05 15.46
CA ALA A 492 20.38 -11.35 15.87
C ALA A 492 20.60 -11.59 17.35
N GLY A 493 21.81 -11.30 17.84
CA GLY A 493 22.08 -11.48 19.26
C GLY A 493 21.21 -10.60 20.15
N ARG A 494 21.03 -9.32 19.77
CA ARG A 494 20.27 -8.41 20.62
C ARG A 494 18.80 -8.77 20.62
N LEU A 495 18.28 -9.26 19.49
CA LEU A 495 16.89 -9.70 19.47
C LEU A 495 16.75 -10.99 20.25
N ALA A 496 17.80 -11.82 20.27
CA ALA A 496 17.81 -13.01 21.11
C ALA A 496 17.73 -12.66 22.58
N ASP A 497 18.58 -11.72 23.02
CA ASP A 497 18.52 -11.27 24.42
C ASP A 497 17.16 -10.69 24.76
N HIS A 498 16.62 -9.85 23.88
CA HIS A 498 15.35 -9.23 24.18
C HIS A 498 14.24 -10.27 24.28
N LEU A 499 14.28 -11.29 23.44
CA LEU A 499 13.19 -12.25 23.53
C LEU A 499 13.37 -13.14 24.76
N ALA A 500 14.62 -13.49 25.09
CA ALA A 500 14.87 -14.26 26.30
C ALA A 500 14.44 -13.46 27.53
N ALA A 501 14.68 -12.15 27.50
CA ALA A 501 14.32 -11.29 28.62
C ALA A 501 12.81 -11.09 28.74
N HIS A 502 12.08 -11.17 27.63
CA HIS A 502 10.63 -10.90 27.63
C HIS A 502 9.87 -12.05 27.00
N PRO A 503 9.74 -13.17 27.69
CA PRO A 503 8.92 -14.27 27.16
C PRO A 503 7.44 -13.91 27.28
N GLY A 504 6.63 -14.54 26.42
CA GLY A 504 5.23 -14.22 26.37
C GLY A 504 4.87 -13.17 25.34
N ILE A 505 5.86 -12.49 24.78
CA ILE A 505 5.67 -11.61 23.63
C ILE A 505 5.27 -12.48 22.43
N ALA A 506 4.11 -12.18 21.85
CA ALA A 506 3.54 -13.03 20.81
C ALA A 506 4.50 -13.15 19.62
N PRO A 507 4.82 -14.38 19.17
CA PRO A 507 5.71 -14.50 18.00
C PRO A 507 5.17 -13.85 16.74
N ALA A 508 3.85 -13.84 16.54
CA ALA A 508 3.31 -13.14 15.38
C ALA A 508 3.65 -11.66 15.43
N ASP A 509 3.76 -11.09 16.64
CA ASP A 509 4.12 -9.68 16.78
C ASP A 509 5.60 -9.43 16.49
N VAL A 510 6.47 -10.34 16.92
CA VAL A 510 7.88 -10.19 16.58
C VAL A 510 8.05 -10.23 15.07
N SER A 511 7.42 -11.20 14.43
CA SER A 511 7.55 -11.39 12.99
C SER A 511 7.03 -10.18 12.21
N TRP A 512 5.81 -9.72 12.52
CA TRP A 512 5.25 -8.63 11.75
C TRP A 512 6.06 -7.36 11.92
N THR A 513 6.49 -7.09 13.15
CA THR A 513 7.37 -5.97 13.44
C THR A 513 8.65 -6.07 12.62
N MET A 514 9.33 -7.22 12.69
CA MET A 514 10.63 -7.34 12.05
C MET A 514 10.49 -7.26 10.54
N ALA A 515 9.32 -7.66 10.02
CA ALA A 515 9.07 -7.65 8.59
C ALA A 515 8.58 -6.30 8.10
N ARG A 516 7.65 -5.66 8.80
CA ARG A 516 6.96 -4.48 8.28
C ARG A 516 7.38 -3.18 8.96
N ALA A 517 7.67 -3.19 10.25
CA ALA A 517 8.06 -1.99 10.98
C ALA A 517 9.58 -1.80 11.03
N ARG A 518 10.32 -2.35 10.06
CA ARG A 518 11.75 -2.17 9.96
C ARG A 518 12.13 -1.99 8.51
N GLN A 519 13.21 -1.24 8.28
CA GLN A 519 13.80 -1.12 6.96
C GLN A 519 14.72 -2.31 6.70
N HIS A 520 14.80 -2.72 5.44
CA HIS A 520 15.56 -3.90 5.03
C HIS A 520 16.81 -3.48 4.28
N PHE A 521 17.97 -3.85 4.82
CA PHE A 521 19.27 -3.55 4.25
C PHE A 521 19.81 -4.74 3.45
N GLU A 522 21.06 -4.63 2.98
CA GLU A 522 21.61 -5.57 2.00
C GLU A 522 21.89 -6.94 2.60
N GLU A 523 22.47 -7.03 3.79
CA GLU A 523 22.77 -8.32 4.40
C GLU A 523 21.60 -8.81 5.23
N ARG A 524 21.10 -10.02 4.95
CA ARG A 524 19.85 -10.47 5.53
C ARG A 524 19.92 -11.88 6.09
N ALA A 525 18.98 -12.19 6.98
CA ALA A 525 18.81 -13.54 7.50
C ALA A 525 17.35 -13.70 7.91
N ALA A 526 16.99 -14.94 8.22
CA ALA A 526 15.63 -15.22 8.71
C ALA A 526 15.72 -16.50 9.53
N VAL A 527 14.99 -16.54 10.64
CA VAL A 527 14.92 -17.77 11.47
C VAL A 527 13.45 -18.18 11.44
N LEU A 528 13.19 -19.47 11.38
CA LEU A 528 11.78 -19.93 11.27
C LEU A 528 11.51 -20.78 12.51
N ALA A 529 10.59 -20.34 13.36
CA ALA A 529 10.41 -21.06 14.63
C ALA A 529 8.94 -21.14 15.04
N ALA A 530 8.65 -22.05 15.97
CA ALA A 530 7.27 -22.24 16.44
C ALA A 530 7.10 -21.54 17.80
N ASP A 531 8.15 -21.43 18.60
CA ASP A 531 7.95 -20.81 19.90
C ASP A 531 9.12 -19.89 20.21
N THR A 532 8.90 -18.99 21.18
CA THR A 532 9.93 -18.02 21.55
C THR A 532 11.25 -18.69 21.86
N ALA A 533 11.21 -19.89 22.45
CA ALA A 533 12.45 -20.58 22.81
C ALA A 533 13.22 -21.02 21.58
N GLU A 534 12.50 -21.50 20.56
CA GLU A 534 13.14 -21.87 19.30
C GLU A 534 13.66 -20.66 18.56
N ALA A 535 12.98 -19.51 18.69
CA ALA A 535 13.42 -18.30 18.00
C ALA A 535 14.70 -17.76 18.60
N VAL A 536 14.77 -17.74 19.93
CA VAL A 536 15.98 -17.33 20.63
C VAL A 536 17.14 -18.22 20.23
N HIS A 537 16.90 -19.54 20.20
CA HIS A 537 17.96 -20.50 19.92
C HIS A 537 18.51 -20.35 18.52
N ARG A 538 17.62 -20.09 17.55
CA ARG A 538 18.04 -19.94 16.16
C ARG A 538 18.57 -18.54 15.87
N LEU A 539 18.07 -17.52 16.58
CA LEU A 539 18.65 -16.18 16.47
C LEU A 539 20.09 -16.18 16.95
N ARG A 540 20.36 -16.93 18.03
CA ARG A 540 21.74 -17.02 18.48
C ARG A 540 22.58 -17.84 17.50
N ALA A 541 21.99 -18.77 16.76
CA ALA A 541 22.76 -19.41 15.70
C ALA A 541 23.16 -18.42 14.63
N VAL A 542 22.26 -17.48 14.28
CA VAL A 542 22.63 -16.41 13.34
C VAL A 542 23.69 -15.49 13.92
N ALA A 543 23.67 -15.25 15.25
CA ALA A 543 24.66 -14.37 15.87
C ALA A 543 26.07 -14.95 15.76
N ASP A 544 26.20 -16.27 15.92
CA ASP A 544 27.38 -16.98 15.47
C ASP A 544 27.28 -17.22 13.97
N GLY A 545 28.33 -17.71 13.34
CA GLY A 545 28.14 -17.94 11.91
C GLY A 545 27.43 -19.24 11.54
N ALA A 546 26.61 -19.76 12.44
CA ALA A 546 26.23 -21.16 12.40
C ALA A 546 25.24 -21.47 11.27
N VAL A 547 25.42 -22.63 10.68
CA VAL A 547 24.54 -23.15 9.65
C VAL A 547 23.71 -24.24 10.31
N VAL A 548 22.49 -23.92 10.72
CA VAL A 548 21.64 -24.86 11.44
C VAL A 548 20.31 -25.05 10.70
N PRO A 549 19.50 -26.08 11.02
CA PRO A 549 18.28 -26.35 10.22
C PRO A 549 17.38 -25.16 9.92
N GLY A 550 16.81 -24.46 10.89
CA GLY A 550 15.85 -23.43 10.47
C GLY A 550 16.40 -22.04 10.17
N VAL A 551 17.55 -21.93 9.54
CA VAL A 551 18.23 -20.66 9.40
C VAL A 551 18.66 -20.51 7.96
N VAL A 552 18.42 -19.33 7.38
CA VAL A 552 18.82 -18.98 6.02
C VAL A 552 19.47 -17.60 6.09
N THR A 553 20.43 -17.36 5.19
CA THR A 553 21.14 -16.08 5.11
C THR A 553 21.52 -15.79 3.66
N GLY A 554 21.65 -14.51 3.35
CA GLY A 554 22.02 -14.07 2.02
C GLY A 554 22.04 -12.57 1.93
N SER A 555 22.44 -12.09 0.78
CA SER A 555 22.43 -10.66 0.54
C SER A 555 21.48 -10.34 -0.60
N ALA A 556 20.89 -9.14 -0.53
CA ALA A 556 19.80 -8.76 -1.42
C ALA A 556 20.40 -8.09 -2.64
N SER A 557 20.24 -8.73 -3.79
CA SER A 557 20.58 -8.14 -5.08
C SER A 557 19.29 -7.83 -5.84
N ASP A 558 19.35 -6.75 -6.59
CA ASP A 558 18.33 -6.53 -7.61
C ASP A 558 18.86 -7.02 -8.96
N GLY A 559 17.95 -7.30 -9.87
CA GLY A 559 18.33 -7.95 -11.10
C GLY A 559 17.23 -8.86 -11.56
N GLY A 560 16.38 -9.25 -10.61
CA GLY A 560 15.16 -9.95 -10.94
C GLY A 560 15.29 -11.45 -10.76
N SER A 561 14.12 -12.10 -10.67
CA SER A 561 14.05 -13.52 -10.43
C SER A 561 13.73 -14.27 -11.72
N VAL A 562 14.37 -15.43 -11.87
CA VAL A 562 14.09 -16.36 -12.95
C VAL A 562 13.40 -17.54 -12.33
N PHE A 563 12.20 -17.86 -12.79
CA PHE A 563 11.53 -19.08 -12.36
C PHE A 563 11.98 -20.23 -13.25
N VAL A 564 12.43 -21.32 -12.63
CA VAL A 564 13.03 -22.46 -13.30
C VAL A 564 12.11 -23.64 -13.10
N PHE A 565 11.71 -24.26 -14.22
CA PHE A 565 10.80 -25.44 -14.18
C PHE A 565 11.57 -26.63 -14.74
N PRO A 566 12.11 -27.52 -13.87
CA PRO A 566 12.96 -28.63 -14.34
C PRO A 566 12.26 -29.70 -15.19
N GLY A 567 12.97 -30.80 -15.50
CA GLY A 567 12.40 -31.90 -16.31
C GLY A 567 11.91 -33.05 -15.46
N GLN A 568 12.50 -34.25 -15.63
CA GLN A 568 12.02 -35.45 -14.91
C GLN A 568 12.72 -35.57 -13.56
N GLY A 569 12.05 -36.10 -12.51
CA GLY A 569 12.85 -36.24 -11.28
C GLY A 569 12.23 -35.60 -10.06
N ALA A 570 11.23 -34.75 -10.22
CA ALA A 570 10.71 -33.99 -9.06
C ALA A 570 9.60 -34.71 -8.31
N GLN A 571 9.09 -35.81 -8.85
CA GLN A 571 7.91 -36.47 -8.23
C GLN A 571 8.22 -37.12 -6.88
N TRP A 572 7.23 -37.20 -6.00
CA TRP A 572 7.38 -37.95 -4.72
C TRP A 572 5.98 -38.30 -4.21
N GLU A 573 5.89 -39.06 -3.12
CA GLU A 573 4.57 -39.52 -2.59
C GLU A 573 3.68 -38.31 -2.29
N GLY A 574 2.51 -38.22 -2.96
CA GLY A 574 1.58 -37.12 -2.70
C GLY A 574 2.29 -35.79 -2.53
N MET A 575 3.30 -35.51 -3.38
CA MET A 575 3.98 -34.23 -3.32
C MET A 575 2.98 -33.10 -3.11
N ALA A 576 3.33 -32.18 -2.19
CA ALA A 576 2.53 -30.99 -1.92
C ALA A 576 1.11 -31.34 -1.51
N ARG A 577 0.89 -32.53 -0.93
CA ARG A 577 -0.42 -32.84 -0.35
C ARG A 577 -0.78 -31.85 0.74
N GLU A 578 0.21 -31.45 1.55
CA GLU A 578 -0.04 -30.49 2.61
C GLU A 578 -0.46 -29.12 2.06
N LEU A 579 -0.03 -28.75 0.86
CA LEU A 579 -0.41 -27.46 0.31
C LEU A 579 -1.84 -27.44 -0.24
N LEU A 580 -2.47 -28.59 -0.42
CA LEU A 580 -3.81 -28.58 -0.98
C LEU A 580 -4.79 -27.70 -0.21
N PRO A 581 -4.68 -27.52 1.11
CA PRO A 581 -5.56 -26.53 1.77
C PRO A 581 -5.45 -25.12 1.20
N VAL A 582 -4.23 -24.57 1.08
CA VAL A 582 -4.03 -23.14 0.82
C VAL A 582 -4.91 -22.70 -0.34
N PRO A 583 -5.87 -21.81 -0.10
CA PRO A 583 -6.91 -21.52 -1.10
C PRO A 583 -6.39 -21.14 -2.48
N VAL A 584 -5.33 -20.32 -2.56
CA VAL A 584 -4.81 -19.96 -3.87
C VAL A 584 -4.21 -21.19 -4.54
N PHE A 585 -3.69 -22.14 -3.75
CA PHE A 585 -3.13 -23.35 -4.32
C PHE A 585 -4.24 -24.28 -4.82
N ALA A 586 -5.21 -24.59 -3.94
CA ALA A 586 -6.31 -25.47 -4.33
C ALA A 586 -7.12 -24.89 -5.47
N GLU A 587 -7.19 -23.56 -5.56
CA GLU A 587 -7.88 -22.96 -6.69
C GLU A 587 -7.23 -23.41 -8.00
N SER A 588 -5.91 -23.25 -8.12
CA SER A 588 -5.22 -23.63 -9.36
C SER A 588 -5.36 -25.12 -9.64
N ILE A 589 -5.20 -25.96 -8.61
CA ILE A 589 -5.28 -27.40 -8.79
C ILE A 589 -6.66 -27.81 -9.31
N ALA A 590 -7.68 -27.00 -8.99
CA ALA A 590 -9.04 -27.27 -9.50
C ALA A 590 -9.11 -27.12 -11.02
N GLU A 591 -8.53 -26.04 -11.57
CA GLU A 591 -8.63 -25.84 -13.03
C GLU A 591 -7.91 -26.95 -13.78
N CYS A 592 -6.75 -27.38 -13.26
CA CYS A 592 -6.05 -28.53 -13.84
C CYS A 592 -6.92 -29.78 -13.77
N ASP A 593 -7.69 -29.93 -12.68
CA ASP A 593 -8.53 -31.11 -12.53
C ASP A 593 -9.59 -31.17 -13.62
N ALA A 594 -10.29 -30.06 -13.85
CA ALA A 594 -11.26 -30.02 -14.95
C ALA A 594 -10.60 -30.36 -16.28
N VAL A 595 -9.55 -29.61 -16.65
CA VAL A 595 -8.95 -29.79 -17.96
C VAL A 595 -8.38 -31.20 -18.12
N LEU A 596 -7.70 -31.71 -17.09
CA LEU A 596 -7.08 -33.02 -17.23
C LEU A 596 -8.10 -34.16 -17.24
N SER A 597 -9.29 -33.94 -16.66
CA SER A 597 -10.30 -35.00 -16.61
C SER A 597 -10.96 -35.22 -17.95
N GLU A 598 -11.16 -34.13 -18.71
CA GLU A 598 -11.70 -34.27 -20.04
C GLU A 598 -10.68 -34.89 -20.99
N VAL A 599 -9.42 -34.46 -20.90
CA VAL A 599 -8.42 -34.85 -21.88
C VAL A 599 -7.86 -36.24 -21.58
N ALA A 600 -7.64 -36.58 -20.31
CA ALA A 600 -7.25 -37.92 -19.91
C ALA A 600 -8.35 -38.49 -19.02
N GLY A 601 -8.21 -39.77 -18.67
CA GLY A 601 -9.29 -40.35 -17.88
C GLY A 601 -9.37 -39.97 -16.41
N PHE A 602 -8.48 -39.11 -15.91
CA PHE A 602 -8.25 -38.98 -14.48
C PHE A 602 -8.04 -37.50 -14.12
N SER A 603 -7.63 -37.26 -12.89
CA SER A 603 -7.45 -35.89 -12.41
C SER A 603 -6.20 -35.80 -11.54
N VAL A 604 -5.81 -34.57 -11.20
CA VAL A 604 -4.61 -34.38 -10.41
C VAL A 604 -4.86 -34.75 -8.95
N SER A 605 -6.01 -34.36 -8.41
CA SER A 605 -6.31 -34.57 -7.00
C SER A 605 -6.29 -36.04 -6.63
N GLU A 606 -6.91 -36.88 -7.46
CA GLU A 606 -6.87 -38.32 -7.25
C GLU A 606 -5.44 -38.81 -7.05
N VAL A 607 -4.48 -38.23 -7.77
CA VAL A 607 -3.13 -38.77 -7.72
C VAL A 607 -2.36 -38.22 -6.53
N LEU A 608 -2.67 -36.98 -6.15
CA LEU A 608 -1.86 -36.36 -5.07
C LEU A 608 -2.52 -36.67 -3.73
N GLU A 609 -3.81 -36.36 -3.61
CA GLU A 609 -4.54 -36.70 -2.38
C GLU A 609 -4.60 -38.23 -2.31
N PRO A 610 -5.07 -38.83 -1.19
CA PRO A 610 -5.09 -40.27 -1.10
C PRO A 610 -5.54 -40.81 -2.46
N ARG A 611 -4.94 -41.91 -2.88
CA ARG A 611 -5.26 -42.44 -4.23
C ARG A 611 -6.19 -43.65 -4.09
N PRO A 612 -7.52 -43.49 -4.17
CA PRO A 612 -8.45 -44.62 -4.15
C PRO A 612 -8.62 -45.14 -5.58
N ASP A 613 -7.89 -46.21 -5.93
CA ASP A 613 -7.96 -46.76 -7.31
C ASP A 613 -7.69 -45.62 -8.30
N ALA A 614 -6.59 -44.91 -8.10
CA ALA A 614 -6.26 -43.77 -8.99
C ALA A 614 -5.03 -44.12 -9.81
N PRO A 615 -4.82 -43.49 -10.98
CA PRO A 615 -3.69 -43.82 -11.84
C PRO A 615 -2.36 -43.85 -11.06
N SER A 616 -1.43 -44.70 -11.49
CA SER A 616 -0.14 -44.84 -10.77
C SER A 616 0.84 -43.73 -11.15
N LEU A 617 1.45 -43.11 -10.14
CA LEU A 617 2.46 -42.08 -10.37
C LEU A 617 3.65 -42.56 -11.20
N GLU A 618 3.79 -43.87 -11.43
CA GLU A 618 4.89 -44.40 -12.23
C GLU A 618 4.65 -44.24 -13.73
N ARG A 619 3.41 -44.00 -14.15
CA ARG A 619 3.06 -43.88 -15.55
C ARG A 619 3.49 -42.51 -16.09
N VAL A 620 4.23 -42.50 -17.20
CA VAL A 620 4.72 -41.22 -17.74
C VAL A 620 3.57 -40.30 -18.14
N ASP A 621 2.43 -40.87 -18.55
CA ASP A 621 1.33 -40.02 -18.95
C ASP A 621 0.50 -39.51 -17.77
N VAL A 622 0.84 -39.86 -16.53
CA VAL A 622 0.24 -39.23 -15.36
C VAL A 622 1.24 -38.32 -14.63
N VAL A 623 2.51 -38.73 -14.53
CA VAL A 623 3.45 -37.94 -13.75
C VAL A 623 3.70 -36.59 -14.40
N GLN A 624 3.80 -36.55 -15.73
CA GLN A 624 4.09 -35.28 -16.39
C GLN A 624 2.94 -34.29 -16.29
N PRO A 625 1.68 -34.68 -16.53
CA PRO A 625 0.58 -33.73 -16.30
C PRO A 625 0.40 -33.37 -14.84
N VAL A 626 0.67 -34.29 -13.91
CA VAL A 626 0.53 -33.97 -12.49
C VAL A 626 1.65 -33.03 -12.05
N LEU A 627 2.88 -33.29 -12.47
CA LEU A 627 3.97 -32.35 -12.21
C LEU A 627 3.66 -30.98 -12.79
N PHE A 628 3.21 -30.95 -14.05
CA PHE A 628 2.79 -29.68 -14.64
C PHE A 628 1.83 -28.93 -13.70
N ALA A 629 0.83 -29.64 -13.19
CA ALA A 629 -0.15 -29.00 -12.29
C ALA A 629 0.51 -28.44 -11.04
N VAL A 630 1.38 -29.21 -10.40
CA VAL A 630 2.02 -28.77 -9.16
C VAL A 630 2.95 -27.58 -9.42
N MET A 631 3.63 -27.54 -10.58
CA MET A 631 4.55 -26.43 -10.80
C MET A 631 3.79 -25.14 -11.11
N VAL A 632 2.73 -25.22 -11.94
CA VAL A 632 1.93 -24.03 -12.22
C VAL A 632 1.27 -23.52 -10.95
N SER A 633 0.79 -24.45 -10.10
CA SER A 633 0.13 -24.04 -8.87
C SER A 633 1.13 -23.44 -7.88
N LEU A 634 2.31 -24.05 -7.75
CA LEU A 634 3.36 -23.44 -6.94
C LEU A 634 3.72 -22.05 -7.46
N ALA A 635 3.91 -21.92 -8.77
CA ALA A 635 4.28 -20.60 -9.30
C ALA A 635 3.22 -19.56 -8.99
N ARG A 636 1.95 -19.96 -8.94
CA ARG A 636 0.89 -19.02 -8.60
C ARG A 636 0.93 -18.66 -7.12
N LEU A 637 1.17 -19.64 -6.25
CA LEU A 637 1.39 -19.35 -4.83
C LEU A 637 2.51 -18.33 -4.66
N TRP A 638 3.67 -18.60 -5.26
CA TRP A 638 4.80 -17.69 -5.25
C TRP A 638 4.38 -16.27 -5.62
N ARG A 639 3.62 -16.14 -6.72
CA ARG A 639 3.26 -14.81 -7.20
C ARG A 639 2.26 -14.15 -6.28
N ALA A 640 1.24 -14.91 -5.83
CA ALA A 640 0.33 -14.42 -4.82
C ALA A 640 1.05 -13.91 -3.58
N CYS A 641 2.28 -14.39 -3.33
CA CYS A 641 3.02 -13.98 -2.15
C CYS A 641 3.97 -12.83 -2.42
N GLY A 642 3.97 -12.29 -3.64
CA GLY A 642 4.75 -11.11 -3.96
C GLY A 642 5.94 -11.36 -4.87
N ALA A 643 6.33 -12.61 -5.08
CA ALA A 643 7.47 -12.93 -5.92
C ALA A 643 7.08 -12.81 -7.38
N VAL A 644 7.76 -11.94 -8.12
CA VAL A 644 7.46 -11.72 -9.53
C VAL A 644 8.59 -12.29 -10.35
N PRO A 645 8.31 -13.20 -11.28
CA PRO A 645 9.36 -13.67 -12.17
C PRO A 645 9.70 -12.58 -13.18
N SER A 646 10.99 -12.43 -13.45
CA SER A 646 11.48 -11.55 -14.50
C SER A 646 11.72 -12.29 -15.80
N ALA A 647 11.58 -13.61 -15.78
CA ALA A 647 11.82 -14.53 -16.88
C ALA A 647 11.45 -15.91 -16.36
N VAL A 648 11.22 -16.82 -17.31
CA VAL A 648 10.98 -18.21 -16.98
C VAL A 648 11.90 -19.06 -17.85
N ILE A 649 12.11 -20.29 -17.41
CA ILE A 649 12.98 -21.20 -18.13
C ILE A 649 12.56 -22.61 -17.73
N GLY A 650 12.41 -23.49 -18.72
CA GLY A 650 11.93 -24.85 -18.50
C GLY A 650 12.93 -25.85 -19.04
N HIS A 651 12.62 -27.12 -18.83
CA HIS A 651 13.49 -28.23 -19.28
C HIS A 651 12.56 -29.34 -19.77
N SER A 652 12.54 -29.60 -21.08
CA SER A 652 11.57 -30.59 -21.62
C SER A 652 10.19 -30.24 -21.07
N GLN A 653 9.37 -31.23 -20.76
CA GLN A 653 8.10 -30.90 -20.07
C GLN A 653 8.56 -30.03 -18.91
N GLY A 654 8.06 -28.82 -18.80
CA GLY A 654 8.60 -27.87 -17.79
C GLY A 654 8.60 -26.56 -18.52
N GLU A 655 8.94 -26.63 -19.79
CA GLU A 655 8.79 -25.42 -20.64
C GLU A 655 7.28 -25.30 -20.85
N ILE A 656 6.55 -26.42 -20.78
CA ILE A 656 5.10 -26.26 -20.90
C ILE A 656 4.57 -25.49 -19.69
N ALA A 657 5.03 -25.87 -18.49
CA ALA A 657 4.66 -25.13 -17.28
C ALA A 657 5.09 -23.67 -17.36
N ALA A 658 6.34 -23.43 -17.78
CA ALA A 658 6.82 -22.06 -17.92
C ALA A 658 5.97 -21.28 -18.91
N ALA A 659 5.58 -21.91 -20.01
CA ALA A 659 4.79 -21.20 -21.00
C ALA A 659 3.46 -20.71 -20.44
N VAL A 660 2.90 -21.41 -19.45
CA VAL A 660 1.63 -20.99 -18.88
C VAL A 660 1.85 -19.91 -17.83
N VAL A 661 2.83 -20.13 -16.95
CA VAL A 661 3.20 -19.12 -15.97
C VAL A 661 3.51 -17.79 -16.65
N ALA A 662 4.19 -17.85 -17.80
CA ALA A 662 4.56 -16.66 -18.52
C ALA A 662 3.45 -16.16 -19.42
N GLY A 663 2.29 -16.83 -19.43
CA GLY A 663 1.14 -16.37 -20.16
C GLY A 663 1.19 -16.58 -21.66
N ALA A 664 2.18 -17.30 -22.16
CA ALA A 664 2.22 -17.62 -23.57
C ALA A 664 1.14 -18.62 -23.97
N LEU A 665 0.47 -19.22 -23.00
CA LEU A 665 -0.39 -20.37 -23.24
C LEU A 665 -1.35 -20.49 -22.05
N SER A 666 -2.64 -20.62 -22.32
CA SER A 666 -3.60 -20.73 -21.23
C SER A 666 -3.34 -22.00 -20.42
N LEU A 667 -3.98 -22.09 -19.25
CA LEU A 667 -3.81 -23.31 -18.47
C LEU A 667 -4.46 -24.49 -19.17
N GLU A 668 -5.65 -24.27 -19.74
CA GLU A 668 -6.32 -25.30 -20.52
C GLU A 668 -5.39 -25.82 -21.61
N ASP A 669 -4.80 -24.93 -22.40
CA ASP A 669 -3.95 -25.34 -23.52
C ASP A 669 -2.69 -26.06 -23.05
N GLY A 670 -2.05 -25.55 -22.00
CA GLY A 670 -0.86 -26.21 -21.51
C GLY A 670 -1.14 -27.59 -20.95
N MET A 671 -2.25 -27.73 -20.22
CA MET A 671 -2.63 -29.04 -19.70
C MET A 671 -2.98 -29.98 -20.84
N ARG A 672 -3.43 -29.43 -21.97
CA ARG A 672 -3.61 -30.25 -23.17
C ARG A 672 -2.27 -30.68 -23.79
N VAL A 673 -1.29 -29.76 -23.87
CA VAL A 673 0.00 -30.13 -24.45
C VAL A 673 0.68 -31.22 -23.64
N VAL A 674 0.71 -31.05 -22.30
CA VAL A 674 1.42 -32.01 -21.46
C VAL A 674 0.67 -33.35 -21.41
N ALA A 675 -0.66 -33.31 -21.38
CA ALA A 675 -1.44 -34.55 -21.45
C ALA A 675 -1.12 -35.32 -22.72
N ARG A 676 -1.30 -34.68 -23.88
CA ARG A 676 -1.15 -35.42 -25.12
C ARG A 676 0.30 -35.76 -25.43
N ARG A 677 1.25 -34.93 -24.98
CA ARG A 677 2.65 -35.21 -25.28
C ARG A 677 3.18 -36.38 -24.48
N SER A 678 2.73 -36.52 -23.22
CA SER A 678 3.17 -37.63 -22.39
C SER A 678 2.47 -38.92 -22.77
N ARG A 679 1.24 -38.84 -23.28
CA ARG A 679 0.58 -40.01 -23.83
C ARG A 679 1.28 -40.48 -25.11
N ALA A 680 1.70 -39.53 -25.96
CA ALA A 680 2.56 -39.89 -27.08
C ALA A 680 3.85 -40.56 -26.61
N VAL A 681 4.48 -40.02 -25.56
CA VAL A 681 5.71 -40.62 -25.04
C VAL A 681 5.44 -42.04 -24.56
N ARG A 682 4.32 -42.24 -23.88
CA ARG A 682 3.98 -43.58 -23.39
C ARG A 682 3.87 -44.57 -24.55
N ALA A 683 3.28 -44.13 -25.66
CA ALA A 683 3.08 -44.99 -26.82
C ALA A 683 4.38 -45.54 -27.40
N VAL A 684 5.51 -44.92 -27.08
CA VAL A 684 6.80 -45.32 -27.71
C VAL A 684 7.75 -45.86 -26.65
N ALA A 685 7.25 -46.02 -25.43
CA ALA A 685 8.10 -46.51 -24.33
C ALA A 685 8.50 -47.95 -24.60
N GLY A 686 9.35 -48.52 -23.75
CA GLY A 686 9.88 -49.88 -24.03
C GLY A 686 10.98 -49.77 -25.07
N ARG A 687 12.10 -50.45 -24.85
CA ARG A 687 13.25 -50.41 -25.80
C ARG A 687 14.07 -49.13 -25.60
N GLY A 688 13.56 -48.21 -24.78
CA GLY A 688 14.28 -46.96 -24.52
C GLY A 688 14.96 -46.92 -23.17
N SER A 689 15.94 -46.05 -23.01
CA SER A 689 16.62 -45.90 -21.70
C SER A 689 17.27 -44.51 -21.61
N MET A 690 17.40 -44.00 -20.40
CA MET A 690 18.04 -42.70 -20.20
C MET A 690 18.92 -42.78 -18.97
N LEU A 691 20.15 -42.29 -19.12
CA LEU A 691 21.13 -42.38 -18.01
C LEU A 691 21.76 -41.02 -17.77
N SER A 692 22.10 -40.74 -16.51
CA SER A 692 22.77 -39.46 -16.16
C SER A 692 24.26 -39.71 -16.03
N VAL A 693 25.08 -38.91 -16.72
CA VAL A 693 26.55 -39.09 -16.70
C VAL A 693 27.19 -37.88 -16.02
N ARG A 694 27.84 -38.10 -14.87
CA ARG A 694 28.56 -37.01 -14.18
C ARG A 694 29.81 -36.70 -14.99
N GLY A 695 29.65 -35.97 -16.08
CA GLY A 695 30.79 -35.63 -16.95
C GLY A 695 30.46 -34.38 -17.75
N GLY A 696 31.45 -33.85 -18.46
CA GLY A 696 31.26 -32.61 -19.23
C GLY A 696 30.42 -32.86 -20.46
N ARG A 697 30.85 -32.41 -21.63
CA ARG A 697 29.98 -32.57 -22.83
C ARG A 697 30.77 -33.16 -23.98
N SER A 698 31.50 -32.33 -24.72
CA SER A 698 32.33 -32.88 -25.81
C SER A 698 32.95 -34.19 -25.33
N ASP A 699 33.43 -34.20 -24.09
CA ASP A 699 33.98 -35.45 -23.54
C ASP A 699 33.01 -36.60 -23.79
N VAL A 700 31.83 -36.56 -23.19
CA VAL A 700 30.90 -37.71 -23.31
C VAL A 700 30.57 -37.87 -24.79
N GLU A 701 30.46 -36.75 -25.50
CA GLU A 701 30.12 -36.79 -26.94
C GLU A 701 31.21 -37.58 -27.66
N LYS A 702 32.47 -37.24 -27.38
CA LYS A 702 33.59 -38.00 -27.98
C LYS A 702 33.40 -39.47 -27.64
N LEU A 703 33.33 -39.80 -26.35
CA LEU A 703 33.15 -41.20 -25.93
C LEU A 703 31.93 -41.79 -26.63
N LEU A 704 30.95 -40.95 -26.98
CA LEU A 704 29.71 -41.52 -27.57
C LEU A 704 30.03 -42.06 -28.96
N ALA A 705 31.09 -41.54 -29.59
CA ALA A 705 31.51 -42.03 -30.93
C ALA A 705 31.53 -43.57 -30.89
N ASP A 706 31.02 -44.21 -31.94
CA ASP A 706 30.96 -45.70 -31.99
C ASP A 706 30.20 -46.20 -30.77
N ASP A 707 30.69 -47.28 -30.13
CA ASP A 707 30.03 -47.87 -28.95
C ASP A 707 28.51 -47.57 -29.01
N LEU A 713 23.45 -43.71 -27.19
CA LEU A 713 23.85 -43.23 -28.51
C LEU A 713 23.98 -41.69 -28.59
N GLU A 714 23.07 -40.92 -28.00
CA GLU A 714 23.25 -39.44 -28.15
C GLU A 714 23.08 -38.68 -26.83
N VAL A 715 23.61 -37.46 -26.79
CA VAL A 715 23.42 -36.59 -25.60
C VAL A 715 22.07 -35.89 -25.77
N ALA A 716 21.13 -36.14 -24.86
CA ALA A 716 19.77 -35.58 -25.00
C ALA A 716 19.64 -34.35 -24.11
N ALA A 717 20.61 -34.14 -23.23
CA ALA A 717 20.49 -33.04 -22.28
C ALA A 717 21.85 -32.67 -21.74
N VAL A 718 22.13 -31.37 -21.71
CA VAL A 718 23.26 -30.79 -20.99
C VAL A 718 22.69 -29.80 -19.99
N ASN A 719 22.73 -30.15 -18.72
CA ASN A 719 22.24 -29.26 -17.68
C ASN A 719 23.34 -29.14 -16.64
N GLY A 720 24.24 -28.16 -16.80
CA GLY A 720 25.39 -28.06 -15.94
C GLY A 720 26.64 -28.53 -16.64
N PRO A 721 27.80 -27.97 -16.26
CA PRO A 721 29.05 -28.30 -16.94
C PRO A 721 29.64 -29.62 -16.49
N ASP A 722 29.00 -30.31 -15.58
CA ASP A 722 29.44 -31.63 -15.12
C ASP A 722 28.25 -32.56 -15.02
N ALA A 723 27.25 -32.36 -15.88
CA ALA A 723 26.03 -33.14 -15.78
C ALA A 723 25.41 -33.19 -17.17
N VAL A 724 25.51 -34.35 -17.79
CA VAL A 724 24.88 -34.62 -19.07
C VAL A 724 23.94 -35.80 -18.87
N VAL A 725 22.84 -35.79 -19.62
CA VAL A 725 21.90 -36.94 -19.60
C VAL A 725 22.04 -37.63 -20.96
N VAL A 726 22.47 -38.89 -20.94
CA VAL A 726 22.73 -39.61 -22.23
C VAL A 726 21.54 -40.53 -22.50
N ALA A 727 20.95 -40.47 -23.68
CA ALA A 727 19.73 -41.26 -23.93
C ALA A 727 19.99 -42.35 -24.96
N GLY A 728 19.81 -42.07 -26.25
CA GLY A 728 20.09 -43.04 -27.31
C GLY A 728 19.31 -44.35 -27.16
N ASP A 729 18.62 -44.54 -26.05
CA ASP A 729 17.90 -45.82 -25.78
C ASP A 729 18.70 -47.03 -26.23
N ALA A 730 18.11 -47.89 -27.07
CA ALA A 730 18.83 -49.12 -27.35
C ALA A 730 19.34 -49.55 -25.98
N GLN A 731 18.44 -49.63 -25.00
CA GLN A 731 18.85 -49.94 -23.60
C GLN A 731 20.12 -50.79 -23.59
N ALA A 732 20.18 -51.83 -24.42
CA ALA A 732 21.44 -52.61 -24.50
C ALA A 732 22.62 -51.64 -24.51
N ALA A 733 22.63 -50.69 -25.44
CA ALA A 733 23.71 -49.68 -25.47
C ALA A 733 23.90 -49.08 -24.08
N ARG A 734 22.86 -48.44 -23.56
CA ARG A 734 22.92 -47.86 -22.20
C ARG A 734 23.57 -48.87 -21.26
N GLU A 735 23.00 -50.07 -21.20
CA GLU A 735 23.53 -51.12 -20.30
C GLU A 735 25.04 -51.23 -20.47
N PHE A 736 25.54 -51.00 -21.68
CA PHE A 736 26.98 -51.11 -21.95
C PHE A 736 27.69 -49.87 -21.41
N LEU A 737 27.21 -48.70 -21.79
CA LEU A 737 27.93 -47.46 -21.37
C LEU A 737 28.05 -47.47 -19.85
N GLU A 738 26.95 -47.75 -19.15
CA GLU A 738 27.02 -47.83 -17.68
C GLU A 738 28.23 -48.68 -17.31
N TYR A 739 28.27 -49.92 -17.80
CA TYR A 739 29.44 -50.79 -17.56
C TYR A 739 30.71 -49.98 -17.77
N CYS A 740 30.94 -49.53 -19.00
CA CYS A 740 32.17 -48.77 -19.29
C CYS A 740 32.37 -47.73 -18.21
N GLU A 741 31.37 -46.85 -18.03
CA GLU A 741 31.47 -45.75 -17.04
C GLU A 741 32.06 -46.30 -15.74
N GLY A 742 31.71 -47.54 -15.38
CA GLY A 742 32.27 -48.16 -14.16
C GLY A 742 33.74 -47.85 -14.00
N VAL A 743 34.50 -47.85 -15.11
CA VAL A 743 35.97 -47.61 -15.05
C VAL A 743 36.24 -46.37 -14.19
N GLY A 744 35.47 -45.30 -14.35
CA GLY A 744 35.75 -44.06 -13.60
C GLY A 744 34.64 -43.03 -13.70
N ILE A 745 33.72 -43.20 -14.66
CA ILE A 745 32.67 -42.16 -14.88
C ILE A 745 31.45 -42.49 -14.01
N ARG A 746 31.01 -41.52 -13.20
CA ARG A 746 29.80 -41.74 -12.38
C ARG A 746 28.58 -41.64 -13.28
N ALA A 747 27.95 -42.77 -13.56
CA ALA A 747 26.74 -42.78 -14.40
C ALA A 747 25.65 -43.50 -13.63
N ARG A 748 24.42 -43.01 -13.75
CA ARG A 748 23.28 -43.66 -13.08
C ARG A 748 22.12 -43.71 -14.06
N ALA A 749 21.33 -44.77 -13.95
CA ALA A 749 20.19 -44.93 -14.87
C ALA A 749 18.99 -44.15 -14.34
N ILE A 750 18.24 -43.53 -15.25
CA ILE A 750 17.02 -42.82 -14.89
C ILE A 750 15.85 -43.80 -14.92
N PRO A 751 15.00 -43.86 -13.86
CA PRO A 751 14.02 -44.95 -13.74
C PRO A 751 12.91 -44.89 -14.78
N VAL A 752 13.27 -45.05 -16.04
CA VAL A 752 12.38 -44.67 -17.14
C VAL A 752 12.79 -45.49 -18.36
N ASP A 753 11.78 -45.99 -19.10
CA ASP A 753 12.01 -46.98 -20.14
C ASP A 753 11.71 -46.45 -21.56
N TYR A 754 11.82 -45.13 -21.74
CA TYR A 754 11.78 -44.49 -23.05
C TYR A 754 13.05 -43.68 -23.23
N ALA A 755 13.30 -43.26 -24.48
CA ALA A 755 14.46 -42.43 -24.81
C ALA A 755 13.99 -41.18 -25.56
N SER A 756 13.74 -40.10 -24.82
CA SER A 756 13.29 -38.86 -25.45
C SER A 756 14.50 -38.02 -25.85
N HIS A 757 14.24 -37.03 -26.69
CA HIS A 757 15.29 -36.22 -27.32
C HIS A 757 16.21 -37.11 -28.16
N THR A 758 15.64 -38.15 -28.77
CA THR A 758 16.31 -38.99 -29.75
C THR A 758 15.33 -39.27 -30.87
N ALA A 759 15.80 -39.94 -31.92
CA ALA A 759 14.89 -40.31 -33.00
C ALA A 759 13.77 -41.24 -32.54
N HIS A 760 13.96 -41.91 -31.39
CA HIS A 760 12.95 -42.79 -30.80
C HIS A 760 11.55 -42.18 -30.72
N VAL A 761 11.45 -40.85 -30.74
CA VAL A 761 10.15 -40.18 -30.66
C VAL A 761 9.60 -39.76 -32.00
N GLU A 762 10.34 -39.95 -33.10
CA GLU A 762 9.87 -39.52 -34.42
C GLU A 762 8.53 -40.15 -34.85
N PRO A 763 8.18 -41.40 -34.51
CA PRO A 763 6.85 -41.91 -34.91
C PRO A 763 5.65 -41.12 -34.41
N VAL A 764 5.76 -40.44 -33.26
CA VAL A 764 4.64 -39.64 -32.75
C VAL A 764 4.54 -38.28 -33.40
N ARG A 765 5.46 -37.92 -34.30
CA ARG A 765 5.50 -36.55 -34.79
C ARG A 765 4.17 -36.15 -35.40
N ASP A 766 3.70 -36.88 -36.41
CA ASP A 766 2.50 -36.44 -37.13
C ASP A 766 1.25 -36.48 -36.25
N GLU A 767 1.10 -37.53 -35.42
CA GLU A 767 -0.13 -37.65 -34.63
C GLU A 767 -0.21 -36.57 -33.56
N LEU A 768 0.92 -36.18 -32.98
CA LEU A 768 0.92 -35.19 -31.91
C LEU A 768 0.71 -33.78 -32.48
N VAL A 769 1.25 -33.47 -33.66
CA VAL A 769 1.11 -32.11 -34.20
C VAL A 769 -0.32 -31.83 -34.70
N GLN A 770 -1.06 -32.87 -35.13
CA GLN A 770 -2.48 -32.63 -35.42
C GLN A 770 -3.34 -32.67 -34.16
N ALA A 771 -2.96 -33.49 -33.17
CA ALA A 771 -3.71 -33.49 -31.92
C ALA A 771 -3.65 -32.14 -31.20
N LEU A 772 -2.53 -31.41 -31.36
CA LEU A 772 -2.37 -30.12 -30.72
C LEU A 772 -2.55 -28.96 -31.69
N ALA A 773 -3.30 -29.19 -32.78
CA ALA A 773 -3.44 -28.16 -33.79
C ALA A 773 -4.30 -27.00 -33.30
N GLY A 774 -5.10 -27.19 -32.25
CA GLY A 774 -5.99 -26.18 -31.70
C GLY A 774 -5.45 -25.36 -30.54
N ILE A 775 -4.21 -25.63 -30.13
CA ILE A 775 -3.55 -24.76 -29.16
C ILE A 775 -3.40 -23.33 -29.73
N THR A 776 -3.47 -22.34 -28.83
CA THR A 776 -3.39 -20.92 -29.20
C THR A 776 -2.27 -20.20 -28.46
N PRO A 777 -1.05 -20.19 -28.97
CA PRO A 777 0.03 -19.47 -28.29
C PRO A 777 -0.13 -17.96 -28.41
N ARG A 778 0.23 -17.26 -27.34
CA ARG A 778 0.07 -15.82 -27.21
C ARG A 778 1.39 -15.20 -26.78
N ARG A 779 1.48 -13.88 -26.95
CA ARG A 779 2.67 -13.16 -26.50
C ARG A 779 2.81 -13.31 -24.99
N ALA A 780 4.00 -13.70 -24.55
CA ALA A 780 4.23 -13.91 -23.13
C ALA A 780 4.19 -12.58 -22.38
N GLU A 781 3.56 -12.59 -21.20
CA GLU A 781 3.56 -11.43 -20.32
C GLU A 781 4.85 -11.34 -19.52
N VAL A 782 5.36 -12.48 -19.08
CA VAL A 782 6.69 -12.61 -18.49
C VAL A 782 7.63 -13.11 -19.58
N PRO A 783 8.84 -12.55 -19.71
CA PRO A 783 9.78 -13.05 -20.72
C PRO A 783 10.03 -14.55 -20.61
N PHE A 784 10.27 -15.19 -21.76
CA PHE A 784 10.34 -16.64 -21.90
C PHE A 784 11.63 -17.02 -22.59
N PHE A 785 12.50 -17.76 -21.91
CA PHE A 785 13.79 -18.12 -22.45
C PHE A 785 13.77 -19.61 -22.81
N SER A 786 13.68 -19.87 -24.11
CA SER A 786 13.58 -21.22 -24.62
C SER A 786 14.92 -21.95 -24.53
N THR A 787 14.95 -23.04 -23.75
CA THR A 787 16.10 -23.95 -23.78
C THR A 787 16.09 -24.87 -25.00
N LEU A 788 15.16 -24.67 -25.93
CA LEU A 788 15.17 -25.30 -27.25
C LEU A 788 15.83 -24.39 -28.28
N THR A 789 15.34 -23.16 -28.39
CA THR A 789 15.91 -22.13 -29.26
C THR A 789 17.21 -21.57 -28.70
N GLY A 790 17.31 -21.40 -27.38
CA GLY A 790 18.52 -20.84 -26.79
C GLY A 790 18.54 -19.34 -26.70
N ASP A 791 17.37 -18.69 -26.69
CA ASP A 791 17.22 -17.24 -26.69
C ASP A 791 15.78 -16.94 -26.31
N PHE A 792 15.53 -15.68 -25.93
CA PHE A 792 14.18 -15.29 -25.57
C PHE A 792 13.25 -15.45 -26.77
N LEU A 793 12.01 -15.84 -26.47
CA LEU A 793 10.98 -16.05 -27.46
C LEU A 793 9.87 -15.04 -27.23
N ASP A 794 9.08 -14.80 -28.28
CA ASP A 794 7.94 -13.91 -28.19
C ASP A 794 6.75 -14.59 -27.50
N GLY A 795 6.49 -15.85 -27.83
CA GLY A 795 5.39 -16.55 -27.20
C GLY A 795 4.45 -17.17 -28.19
N THR A 796 4.25 -16.49 -29.32
CA THR A 796 3.41 -17.03 -30.39
C THR A 796 4.07 -18.17 -31.15
N GLU A 797 5.37 -18.41 -30.99
CA GLU A 797 6.10 -19.50 -31.63
C GLU A 797 5.81 -20.86 -31.03
N LEU A 798 5.02 -20.94 -29.97
CA LEU A 798 4.86 -22.20 -29.25
C LEU A 798 3.62 -22.94 -29.73
N ASP A 799 3.52 -23.16 -31.04
CA ASP A 799 2.46 -24.02 -31.54
C ASP A 799 2.85 -25.49 -31.34
N ALA A 800 1.96 -26.37 -31.82
CA ALA A 800 2.20 -27.82 -31.73
C ALA A 800 3.55 -28.23 -32.29
N GLY A 801 4.03 -27.54 -33.34
CA GLY A 801 5.32 -27.88 -33.90
C GLY A 801 6.45 -27.68 -32.90
N TYR A 802 6.39 -26.58 -32.14
CA TYR A 802 7.39 -26.36 -31.11
C TYR A 802 7.40 -27.50 -30.09
N TRP A 803 6.21 -27.89 -29.62
CA TRP A 803 6.18 -28.89 -28.58
C TRP A 803 6.69 -30.23 -29.06
N TYR A 804 6.63 -30.52 -30.36
CA TYR A 804 7.29 -31.72 -30.85
C TYR A 804 8.82 -31.54 -30.84
N ARG A 805 9.32 -30.40 -31.37
CA ARG A 805 10.76 -30.19 -31.39
C ARG A 805 11.34 -30.22 -29.98
N ASN A 806 10.60 -29.65 -29.02
CA ASN A 806 10.98 -29.70 -27.62
C ASN A 806 11.12 -31.12 -27.11
N LEU A 807 10.29 -32.04 -27.60
CA LEU A 807 10.39 -33.45 -27.25
C LEU A 807 11.49 -34.18 -28.01
N ARG A 808 11.87 -33.70 -29.21
CA ARG A 808 12.78 -34.42 -30.10
C ARG A 808 14.24 -33.99 -29.93
N HIS A 809 14.48 -32.71 -29.62
CA HIS A 809 15.81 -32.14 -29.72
C HIS A 809 16.48 -32.07 -28.36
N PRO A 810 17.82 -31.96 -28.34
CA PRO A 810 18.52 -31.83 -27.04
C PRO A 810 18.05 -30.61 -26.25
N VAL A 811 17.98 -30.78 -24.94
CA VAL A 811 17.69 -29.73 -23.98
C VAL A 811 18.97 -28.98 -23.68
N GLU A 812 19.12 -27.79 -24.25
CA GLU A 812 20.37 -27.03 -24.12
C GLU A 812 20.23 -26.04 -22.97
N PHE A 813 20.28 -26.60 -21.75
CA PHE A 813 19.94 -25.93 -20.49
C PHE A 813 21.13 -25.25 -19.84
N HIS A 814 22.31 -25.88 -19.89
CA HIS A 814 23.53 -25.23 -19.46
C HIS A 814 23.74 -23.90 -20.18
N SER A 815 23.64 -23.92 -21.51
CA SER A 815 23.74 -22.68 -22.27
C SER A 815 22.71 -21.66 -21.78
N ALA A 816 21.48 -22.12 -21.50
CA ALA A 816 20.41 -21.20 -21.16
C ALA A 816 20.70 -20.48 -19.85
N VAL A 817 21.39 -21.15 -18.92
CA VAL A 817 21.69 -20.53 -17.64
C VAL A 817 22.84 -19.54 -17.78
N GLN A 818 23.88 -19.95 -18.51
CA GLN A 818 24.97 -19.04 -18.84
C GLN A 818 24.46 -17.75 -19.50
N ALA A 819 23.48 -17.88 -20.40
CA ALA A 819 22.95 -16.70 -21.07
C ALA A 819 22.25 -15.78 -20.08
N LEU A 820 21.42 -16.36 -19.21
CA LEU A 820 20.67 -15.55 -18.26
C LEU A 820 21.58 -14.90 -17.22
N THR A 821 22.67 -15.57 -16.81
CA THR A 821 23.57 -14.98 -15.81
C THR A 821 24.27 -13.74 -16.34
N ASP A 822 24.78 -13.81 -17.56
CA ASP A 822 25.49 -12.70 -18.20
C ASP A 822 24.56 -11.58 -18.66
N GLN A 823 23.26 -11.66 -18.38
CA GLN A 823 22.35 -10.56 -18.62
C GLN A 823 21.89 -9.91 -17.32
N GLY A 824 22.36 -10.39 -16.16
CA GLY A 824 22.22 -9.69 -14.90
C GLY A 824 21.26 -10.30 -13.89
N TYR A 825 20.67 -11.46 -14.20
CA TYR A 825 19.67 -12.05 -13.31
C TYR A 825 20.34 -12.55 -12.02
N ALA A 826 19.72 -12.21 -10.88
CA ALA A 826 20.37 -12.41 -9.60
C ALA A 826 19.83 -13.56 -8.77
N THR A 827 18.60 -14.01 -9.02
CA THR A 827 17.99 -15.08 -8.25
C THR A 827 17.40 -16.13 -9.18
N PHE A 828 17.78 -17.39 -8.97
CA PHE A 828 17.13 -18.50 -9.65
C PHE A 828 16.27 -19.26 -8.65
N ILE A 829 14.96 -19.23 -8.86
CA ILE A 829 13.98 -19.94 -8.05
C ILE A 829 13.51 -21.14 -8.85
N GLU A 830 13.71 -22.34 -8.32
CA GLU A 830 13.25 -23.55 -8.95
C GLU A 830 11.87 -23.88 -8.43
N VAL A 831 10.87 -23.86 -9.30
CA VAL A 831 9.46 -24.02 -8.89
C VAL A 831 9.14 -25.49 -9.15
N SER A 832 9.24 -26.32 -8.11
CA SER A 832 9.11 -27.76 -8.28
C SER A 832 8.90 -28.39 -6.90
N PRO A 833 8.28 -29.57 -6.84
CA PRO A 833 8.04 -30.23 -5.56
C PRO A 833 9.28 -30.86 -4.94
N HIS A 834 10.43 -30.80 -5.63
CA HIS A 834 11.70 -31.28 -5.12
C HIS A 834 12.80 -30.73 -6.01
N PRO A 835 13.98 -30.40 -5.47
CA PRO A 835 15.00 -29.75 -6.30
C PRO A 835 15.79 -30.78 -7.11
N VAL A 836 15.95 -30.51 -8.41
CA VAL A 836 16.68 -31.44 -9.26
C VAL A 836 17.76 -30.71 -10.03
N LEU A 837 17.44 -29.50 -10.51
CA LEU A 837 18.36 -28.70 -11.29
C LEU A 837 19.13 -27.69 -10.44
N ALA A 838 18.76 -27.55 -9.16
CA ALA A 838 19.42 -26.59 -8.28
C ALA A 838 20.93 -26.81 -8.26
N SER A 839 21.37 -28.06 -8.11
CA SER A 839 22.79 -28.37 -8.11
C SER A 839 23.46 -27.89 -9.39
N SER A 840 22.91 -28.30 -10.54
CA SER A 840 23.58 -28.00 -11.79
C SER A 840 23.63 -26.50 -12.07
N VAL A 841 22.63 -25.75 -11.59
CA VAL A 841 22.65 -24.29 -11.75
C VAL A 841 23.80 -23.69 -10.94
N GLN A 842 23.95 -24.11 -9.67
CA GLN A 842 25.05 -23.61 -8.85
C GLN A 842 26.40 -23.89 -9.50
N GLU A 843 26.61 -25.14 -9.94
CA GLU A 843 27.86 -25.46 -10.66
C GLU A 843 28.09 -24.49 -11.81
N THR A 844 27.05 -24.17 -12.58
CA THR A 844 27.21 -23.26 -13.71
C THR A 844 27.59 -21.87 -13.25
N LEU A 845 27.02 -21.44 -12.11
CA LEU A 845 27.35 -20.13 -11.57
C LEU A 845 28.77 -20.10 -11.02
N ASP A 846 29.21 -21.19 -10.40
CA ASP A 846 30.58 -21.25 -9.91
C ASP A 846 31.59 -21.01 -11.04
N ASP A 847 31.48 -21.78 -12.14
CA ASP A 847 32.34 -21.58 -13.30
C ASP A 847 32.17 -20.19 -13.93
N ALA A 848 31.05 -19.54 -13.69
CA ALA A 848 30.84 -18.15 -14.10
C ALA A 848 31.19 -17.16 -13.00
N GLU A 849 31.68 -17.65 -11.84
CA GLU A 849 32.01 -16.85 -10.66
C GLU A 849 30.89 -15.85 -10.33
N SER A 850 29.65 -16.31 -10.44
CA SER A 850 28.48 -15.48 -10.21
C SER A 850 28.07 -15.53 -8.75
N ASP A 851 27.66 -14.38 -8.22
CA ASP A 851 27.09 -14.28 -6.87
C ASP A 851 25.65 -14.74 -6.80
N ALA A 852 25.00 -14.97 -7.95
CA ALA A 852 23.56 -15.21 -8.00
C ALA A 852 23.13 -16.38 -7.12
N ALA A 853 21.99 -16.22 -6.49
CA ALA A 853 21.47 -17.23 -5.56
C ALA A 853 20.66 -18.29 -6.30
N VAL A 854 20.58 -19.47 -5.70
CA VAL A 854 19.76 -20.55 -6.20
C VAL A 854 18.89 -21.05 -5.06
N LEU A 855 17.58 -21.03 -5.25
CA LEU A 855 16.64 -21.41 -4.21
C LEU A 855 15.71 -22.47 -4.79
N GLY A 856 15.07 -23.23 -3.89
CA GLY A 856 14.11 -24.24 -4.27
C GLY A 856 12.75 -23.88 -3.71
N THR A 857 11.78 -24.75 -3.98
CA THR A 857 10.45 -24.52 -3.39
C THR A 857 10.11 -25.61 -2.39
N LEU A 858 9.70 -26.79 -2.85
CA LEU A 858 9.43 -27.83 -1.85
C LEU A 858 10.56 -28.85 -1.82
N GLU A 859 10.48 -29.80 -0.90
CA GLU A 859 11.51 -30.86 -0.81
C GLU A 859 10.77 -32.19 -0.60
N ARG A 860 11.44 -33.31 -0.84
CA ARG A 860 10.74 -34.62 -0.75
C ARG A 860 10.12 -34.77 0.64
N ASP A 861 10.89 -34.58 1.70
CA ASP A 861 10.35 -34.79 3.07
C ASP A 861 9.34 -33.69 3.39
N ALA A 862 9.58 -32.48 2.91
CA ALA A 862 8.73 -31.34 3.29
C ALA A 862 8.02 -30.73 2.08
N GLY A 863 6.72 -31.00 1.94
CA GLY A 863 5.92 -30.38 0.88
C GLY A 863 4.80 -29.66 1.60
N ASP A 864 5.08 -29.28 2.85
CA ASP A 864 4.05 -28.67 3.70
C ASP A 864 4.09 -27.16 3.59
N ALA A 865 3.16 -26.51 4.29
CA ALA A 865 3.17 -25.06 4.32
C ALA A 865 4.37 -24.51 5.08
N ASP A 866 4.97 -25.32 5.95
CA ASP A 866 6.19 -24.87 6.63
C ASP A 866 7.37 -24.81 5.66
N ARG A 867 7.52 -25.82 4.80
CA ARG A 867 8.62 -25.78 3.85
C ARG A 867 8.49 -24.59 2.92
N PHE A 868 7.25 -24.26 2.53
CA PHE A 868 7.03 -23.15 1.62
C PHE A 868 7.31 -21.80 2.30
N LEU A 869 6.89 -21.66 3.56
CA LEU A 869 7.21 -20.48 4.35
C LEU A 869 8.72 -20.29 4.43
N THR A 870 9.46 -21.39 4.59
CA THR A 870 10.91 -21.36 4.58
C THR A 870 11.44 -20.93 3.22
N ALA A 871 10.78 -21.36 2.14
CA ALA A 871 11.20 -20.95 0.81
C ALA A 871 11.02 -19.45 0.60
N LEU A 872 9.87 -18.91 1.02
CA LEU A 872 9.65 -17.46 1.02
C LEU A 872 10.72 -16.75 1.85
N ALA A 873 10.93 -17.22 3.09
CA ALA A 873 11.93 -16.62 3.97
C ALA A 873 13.28 -16.51 3.29
N ASP A 874 13.71 -17.60 2.66
CA ASP A 874 14.98 -17.61 1.96
C ASP A 874 14.97 -16.65 0.77
N ALA A 875 13.93 -16.74 -0.08
CA ALA A 875 13.83 -15.82 -1.21
C ALA A 875 13.90 -14.37 -0.75
N HIS A 876 13.32 -14.07 0.42
CA HIS A 876 13.41 -12.73 1.00
C HIS A 876 14.86 -12.30 1.24
N THR A 877 15.68 -13.19 1.81
CA THR A 877 17.07 -12.84 2.08
C THR A 877 17.89 -12.61 0.82
N ARG A 878 17.31 -12.81 -0.35
CA ARG A 878 18.07 -12.68 -1.62
C ARG A 878 17.54 -11.48 -2.41
N GLY A 879 16.47 -10.85 -1.94
CA GLY A 879 15.97 -9.64 -2.59
C GLY A 879 14.57 -9.80 -3.19
N VAL A 880 14.04 -11.01 -3.18
CA VAL A 880 12.65 -11.23 -3.67
C VAL A 880 11.71 -10.44 -2.76
N ALA A 881 10.65 -9.88 -3.33
CA ALA A 881 9.71 -9.05 -2.55
C ALA A 881 8.51 -9.86 -2.10
N VAL A 882 8.54 -10.34 -0.87
CA VAL A 882 7.42 -11.15 -0.33
C VAL A 882 6.46 -10.16 0.34
N ASP A 883 5.20 -10.10 -0.08
CA ASP A 883 4.29 -9.22 0.69
C ASP A 883 4.07 -9.95 2.02
N TRP A 884 5.00 -9.75 2.94
CA TRP A 884 4.91 -10.42 4.23
C TRP A 884 3.55 -10.24 4.87
N GLU A 885 2.85 -9.16 4.53
CA GLU A 885 1.53 -8.94 5.12
C GLU A 885 0.46 -9.79 4.46
N ALA A 886 0.56 -10.01 3.15
CA ALA A 886 -0.36 -10.92 2.48
C ALA A 886 -0.19 -12.35 2.97
N VAL A 887 1.06 -12.76 3.24
CA VAL A 887 1.35 -14.13 3.64
C VAL A 887 0.91 -14.40 5.08
N LEU A 888 1.25 -13.49 6.00
CA LEU A 888 0.99 -13.76 7.42
C LEU A 888 -0.23 -13.06 7.98
N GLY A 889 -0.63 -11.94 7.41
CA GLY A 889 -1.56 -11.07 8.10
C GLY A 889 -0.84 -9.96 8.80
N ARG A 890 -1.63 -9.08 9.40
CA ARG A 890 -1.11 -7.95 10.17
C ARG A 890 -1.15 -8.30 11.65
N ALA A 891 -0.03 -8.11 12.34
CA ALA A 891 -0.03 -8.23 13.79
C ALA A 891 0.27 -6.86 14.40
N GLY A 892 0.72 -6.85 15.65
CA GLY A 892 0.96 -5.62 16.36
C GLY A 892 2.44 -5.24 16.49
N LEU A 893 2.70 -3.93 16.57
CA LEU A 893 4.05 -3.48 16.77
C LEU A 893 4.46 -3.76 18.21
N VAL A 894 5.68 -4.26 18.40
CA VAL A 894 6.24 -4.47 19.72
C VAL A 894 7.62 -3.82 19.81
N ASP A 895 7.98 -3.41 21.01
CA ASP A 895 9.23 -2.66 21.22
C ASP A 895 10.38 -3.64 21.22
N LEU A 896 10.91 -3.90 20.03
CA LEU A 896 12.11 -4.68 19.81
C LEU A 896 13.30 -3.74 19.66
N PRO A 897 14.51 -4.23 19.91
CA PRO A 897 15.70 -3.39 19.70
C PRO A 897 15.74 -2.76 18.31
N GLY A 898 16.35 -1.58 18.25
CA GLY A 898 16.55 -0.87 17.00
C GLY A 898 17.86 -1.28 16.36
N TYR A 899 18.21 -0.56 15.29
CA TYR A 899 19.39 -0.92 14.53
C TYR A 899 20.62 -1.01 15.44
N PRO A 900 21.53 -1.98 15.23
CA PRO A 900 22.76 -2.09 16.04
C PRO A 900 23.94 -1.32 15.44
N PHE A 901 23.96 0.00 15.72
CA PHE A 901 25.01 0.86 15.18
C PHE A 901 26.42 0.37 15.54
N GLN A 902 27.31 0.41 14.55
CA GLN A 902 28.67 -0.10 14.66
C GLN A 902 29.62 1.10 14.67
N GLY A 903 29.73 1.73 15.85
CA GLY A 903 30.43 2.99 15.96
C GLY A 903 31.91 2.84 16.27
N LYS A 904 32.73 3.53 15.49
CA LYS A 904 34.07 3.93 15.91
C LYS A 904 33.96 5.15 16.82
N ARG A 905 35.00 5.40 17.61
CA ARG A 905 35.03 6.59 18.45
C ARG A 905 35.61 7.75 17.66
N PHE A 906 34.99 8.92 17.77
CA PHE A 906 35.56 10.15 17.26
C PHE A 906 35.44 11.19 18.36
N TRP A 907 36.58 11.68 18.83
CA TRP A 907 36.58 12.76 19.80
C TRP A 907 37.78 13.62 19.47
N LEU A 908 37.52 14.72 18.77
CA LEU A 908 38.54 15.74 18.53
C LEU A 908 39.13 16.26 19.83
N LEU A 909 40.44 16.41 19.87
CA LEU A 909 41.13 17.12 20.94
C LEU A 909 41.91 18.25 20.26
N PRO A 910 41.33 19.46 20.18
CA PRO A 910 41.97 20.62 19.54
C PRO A 910 43.13 21.24 20.33
N ASP B 17 -47.13 28.07 -14.73
CA ASP B 17 -47.30 27.84 -13.31
C ASP B 17 -46.11 27.09 -12.73
N VAL B 18 -45.81 25.91 -13.28
CA VAL B 18 -44.67 25.13 -12.81
C VAL B 18 -43.38 25.93 -13.02
N VAL B 19 -42.51 25.91 -12.00
CA VAL B 19 -41.24 26.63 -12.02
C VAL B 19 -40.24 25.87 -12.88
N MET B 20 -39.42 26.61 -13.64
CA MET B 20 -38.32 26.04 -14.41
C MET B 20 -37.04 26.80 -14.06
N THR B 21 -35.88 26.15 -14.28
CA THR B 21 -34.60 26.80 -13.96
C THR B 21 -33.62 26.52 -15.11
N GLN B 22 -32.89 27.55 -15.58
CA GLN B 22 -31.97 27.44 -16.72
C GLN B 22 -30.53 27.73 -16.30
N SER B 23 -29.53 27.08 -17.01
CA SER B 23 -28.08 27.37 -16.84
C SER B 23 -27.30 27.35 -18.17
N PRO B 24 -26.00 27.78 -18.21
CA PRO B 24 -25.13 27.48 -19.38
C PRO B 24 -24.87 25.98 -19.57
N LEU B 25 -25.01 25.50 -20.82
CA LEU B 25 -24.99 24.06 -21.09
C LEU B 25 -23.59 23.44 -20.93
N SER B 26 -22.55 24.11 -21.41
CA SER B 26 -21.19 23.57 -21.32
C SER B 26 -20.26 24.70 -20.95
N LEU B 27 -19.29 24.41 -20.09
CA LEU B 27 -18.33 25.42 -19.63
C LEU B 27 -16.93 24.83 -19.64
N PRO B 28 -16.09 25.18 -20.63
CA PRO B 28 -14.67 24.88 -20.51
C PRO B 28 -14.09 25.72 -19.39
N VAL B 29 -13.17 25.13 -18.62
CA VAL B 29 -12.54 25.83 -17.52
C VAL B 29 -11.04 25.56 -17.57
N THR B 30 -10.29 26.37 -16.83
CA THR B 30 -8.83 26.43 -16.92
C THR B 30 -8.30 26.33 -15.50
N PRO B 31 -7.65 25.24 -15.13
CA PRO B 31 -7.15 25.10 -13.76
C PRO B 31 -6.25 26.26 -13.33
N GLY B 32 -6.55 26.82 -12.15
CA GLY B 32 -5.89 28.02 -11.64
C GLY B 32 -6.65 29.30 -11.88
N GLU B 33 -7.75 29.25 -12.63
CA GLU B 33 -8.58 30.38 -13.02
C GLU B 33 -9.96 30.29 -12.37
N PRO B 34 -10.63 31.42 -12.14
CA PRO B 34 -12.02 31.36 -11.67
C PRO B 34 -12.95 30.87 -12.76
N ALA B 35 -14.04 30.23 -12.33
CA ALA B 35 -15.12 29.91 -13.26
C ALA B 35 -16.44 30.17 -12.56
N SER B 36 -17.51 30.21 -13.35
CA SER B 36 -18.78 30.66 -12.82
C SER B 36 -19.90 30.03 -13.65
N ILE B 37 -20.98 29.63 -12.99
CA ILE B 37 -22.14 29.04 -13.67
C ILE B 37 -23.39 29.76 -13.21
N SER B 38 -24.19 30.21 -14.15
CA SER B 38 -25.39 30.95 -13.82
C SER B 38 -26.60 30.03 -13.77
N CYS B 39 -27.55 30.38 -12.93
CA CYS B 39 -28.81 29.68 -12.87
C CYS B 39 -29.91 30.72 -12.73
N ARG B 40 -31.02 30.54 -13.45
CA ARG B 40 -32.08 31.53 -13.43
C ARG B 40 -33.42 30.81 -13.38
N SER B 41 -34.34 31.27 -12.53
CA SER B 41 -35.66 30.67 -12.43
C SER B 41 -36.73 31.56 -13.04
N SER B 42 -37.86 30.94 -13.37
CA SER B 42 -39.01 31.63 -13.95
C SER B 42 -39.76 32.44 -12.92
N GLN B 43 -39.37 32.36 -11.66
CA GLN B 43 -40.18 32.78 -10.54
C GLN B 43 -39.29 32.81 -9.30
N SER B 44 -39.57 33.73 -8.39
CA SER B 44 -38.68 33.95 -7.27
C SER B 44 -38.62 32.73 -6.36
N LEU B 45 -37.41 32.33 -5.97
CA LEU B 45 -37.19 31.23 -5.03
C LEU B 45 -37.01 31.70 -3.58
N LEU B 46 -37.20 32.99 -3.31
CA LEU B 46 -37.08 33.51 -1.95
C LEU B 46 -38.32 33.15 -1.12
N HIS B 47 -38.09 32.59 0.06
CA HIS B 47 -39.12 32.14 0.98
C HIS B 47 -39.33 33.23 2.04
N SER B 48 -40.49 33.16 2.71
CA SER B 48 -40.78 34.12 3.78
C SER B 48 -39.65 34.17 4.81
N ASN B 49 -39.06 33.01 5.13
CA ASN B 49 -38.00 32.97 6.11
C ASN B 49 -36.70 33.61 5.63
N GLY B 50 -36.64 34.13 4.42
CA GLY B 50 -35.48 34.86 3.98
C GLY B 50 -34.42 34.05 3.25
N TYR B 51 -34.70 32.79 2.95
CA TYR B 51 -33.73 31.95 2.24
C TYR B 51 -34.22 31.61 0.84
N ASN B 52 -33.25 31.45 -0.06
CA ASN B 52 -33.52 31.09 -1.43
C ASN B 52 -33.46 29.57 -1.57
N TYR B 53 -34.56 28.96 -1.99
CA TYR B 53 -34.70 27.51 -2.00
C TYR B 53 -34.03 26.96 -3.27
N LEU B 54 -32.69 27.01 -3.26
CA LEU B 54 -31.87 26.68 -4.42
C LEU B 54 -30.61 25.94 -3.99
N ASP B 55 -30.42 24.72 -4.50
CA ASP B 55 -29.30 23.86 -4.14
C ASP B 55 -28.47 23.55 -5.38
N TRP B 56 -27.16 23.39 -5.19
CA TRP B 56 -26.24 23.04 -6.26
C TRP B 56 -25.65 21.66 -6.00
N TYR B 57 -25.53 20.85 -7.05
CA TYR B 57 -24.98 19.50 -6.98
C TYR B 57 -23.96 19.30 -8.07
N LEU B 58 -23.06 18.34 -7.85
CA LEU B 58 -22.05 18.00 -8.83
C LEU B 58 -21.89 16.49 -8.86
N GLN B 59 -21.87 15.94 -10.06
CA GLN B 59 -21.55 14.54 -10.30
C GLN B 59 -20.24 14.52 -11.08
N LYS B 60 -19.18 14.05 -10.45
CA LYS B 60 -17.95 13.89 -11.19
C LYS B 60 -18.10 12.74 -12.18
N PRO B 61 -17.26 12.71 -13.22
CA PRO B 61 -17.34 11.61 -14.20
C PRO B 61 -17.17 10.26 -13.51
N GLY B 62 -18.16 9.39 -13.69
CA GLY B 62 -18.16 8.05 -13.10
C GLY B 62 -18.16 8.04 -11.58
N GLN B 63 -18.93 8.93 -10.97
CA GLN B 63 -18.98 9.03 -9.53
C GLN B 63 -20.43 9.33 -9.14
N SER B 64 -20.75 9.19 -7.87
CA SER B 64 -22.11 9.52 -7.48
C SER B 64 -22.23 11.03 -7.27
N PRO B 65 -23.45 11.57 -7.35
CA PRO B 65 -23.63 13.01 -7.16
C PRO B 65 -23.29 13.42 -5.74
N GLN B 66 -22.95 14.70 -5.59
CA GLN B 66 -22.63 15.25 -4.26
C GLN B 66 -23.25 16.64 -4.15
N LEU B 67 -23.59 17.01 -2.93
CA LEU B 67 -24.10 18.34 -2.63
C LEU B 67 -22.94 19.32 -2.46
N LEU B 68 -23.02 20.48 -3.12
CA LEU B 68 -22.05 21.55 -2.91
C LEU B 68 -22.60 22.67 -2.03
N ILE B 69 -23.76 23.21 -2.40
CA ILE B 69 -24.34 24.38 -1.79
C ILE B 69 -25.81 24.11 -1.53
N TYR B 70 -26.29 24.48 -0.34
CA TYR B 70 -27.73 24.52 -0.10
C TYR B 70 -28.15 25.93 0.29
N LEU B 71 -29.46 26.17 0.11
CA LEU B 71 -30.12 27.46 0.39
C LEU B 71 -29.39 28.65 -0.25
N GLY B 72 -29.13 28.51 -1.55
CA GLY B 72 -28.46 29.55 -2.31
C GLY B 72 -26.98 29.75 -2.06
N SER B 73 -26.55 29.87 -0.78
CA SER B 73 -25.17 30.26 -0.51
C SER B 73 -24.50 29.59 0.69
N ASN B 74 -25.14 28.64 1.37
CA ASN B 74 -24.44 27.87 2.40
C ASN B 74 -23.61 26.74 1.79
N ARG B 75 -22.31 26.77 1.99
CA ARG B 75 -21.47 25.65 1.58
C ARG B 75 -21.59 24.54 2.60
N ALA B 76 -21.79 23.32 2.13
CA ALA B 76 -21.85 22.15 3.00
C ALA B 76 -20.47 21.78 3.52
N SER B 77 -20.41 21.38 4.78
CA SER B 77 -19.13 20.94 5.35
C SER B 77 -18.52 19.79 4.57
N GLY B 78 -17.22 19.91 4.31
CA GLY B 78 -16.48 18.97 3.50
C GLY B 78 -16.36 19.37 2.03
N VAL B 79 -17.22 20.25 1.55
CA VAL B 79 -17.06 20.76 0.19
C VAL B 79 -15.88 21.73 0.18
N PRO B 80 -14.96 21.65 -0.79
CA PRO B 80 -13.81 22.56 -0.78
C PRO B 80 -14.27 24.00 -0.79
N ASP B 81 -13.57 24.85 -0.02
CA ASP B 81 -14.06 26.20 0.20
C ASP B 81 -13.90 27.10 -1.02
N ARG B 82 -13.24 26.62 -2.08
CA ARG B 82 -13.21 27.40 -3.30
C ARG B 82 -14.56 27.47 -4.01
N PHE B 83 -15.59 26.78 -3.49
CA PHE B 83 -16.94 26.79 -4.05
C PHE B 83 -17.83 27.75 -3.28
N SER B 84 -18.60 28.55 -3.99
CA SER B 84 -19.50 29.47 -3.32
C SER B 84 -20.74 29.67 -4.17
N GLY B 85 -21.86 29.91 -3.50
CA GLY B 85 -23.09 30.26 -4.16
C GLY B 85 -23.51 31.64 -3.72
N SER B 86 -24.19 32.33 -4.62
CA SER B 86 -24.72 33.66 -4.33
C SER B 86 -25.90 33.88 -5.25
N GLY B 87 -26.53 35.04 -5.12
CA GLY B 87 -27.71 35.38 -5.87
C GLY B 87 -28.92 35.39 -4.98
N SER B 88 -30.04 35.80 -5.57
CA SER B 88 -31.27 35.93 -4.79
C SER B 88 -32.43 36.18 -5.75
N GLY B 89 -33.59 35.64 -5.40
CA GLY B 89 -34.78 35.85 -6.17
C GLY B 89 -34.91 34.95 -7.39
N THR B 90 -34.29 35.36 -8.51
CA THR B 90 -34.36 34.59 -9.74
C THR B 90 -33.01 34.40 -10.42
N ASP B 91 -31.93 34.95 -9.89
CA ASP B 91 -30.62 34.87 -10.54
C ASP B 91 -29.60 34.39 -9.53
N PHE B 92 -29.01 33.23 -9.79
CA PHE B 92 -28.08 32.61 -8.85
C PHE B 92 -26.82 32.18 -9.59
N THR B 93 -25.71 32.18 -8.87
CA THR B 93 -24.42 31.92 -9.45
C THR B 93 -23.65 31.03 -8.52
N LEU B 94 -23.00 30.02 -9.09
CA LEU B 94 -22.04 29.19 -8.38
C LEU B 94 -20.67 29.57 -8.89
N LYS B 95 -19.74 29.85 -7.96
CA LYS B 95 -18.40 30.30 -8.31
C LYS B 95 -17.35 29.35 -7.75
N ILE B 96 -16.38 29.00 -8.57
CA ILE B 96 -15.14 28.38 -8.13
C ILE B 96 -14.07 29.45 -8.23
N SER B 97 -13.46 29.78 -7.08
CA SER B 97 -12.50 30.87 -7.06
C SER B 97 -11.29 30.54 -7.91
N ARG B 98 -10.73 29.34 -7.76
CA ARG B 98 -9.63 28.86 -8.61
C ARG B 98 -9.92 27.42 -8.97
N VAL B 99 -10.11 27.16 -10.26
CA VAL B 99 -10.52 25.83 -10.70
C VAL B 99 -9.36 24.86 -10.56
N GLU B 100 -9.66 23.63 -10.11
CA GLU B 100 -8.73 22.51 -10.15
C GLU B 100 -9.22 21.47 -11.14
N ALA B 101 -8.27 20.69 -11.68
CA ALA B 101 -8.62 19.69 -12.69
C ALA B 101 -9.70 18.74 -12.20
N GLU B 102 -9.70 18.43 -10.91
CA GLU B 102 -10.65 17.49 -10.32
C GLU B 102 -12.10 18.03 -10.31
N ASP B 103 -12.33 19.25 -10.79
CA ASP B 103 -13.65 19.88 -10.75
C ASP B 103 -14.51 19.54 -11.95
N VAL B 104 -13.99 18.83 -12.95
CA VAL B 104 -14.79 18.45 -14.13
C VAL B 104 -15.98 17.57 -13.72
N GLY B 105 -17.04 17.63 -14.53
CA GLY B 105 -18.24 16.85 -14.34
C GLY B 105 -19.45 17.70 -14.69
N VAL B 106 -20.62 17.31 -14.19
CA VAL B 106 -21.87 18.04 -14.46
C VAL B 106 -22.37 18.68 -13.17
N TYR B 107 -22.58 20.00 -13.20
CA TYR B 107 -23.17 20.75 -12.10
C TYR B 107 -24.64 20.99 -12.39
N TYR B 108 -25.48 20.80 -11.37
CA TYR B 108 -26.93 21.00 -11.44
C TYR B 108 -27.34 22.00 -10.39
N CYS B 109 -28.22 22.92 -10.75
CA CYS B 109 -28.90 23.74 -9.75
C CYS B 109 -30.32 23.20 -9.65
N MET B 110 -30.76 22.94 -8.42
CA MET B 110 -32.04 22.35 -8.13
C MET B 110 -32.85 23.32 -7.28
N GLN B 111 -33.98 23.80 -7.82
CA GLN B 111 -34.91 24.53 -6.98
C GLN B 111 -35.64 23.56 -6.07
N SER B 112 -36.05 24.05 -4.92
CA SER B 112 -36.89 23.26 -4.03
C SER B 112 -38.13 24.06 -3.60
N LEU B 113 -38.55 25.01 -4.42
CA LEU B 113 -39.83 25.67 -4.14
C LEU B 113 -41.01 24.74 -4.45
N GLN B 114 -40.90 23.93 -5.50
CA GLN B 114 -41.98 23.06 -5.93
C GLN B 114 -41.44 21.64 -6.06
N THR B 115 -42.00 20.73 -5.27
CA THR B 115 -41.57 19.34 -5.21
C THR B 115 -42.75 18.42 -5.56
N PRO B 116 -42.47 17.17 -6.01
CA PRO B 116 -41.14 16.57 -6.24
C PRO B 116 -40.44 17.11 -7.49
N ARG B 117 -39.16 16.82 -7.65
CA ARG B 117 -38.40 17.15 -8.87
C ARG B 117 -38.24 15.88 -9.67
N LEU B 118 -38.82 15.83 -10.86
CA LEU B 118 -38.81 14.57 -11.60
C LEU B 118 -37.42 14.24 -12.14
N THR B 119 -36.61 15.26 -12.36
CA THR B 119 -35.31 15.13 -13.01
C THR B 119 -34.40 16.22 -12.44
N PHE B 120 -33.11 16.09 -12.72
CA PHE B 120 -32.16 17.12 -12.32
C PHE B 120 -31.91 18.18 -13.38
N GLY B 121 -32.58 18.09 -14.52
CA GLY B 121 -32.26 18.94 -15.64
C GLY B 121 -31.02 18.44 -16.35
N PRO B 122 -30.65 19.08 -17.45
CA PRO B 122 -29.46 18.63 -18.20
C PRO B 122 -28.13 19.06 -17.58
N GLY B 123 -28.15 19.93 -16.56
CA GLY B 123 -26.94 20.38 -15.92
C GLY B 123 -26.04 21.21 -16.84
N THR B 124 -24.86 21.55 -16.30
CA THR B 124 -23.79 22.19 -17.02
C THR B 124 -22.61 21.24 -17.08
N LYS B 125 -22.18 20.86 -18.30
CA LYS B 125 -21.03 19.98 -18.48
C LYS B 125 -19.75 20.81 -18.42
N VAL B 126 -18.91 20.53 -17.42
CA VAL B 126 -17.67 21.26 -17.22
C VAL B 126 -16.52 20.35 -17.60
N ASP B 127 -15.75 20.73 -18.64
CA ASP B 127 -14.51 20.04 -19.03
C ASP B 127 -13.31 21.02 -19.04
N ILE B 128 -12.15 20.50 -19.44
CA ILE B 128 -10.89 21.28 -19.41
C ILE B 128 -10.72 22.05 -20.71
N LYS B 129 -10.52 23.37 -20.57
CA LYS B 129 -10.48 24.26 -21.73
C LYS B 129 -9.22 24.05 -22.56
N ARG B 130 -9.37 24.19 -23.87
CA ARG B 130 -8.26 24.12 -24.80
C ARG B 130 -8.68 24.78 -26.10
N THR B 131 -7.74 24.86 -27.03
CA THR B 131 -8.02 25.52 -28.30
C THR B 131 -8.89 24.63 -29.17
N VAL B 132 -9.63 25.27 -30.07
CA VAL B 132 -10.46 24.54 -31.02
C VAL B 132 -9.59 23.61 -31.85
N ALA B 133 -9.97 22.35 -31.91
CA ALA B 133 -9.29 21.33 -32.71
C ALA B 133 -10.35 20.66 -33.57
N ALA B 134 -10.13 20.63 -34.90
CA ALA B 134 -11.06 20.00 -35.82
C ALA B 134 -10.89 18.49 -35.79
N PRO B 135 -11.94 17.75 -36.10
CA PRO B 135 -11.81 16.28 -36.14
C PRO B 135 -11.07 15.84 -37.38
N SER B 136 -10.14 14.90 -37.20
CA SER B 136 -9.56 14.18 -38.32
C SER B 136 -10.48 13.03 -38.69
N VAL B 137 -10.99 13.01 -39.91
CA VAL B 137 -12.10 12.14 -40.25
C VAL B 137 -11.61 10.97 -41.08
N PHE B 138 -11.96 9.76 -40.66
CA PHE B 138 -11.63 8.51 -41.35
C PHE B 138 -12.88 7.67 -41.55
N ILE B 139 -13.07 7.17 -42.77
CA ILE B 139 -14.12 6.19 -43.05
C ILE B 139 -13.43 4.83 -43.23
N PHE B 140 -14.13 3.78 -42.82
CA PHE B 140 -13.64 2.41 -42.87
C PHE B 140 -14.74 1.56 -43.48
N PRO B 141 -14.50 0.91 -44.61
CA PRO B 141 -15.53 0.05 -45.21
C PRO B 141 -15.60 -1.30 -44.52
N PRO B 142 -16.72 -2.02 -44.64
CA PRO B 142 -16.87 -3.29 -43.92
C PRO B 142 -15.81 -4.32 -44.28
N SER B 143 -15.28 -4.99 -43.27
CA SER B 143 -14.34 -6.07 -43.53
C SER B 143 -15.02 -7.18 -44.30
N ASP B 144 -14.23 -7.98 -45.02
CA ASP B 144 -14.80 -9.05 -45.82
C ASP B 144 -15.40 -10.15 -44.95
N GLU B 145 -14.69 -10.53 -43.90
CA GLU B 145 -15.15 -11.59 -43.00
C GLU B 145 -16.53 -11.26 -42.44
N GLN B 146 -16.77 -9.99 -42.10
CA GLN B 146 -18.10 -9.60 -41.64
C GLN B 146 -19.13 -9.74 -42.75
N LEU B 147 -18.71 -9.54 -44.01
CA LEU B 147 -19.59 -9.75 -45.14
C LEU B 147 -19.83 -11.22 -45.45
N LYS B 148 -19.06 -12.10 -44.83
CA LYS B 148 -19.36 -13.54 -45.01
C LYS B 148 -20.25 -13.95 -43.84
N SER B 149 -21.17 -13.09 -43.46
CA SER B 149 -22.05 -13.36 -42.30
C SER B 149 -23.48 -12.90 -42.62
N GLY B 150 -23.63 -11.68 -43.15
CA GLY B 150 -24.97 -11.22 -43.56
C GLY B 150 -25.22 -9.77 -43.19
N THR B 151 -24.27 -9.15 -42.49
CA THR B 151 -24.44 -7.74 -42.06
C THR B 151 -23.22 -6.92 -42.48
N ALA B 152 -23.44 -5.63 -42.76
CA ALA B 152 -22.32 -4.74 -43.11
C ALA B 152 -22.29 -3.54 -42.17
N SER B 153 -21.25 -3.44 -41.37
CA SER B 153 -21.06 -2.27 -40.51
C SER B 153 -19.99 -1.38 -41.11
N VAL B 154 -20.33 -0.13 -41.39
CA VAL B 154 -19.37 0.87 -41.86
C VAL B 154 -19.20 1.93 -40.78
N VAL B 155 -17.95 2.26 -40.48
CA VAL B 155 -17.55 3.08 -39.34
C VAL B 155 -16.98 4.40 -39.85
N CYS B 156 -17.42 5.50 -39.25
CA CYS B 156 -16.83 6.82 -39.48
C CYS B 156 -16.21 7.24 -38.16
N LEU B 157 -14.91 7.52 -38.16
CA LEU B 157 -14.21 7.96 -36.97
C LEU B 157 -13.95 9.46 -37.04
N LEU B 158 -14.28 10.17 -35.97
CA LEU B 158 -13.98 11.60 -35.80
C LEU B 158 -12.95 11.67 -34.69
N ASN B 159 -11.71 11.99 -35.04
CA ASN B 159 -10.62 11.83 -34.09
C ASN B 159 -10.05 13.17 -33.63
N ASN B 160 -9.99 13.34 -32.31
CA ASN B 160 -9.21 14.37 -31.63
C ASN B 160 -9.71 15.76 -31.98
N PHE B 161 -10.92 16.07 -31.49
CA PHE B 161 -11.51 17.38 -31.68
C PHE B 161 -11.88 18.00 -30.33
N TYR B 162 -12.10 19.31 -30.36
CA TYR B 162 -12.55 20.04 -29.17
C TYR B 162 -13.24 21.30 -29.66
N PRO B 163 -14.40 21.68 -29.05
CA PRO B 163 -15.10 21.04 -27.93
C PRO B 163 -16.02 19.87 -28.38
N ARG B 164 -16.75 19.21 -27.48
CA ARG B 164 -17.72 18.22 -27.94
C ARG B 164 -18.75 18.87 -28.85
N GLY B 165 -19.42 18.06 -29.64
CA GLY B 165 -20.48 18.56 -30.47
C GLY B 165 -20.25 18.43 -31.93
N ALA B 166 -19.29 17.60 -32.34
CA ALA B 166 -19.23 17.16 -33.72
C ALA B 166 -20.51 16.42 -34.10
N LYS B 167 -20.98 16.68 -35.32
CA LYS B 167 -22.10 15.98 -35.91
C LYS B 167 -21.64 15.20 -37.15
N VAL B 168 -22.27 14.05 -37.38
CA VAL B 168 -22.02 13.21 -38.57
C VAL B 168 -23.36 12.84 -39.21
N GLN B 169 -23.49 13.10 -40.52
CA GLN B 169 -24.57 12.49 -41.29
C GLN B 169 -24.01 11.45 -42.25
N TRP B 170 -24.75 10.39 -42.44
CA TRP B 170 -24.42 9.39 -43.44
C TRP B 170 -25.24 9.68 -44.68
N LYS B 171 -24.63 9.43 -45.83
CA LYS B 171 -25.26 9.68 -47.12
C LYS B 171 -24.89 8.52 -48.04
N VAL B 172 -25.90 7.75 -48.43
CA VAL B 172 -25.74 6.74 -49.48
C VAL B 172 -26.44 7.29 -50.72
N ASP B 173 -25.67 7.47 -51.80
CA ASP B 173 -26.12 8.14 -53.03
C ASP B 173 -26.64 9.54 -52.74
N ASN B 174 -25.86 10.34 -52.01
CA ASN B 174 -26.26 11.73 -51.65
C ASN B 174 -27.68 11.73 -51.05
N ALA B 175 -28.10 10.63 -50.41
CA ALA B 175 -29.40 10.57 -49.75
C ALA B 175 -29.19 10.26 -48.27
N LEU B 176 -29.81 11.05 -47.40
CA LEU B 176 -29.56 11.00 -45.97
C LEU B 176 -30.16 9.75 -45.35
N GLN B 177 -29.44 9.16 -44.39
CA GLN B 177 -29.88 7.98 -43.66
C GLN B 177 -30.48 8.37 -42.31
N SER B 178 -31.15 7.42 -41.67
CA SER B 178 -31.81 7.69 -40.39
C SER B 178 -32.16 6.38 -39.70
N GLY B 179 -31.93 6.33 -38.39
CA GLY B 179 -32.32 5.16 -37.62
C GLY B 179 -31.53 3.91 -37.92
N ASN B 180 -30.36 4.04 -38.57
CA ASN B 180 -29.49 2.90 -38.84
C ASN B 180 -28.05 3.18 -38.42
N SER B 181 -27.81 4.31 -37.74
CA SER B 181 -26.49 4.67 -37.23
C SER B 181 -26.53 4.78 -35.71
N GLN B 182 -25.40 4.46 -35.08
CA GLN B 182 -25.22 4.63 -33.64
C GLN B 182 -23.88 5.32 -33.37
N GLU B 183 -23.88 6.34 -32.52
CA GLU B 183 -22.67 7.05 -32.12
C GLU B 183 -22.18 6.62 -30.74
N SER B 184 -20.91 6.90 -30.50
CA SER B 184 -20.32 6.75 -29.19
C SER B 184 -19.18 7.76 -29.10
N VAL B 185 -18.94 8.32 -27.91
CA VAL B 185 -17.96 9.38 -27.75
C VAL B 185 -17.07 9.05 -26.57
N THR B 186 -15.76 9.14 -26.77
CA THR B 186 -14.84 8.98 -25.65
C THR B 186 -15.00 10.12 -24.66
N GLU B 187 -14.37 9.96 -23.50
CA GLU B 187 -14.25 11.04 -22.55
C GLU B 187 -13.09 11.94 -22.93
N GLN B 188 -12.97 13.07 -22.23
CA GLN B 188 -11.87 13.98 -22.52
C GLN B 188 -10.54 13.29 -22.28
N ASP B 189 -9.67 13.35 -23.28
CA ASP B 189 -8.33 12.77 -23.15
C ASP B 189 -7.52 13.46 -22.05
N SER B 190 -6.76 12.66 -21.30
CA SER B 190 -5.96 13.18 -20.19
C SER B 190 -4.76 14.01 -20.63
N LYS B 191 -4.25 13.76 -21.83
CA LYS B 191 -3.04 14.45 -22.30
C LYS B 191 -3.40 15.72 -23.03
N ASP B 192 -4.05 15.59 -24.20
CA ASP B 192 -4.33 16.70 -25.09
C ASP B 192 -5.75 17.25 -24.96
N SER B 193 -6.55 16.78 -23.99
CA SER B 193 -7.86 17.35 -23.67
C SER B 193 -8.84 17.31 -24.84
N THR B 194 -8.75 16.31 -25.70
CA THR B 194 -9.63 16.23 -26.86
C THR B 194 -10.64 15.09 -26.72
N TYR B 195 -11.48 14.96 -27.75
CA TYR B 195 -12.59 14.01 -27.78
C TYR B 195 -12.55 13.26 -29.10
N SER B 196 -13.03 12.03 -29.09
CA SER B 196 -13.15 11.28 -30.32
C SER B 196 -14.53 10.68 -30.41
N LEU B 197 -15.06 10.59 -31.64
CA LEU B 197 -16.44 10.07 -31.83
C LEU B 197 -16.39 8.81 -32.70
N SER B 198 -17.45 8.01 -32.68
CA SER B 198 -17.50 6.77 -33.52
C SER B 198 -18.92 6.63 -34.08
N SER B 199 -19.04 6.55 -35.42
CA SER B 199 -20.38 6.44 -36.06
C SER B 199 -20.49 5.14 -36.85
N THR B 200 -21.40 4.24 -36.46
CA THR B 200 -21.50 2.96 -37.14
C THR B 200 -22.82 2.89 -37.88
N LEU B 201 -22.76 2.84 -39.21
CA LEU B 201 -23.93 2.59 -40.04
C LEU B 201 -24.04 1.10 -40.27
N THR B 202 -25.15 0.49 -39.86
CA THR B 202 -25.33 -0.95 -39.92
C THR B 202 -26.45 -1.25 -40.93
N LEU B 203 -26.15 -2.08 -41.92
CA LEU B 203 -27.17 -2.57 -42.84
C LEU B 203 -26.92 -4.03 -43.18
N SER B 204 -28.00 -4.70 -43.61
CA SER B 204 -27.88 -6.06 -44.11
C SER B 204 -27.02 -6.07 -45.36
N LYS B 205 -26.36 -7.21 -45.61
CA LYS B 205 -25.45 -7.30 -46.78
C LYS B 205 -26.22 -6.90 -48.03
N ALA B 206 -27.38 -7.51 -48.25
CA ALA B 206 -28.21 -7.17 -49.42
C ALA B 206 -28.20 -5.66 -49.66
N ASP B 207 -28.72 -4.90 -48.70
CA ASP B 207 -28.79 -3.42 -48.85
C ASP B 207 -27.44 -2.88 -49.30
N TYR B 208 -26.40 -3.10 -48.49
CA TYR B 208 -25.05 -2.58 -48.83
C TYR B 208 -24.75 -2.89 -50.29
N GLU B 209 -25.11 -4.08 -50.74
CA GLU B 209 -24.79 -4.50 -52.14
C GLU B 209 -25.65 -3.70 -53.11
N LYS B 210 -26.78 -3.16 -52.66
CA LYS B 210 -27.67 -2.43 -53.60
C LYS B 210 -27.16 -1.01 -53.79
N HIS B 211 -25.93 -0.73 -53.37
CA HIS B 211 -25.42 0.67 -53.43
C HIS B 211 -23.91 0.69 -53.65
N LYS B 212 -23.37 1.89 -53.86
CA LYS B 212 -21.92 2.04 -54.13
C LYS B 212 -21.36 3.26 -53.39
N VAL B 213 -22.09 4.36 -53.40
CA VAL B 213 -21.56 5.62 -52.81
C VAL B 213 -21.88 5.69 -51.31
N TYR B 214 -20.87 5.45 -50.47
CA TYR B 214 -21.06 5.51 -48.99
C TYR B 214 -20.11 6.55 -48.40
N ALA B 215 -20.66 7.54 -47.68
CA ALA B 215 -19.81 8.64 -47.16
C ALA B 215 -20.34 9.17 -45.83
N CYS B 216 -19.47 9.83 -45.07
CA CYS B 216 -19.92 10.47 -43.81
C CYS B 216 -19.54 11.95 -43.83
N GLU B 217 -20.55 12.81 -43.71
CA GLU B 217 -20.31 14.27 -43.67
C GLU B 217 -20.14 14.70 -42.22
N VAL B 218 -19.04 15.38 -41.92
CA VAL B 218 -18.73 15.77 -40.51
C VAL B 218 -18.84 17.29 -40.37
N THR B 219 -19.55 17.75 -39.33
CA THR B 219 -19.71 19.20 -39.08
C THR B 219 -19.15 19.51 -37.70
N HIS B 220 -18.39 20.60 -37.57
CA HIS B 220 -17.81 20.99 -36.27
C HIS B 220 -17.35 22.45 -36.34
N GLN B 221 -17.03 23.02 -35.19
CA GLN B 221 -16.61 24.44 -35.10
C GLN B 221 -15.28 24.67 -35.82
N GLY B 222 -14.33 23.74 -35.66
CA GLY B 222 -13.00 23.91 -36.26
C GLY B 222 -13.01 23.67 -37.76
N LEU B 223 -14.13 23.17 -38.28
CA LEU B 223 -14.26 22.97 -39.74
C LEU B 223 -15.04 24.16 -40.30
N SER B 224 -14.44 24.89 -41.24
CA SER B 224 -15.10 26.05 -41.88
C SER B 224 -16.23 25.53 -42.77
N SER B 225 -16.01 24.38 -43.38
CA SER B 225 -17.01 23.78 -44.29
C SER B 225 -17.18 22.31 -43.92
N PRO B 226 -18.35 21.72 -44.14
CA PRO B 226 -18.54 20.31 -43.86
C PRO B 226 -17.48 19.45 -44.55
N VAL B 227 -16.96 18.44 -43.86
CA VAL B 227 -15.90 17.54 -44.42
C VAL B 227 -16.51 16.17 -44.64
N THR B 228 -16.36 15.63 -45.84
CA THR B 228 -16.99 14.33 -46.18
C THR B 228 -15.94 13.30 -46.57
N LYS B 229 -16.09 12.07 -46.09
CA LYS B 229 -15.16 10.98 -46.47
C LYS B 229 -15.95 9.86 -47.15
N SER B 230 -15.57 9.47 -48.36
CA SER B 230 -16.27 8.45 -49.12
C SER B 230 -15.37 7.27 -49.41
N PHE B 231 -16.00 6.19 -49.87
CA PHE B 231 -15.36 4.88 -49.97
C PHE B 231 -14.15 4.90 -50.94
N GLU C 3 -17.94 7.09 10.31
CA GLU C 3 -18.30 8.09 9.32
C GLU C 3 -19.59 7.69 8.64
N VAL C 4 -20.29 8.68 8.06
CA VAL C 4 -21.53 8.41 7.34
C VAL C 4 -21.26 7.44 6.22
N GLN C 5 -22.09 6.41 6.11
CA GLN C 5 -21.95 5.43 5.04
C GLN C 5 -23.33 5.03 4.57
N LEU C 6 -23.46 4.82 3.25
CA LEU C 6 -24.68 4.29 2.65
C LEU C 6 -24.22 3.23 1.66
N VAL C 7 -24.07 2.00 2.14
CA VAL C 7 -23.54 0.93 1.30
C VAL C 7 -24.69 0.21 0.59
N GLN C 8 -24.66 0.24 -0.73
CA GLN C 8 -25.71 -0.33 -1.56
C GLN C 8 -25.31 -1.73 -1.99
N SER C 9 -26.32 -2.51 -2.37
CA SER C 9 -26.12 -3.87 -2.84
C SER C 9 -27.43 -4.40 -3.38
N GLY C 10 -27.33 -5.26 -4.38
CA GLY C 10 -28.43 -6.10 -4.75
C GLY C 10 -28.88 -6.05 -6.19
N GLY C 11 -28.04 -5.60 -7.11
CA GLY C 11 -28.45 -5.44 -8.50
C GLY C 11 -27.97 -6.56 -9.40
N GLY C 12 -27.91 -6.26 -10.70
CA GLY C 12 -27.33 -7.18 -11.65
C GLY C 12 -28.25 -7.40 -12.84
N LEU C 13 -28.06 -8.54 -13.50
CA LEU C 13 -28.82 -8.86 -14.70
C LEU C 13 -30.14 -9.53 -14.30
N VAL C 14 -31.19 -9.28 -15.07
CA VAL C 14 -32.53 -9.75 -14.73
C VAL C 14 -33.45 -9.60 -15.93
N GLN C 15 -34.22 -10.65 -16.24
CA GLN C 15 -35.01 -10.66 -17.47
C GLN C 15 -36.25 -9.79 -17.30
N PRO C 16 -36.74 -9.21 -18.39
CA PRO C 16 -37.94 -8.37 -18.30
C PRO C 16 -39.08 -9.14 -17.64
N GLY C 17 -39.95 -8.40 -16.94
CA GLY C 17 -41.07 -8.96 -16.22
C GLY C 17 -40.75 -9.50 -14.83
N ARG C 18 -39.51 -9.85 -14.55
CA ARG C 18 -39.13 -10.34 -13.24
C ARG C 18 -39.08 -9.19 -12.23
N SER C 19 -38.64 -9.51 -11.01
CA SER C 19 -38.60 -8.63 -9.85
C SER C 19 -37.18 -8.61 -9.29
N LEU C 20 -36.89 -7.54 -8.56
CA LEU C 20 -35.55 -7.31 -8.02
C LEU C 20 -35.65 -6.30 -6.89
N ARG C 21 -34.94 -6.57 -5.79
CA ARG C 21 -34.95 -5.70 -4.62
C ARG C 21 -33.54 -5.21 -4.33
N LEU C 22 -33.37 -3.88 -4.32
CA LEU C 22 -32.11 -3.24 -3.93
C LEU C 22 -32.13 -2.85 -2.46
N SER C 23 -30.96 -2.92 -1.84
CA SER C 23 -30.77 -2.57 -0.46
C SER C 23 -29.87 -1.35 -0.33
N CYS C 24 -30.06 -0.62 0.76
CA CYS C 24 -29.21 0.51 1.11
C CYS C 24 -29.03 0.43 2.61
N THR C 25 -27.83 0.09 3.06
CA THR C 25 -27.54 -0.08 4.48
C THR C 25 -26.81 1.15 4.99
N ALA C 26 -27.42 1.85 5.92
CA ALA C 26 -26.87 3.09 6.46
C ALA C 26 -26.04 2.82 7.70
N SER C 27 -25.10 3.72 7.95
CA SER C 27 -24.19 3.59 9.08
C SER C 27 -23.57 4.96 9.37
N GLY C 28 -23.27 5.22 10.63
CA GLY C 28 -22.62 6.46 11.02
C GLY C 28 -23.56 7.61 11.29
N PHE C 29 -24.86 7.39 11.25
CA PHE C 29 -25.83 8.44 11.53
C PHE C 29 -27.15 7.78 11.90
N THR C 30 -28.08 8.61 12.40
CA THR C 30 -29.37 8.11 12.88
C THR C 30 -30.31 7.95 11.69
N PHE C 31 -30.27 6.73 11.12
CA PHE C 31 -31.06 6.41 9.92
C PHE C 31 -32.51 6.84 10.05
N GLY C 32 -33.14 6.57 11.20
CA GLY C 32 -34.56 6.80 11.39
C GLY C 32 -34.97 8.24 11.32
N ASP C 33 -34.01 9.17 11.36
CA ASP C 33 -34.30 10.59 11.35
C ASP C 33 -34.42 11.19 9.96
N TYR C 34 -34.05 10.43 8.93
CA TYR C 34 -33.98 10.94 7.58
C TYR C 34 -35.03 10.30 6.69
N ALA C 35 -35.60 11.10 5.80
CA ALA C 35 -36.17 10.54 4.58
C ALA C 35 -35.06 9.90 3.77
N MET C 36 -35.42 8.93 2.93
CA MET C 36 -34.48 8.27 2.04
C MET C 36 -35.07 8.21 0.64
N SER C 37 -34.27 8.54 -0.37
CA SER C 37 -34.76 8.63 -1.74
C SER C 37 -33.92 7.77 -2.66
N TRP C 38 -34.54 7.34 -3.76
CA TRP C 38 -33.89 6.59 -4.81
C TRP C 38 -33.92 7.43 -6.08
N VAL C 39 -32.76 7.54 -6.71
CA VAL C 39 -32.58 8.29 -7.94
C VAL C 39 -31.84 7.37 -8.90
N ARG C 40 -32.22 7.38 -10.19
CA ARG C 40 -31.55 6.51 -11.15
C ARG C 40 -31.05 7.30 -12.35
N GLN C 41 -30.13 6.66 -13.07
CA GLN C 41 -29.52 7.24 -14.25
C GLN C 41 -29.38 6.17 -15.31
N ALA C 42 -30.21 6.24 -16.35
CA ALA C 42 -30.05 5.37 -17.50
C ALA C 42 -28.69 5.63 -18.14
N PRO C 43 -28.08 4.60 -18.80
CA PRO C 43 -26.79 4.78 -19.49
C PRO C 43 -26.73 6.02 -20.38
N GLY C 44 -25.78 6.92 -20.08
CA GLY C 44 -25.57 8.15 -20.81
C GLY C 44 -26.51 9.31 -20.50
N LYS C 45 -27.62 9.08 -19.80
CA LYS C 45 -28.68 10.08 -19.66
C LYS C 45 -28.58 10.74 -18.27
N GLY C 46 -29.64 11.44 -17.85
CA GLY C 46 -29.60 12.27 -16.66
C GLY C 46 -30.00 11.55 -15.38
N LEU C 47 -30.12 12.34 -14.32
CA LEU C 47 -30.59 11.82 -13.04
C LEU C 47 -32.10 11.96 -13.00
N GLU C 48 -32.79 10.85 -12.71
CA GLU C 48 -34.25 10.80 -12.71
C GLU C 48 -34.72 10.32 -11.34
N TRP C 49 -35.67 11.04 -10.76
CA TRP C 49 -36.20 10.72 -9.44
C TRP C 49 -37.10 9.49 -9.52
N VAL C 50 -36.93 8.54 -8.60
CA VAL C 50 -37.78 7.37 -8.56
C VAL C 50 -38.82 7.48 -7.44
N GLY C 51 -38.39 7.81 -6.24
CA GLY C 51 -39.32 8.03 -5.14
C GLY C 51 -38.55 8.16 -3.85
N PHE C 52 -39.31 8.32 -2.76
CA PHE C 52 -38.71 8.36 -1.44
C PHE C 52 -39.74 7.93 -0.40
N ILE C 53 -39.22 7.59 0.78
CA ILE C 53 -40.03 7.32 1.96
C ILE C 53 -39.67 8.37 3.02
N ARG C 54 -40.70 8.94 3.65
CA ARG C 54 -40.45 9.88 4.72
C ARG C 54 -39.87 9.16 5.93
N SER C 55 -39.32 9.94 6.87
CA SER C 55 -39.00 9.38 8.16
C SER C 55 -40.29 9.04 8.92
N LYS C 56 -40.15 8.15 9.90
CA LYS C 56 -41.33 7.78 10.67
C LYS C 56 -41.96 9.02 11.33
N ALA C 57 -41.13 9.91 11.88
CA ALA C 57 -41.61 11.14 12.50
C ALA C 57 -42.52 11.96 11.60
N TYR C 58 -42.37 11.83 10.29
CA TYR C 58 -43.24 12.52 9.35
C TYR C 58 -44.22 11.55 8.70
N GLY C 59 -44.44 10.40 9.31
CA GLY C 59 -45.44 9.46 8.85
C GLY C 59 -44.90 8.24 8.14
N GLY C 60 -43.62 8.25 7.76
CA GLY C 60 -43.05 7.10 7.07
C GLY C 60 -43.75 6.72 5.78
N THR C 61 -44.33 7.69 5.09
CA THR C 61 -45.11 7.54 3.88
C THR C 61 -44.24 7.71 2.65
N THR C 62 -44.75 7.29 1.47
CA THR C 62 -43.95 7.19 0.26
C THR C 62 -44.58 7.91 -0.93
N GLU C 63 -43.73 8.47 -1.80
CA GLU C 63 -44.11 9.07 -3.08
C GLU C 63 -43.26 8.47 -4.18
N TYR C 64 -43.82 8.40 -5.39
CA TYR C 64 -43.17 7.76 -6.53
C TYR C 64 -43.34 8.59 -7.80
N ALA C 65 -42.42 8.39 -8.73
CA ALA C 65 -42.57 8.95 -10.06
C ALA C 65 -43.61 8.15 -10.86
N ALA C 66 -44.24 8.82 -11.81
CA ALA C 66 -45.31 8.18 -12.60
C ALA C 66 -44.82 6.95 -13.33
N SER C 67 -43.56 6.94 -13.80
CA SER C 67 -43.09 5.80 -14.59
C SER C 67 -42.78 4.57 -13.74
N VAL C 68 -42.98 4.62 -12.43
CA VAL C 68 -42.74 3.46 -11.58
C VAL C 68 -43.88 3.23 -10.61
N LYS C 69 -44.91 4.07 -10.62
CA LYS C 69 -45.97 3.93 -9.63
C LYS C 69 -46.76 2.68 -9.92
N GLY C 70 -47.03 1.92 -8.85
CA GLY C 70 -47.64 0.62 -8.98
C GLY C 70 -46.70 -0.51 -9.36
N ARG C 71 -45.51 -0.23 -9.87
CA ARG C 71 -44.53 -1.28 -10.17
C ARG C 71 -43.42 -1.36 -9.16
N PHE C 72 -42.94 -0.21 -8.70
CA PHE C 72 -41.87 -0.14 -7.71
C PHE C 72 -42.48 0.25 -6.37
N THR C 73 -41.87 -0.22 -5.30
CA THR C 73 -42.28 0.23 -3.97
C THR C 73 -41.05 0.43 -3.11
N ILE C 74 -41.07 1.49 -2.29
CA ILE C 74 -39.97 1.80 -1.39
C ILE C 74 -40.37 1.40 0.01
N SER C 75 -39.42 0.82 0.75
CA SER C 75 -39.65 0.43 2.12
C SER C 75 -38.41 0.78 2.94
N ARG C 76 -38.56 0.76 4.26
CA ARG C 76 -37.46 1.02 5.17
C ARG C 76 -37.64 0.15 6.40
N ASP C 77 -36.52 -0.13 7.05
CA ASP C 77 -36.47 -0.96 8.26
C ASP C 77 -35.50 -0.25 9.19
N ASP C 78 -36.05 0.47 10.18
CA ASP C 78 -35.21 1.32 10.99
C ASP C 78 -34.41 0.52 12.02
N SER C 79 -34.76 -0.74 12.23
CA SER C 79 -34.03 -1.57 13.19
C SER C 79 -32.70 -2.03 12.62
N LYS C 80 -32.69 -2.41 11.35
CA LYS C 80 -31.48 -2.75 10.62
C LYS C 80 -30.87 -1.54 9.89
N SER C 81 -31.52 -0.37 9.97
CA SER C 81 -31.08 0.83 9.27
C SER C 81 -30.86 0.55 7.78
N ILE C 82 -31.91 0.03 7.13
CA ILE C 82 -31.86 -0.38 5.73
C ILE C 82 -33.04 0.25 5.03
N ALA C 83 -32.80 0.81 3.84
CA ALA C 83 -33.83 1.26 2.93
C ALA C 83 -33.85 0.30 1.74
N TYR C 84 -35.02 0.02 1.22
CA TYR C 84 -35.20 -0.96 0.16
C TYR C 84 -35.91 -0.33 -1.03
N LEU C 85 -35.56 -0.78 -2.22
CA LEU C 85 -36.35 -0.56 -3.42
C LEU C 85 -36.75 -1.94 -3.95
N GLN C 86 -38.06 -2.18 -4.06
CA GLN C 86 -38.61 -3.41 -4.60
C GLN C 86 -39.14 -3.12 -6.00
N MET C 87 -38.44 -3.64 -7.00
CA MET C 87 -38.81 -3.41 -8.38
C MET C 87 -39.60 -4.62 -8.89
N ASN C 88 -40.75 -4.36 -9.48
CA ASN C 88 -41.58 -5.42 -10.04
C ASN C 88 -41.89 -5.13 -11.50
N SER C 89 -42.06 -6.20 -12.27
CA SER C 89 -42.45 -6.09 -13.67
C SER C 89 -41.44 -5.24 -14.43
N LEU C 90 -40.18 -5.57 -14.25
CA LEU C 90 -39.09 -4.75 -14.73
C LEU C 90 -39.17 -4.65 -16.26
N LYS C 91 -38.61 -3.58 -16.79
CA LYS C 91 -38.57 -3.38 -18.23
C LYS C 91 -37.14 -3.06 -18.63
N THR C 92 -36.85 -3.17 -19.93
CA THR C 92 -35.52 -2.78 -20.38
C THR C 92 -35.25 -1.30 -20.09
N GLU C 93 -36.29 -0.46 -20.28
CA GLU C 93 -36.23 0.95 -19.91
C GLU C 93 -35.87 1.20 -18.46
N ASP C 94 -36.08 0.24 -17.57
CA ASP C 94 -35.65 0.42 -16.19
C ASP C 94 -34.16 0.10 -15.99
N THR C 95 -33.42 -0.18 -17.06
CA THR C 95 -31.98 -0.36 -16.93
C THR C 95 -31.31 0.96 -16.57
N ALA C 96 -30.49 0.96 -15.50
CA ALA C 96 -29.92 2.20 -14.98
C ALA C 96 -29.04 1.89 -13.79
N VAL C 97 -28.27 2.89 -13.35
CA VAL C 97 -27.64 2.87 -12.03
C VAL C 97 -28.64 3.47 -11.05
N TYR C 98 -28.87 2.76 -9.94
CA TYR C 98 -29.79 3.21 -8.91
C TYR C 98 -28.99 3.68 -7.70
N TYR C 99 -29.24 4.92 -7.28
CA TYR C 99 -28.64 5.50 -6.09
C TYR C 99 -29.69 5.64 -5.00
N CYS C 100 -29.35 5.26 -3.77
CA CYS C 100 -30.14 5.73 -2.64
C CYS C 100 -29.47 6.99 -2.15
N THR C 101 -30.26 7.87 -1.56
CA THR C 101 -29.68 9.10 -1.08
C THR C 101 -30.40 9.51 0.18
N ARG C 102 -29.62 9.99 1.13
CA ARG C 102 -30.14 10.53 2.37
C ARG C 102 -30.96 11.79 2.11
N GLY C 103 -32.16 11.86 2.65
CA GLY C 103 -32.98 13.06 2.50
C GLY C 103 -34.02 12.92 1.40
N GLY C 104 -35.12 13.67 1.55
CA GLY C 104 -36.16 13.67 0.55
C GLY C 104 -36.22 14.93 -0.31
N THR C 105 -35.66 16.03 0.18
CA THR C 105 -35.55 17.25 -0.60
C THR C 105 -34.11 17.69 -0.78
N LEU C 106 -33.32 17.66 0.30
CA LEU C 106 -31.89 17.93 0.21
C LEU C 106 -31.16 16.59 0.24
N PHE C 107 -30.59 16.20 -0.89
CA PHE C 107 -29.85 14.93 -1.02
C PHE C 107 -28.41 15.16 -0.61
N ASP C 108 -28.13 15.09 0.70
CA ASP C 108 -26.80 15.50 1.15
C ASP C 108 -25.82 14.36 1.32
N TYR C 109 -26.20 13.13 1.01
CA TYR C 109 -25.25 12.02 1.00
C TYR C 109 -25.82 10.93 0.13
N TRP C 110 -24.97 10.39 -0.77
CA TRP C 110 -25.39 9.40 -1.76
C TRP C 110 -24.60 8.13 -1.60
N GLY C 111 -25.20 7.03 -2.05
CA GLY C 111 -24.51 5.75 -2.10
C GLY C 111 -23.72 5.58 -3.37
N GLN C 112 -22.89 4.54 -3.39
CA GLN C 112 -22.08 4.25 -4.57
C GLN C 112 -22.91 3.89 -5.79
N GLY C 113 -24.19 3.56 -5.65
CA GLY C 113 -24.98 3.23 -6.80
C GLY C 113 -24.89 1.75 -7.18
N THR C 114 -25.95 1.28 -7.82
CA THR C 114 -26.06 -0.13 -8.17
C THR C 114 -26.62 -0.25 -9.57
N LEU C 115 -25.91 -0.94 -10.45
CA LEU C 115 -26.39 -1.11 -11.81
C LEU C 115 -27.46 -2.21 -11.85
N VAL C 116 -28.56 -1.93 -12.55
CA VAL C 116 -29.58 -2.92 -12.83
C VAL C 116 -29.71 -2.99 -14.35
N THR C 117 -29.37 -4.15 -14.94
CA THR C 117 -29.51 -4.38 -16.38
C THR C 117 -30.69 -5.30 -16.63
N VAL C 118 -31.68 -4.81 -17.38
CA VAL C 118 -32.88 -5.57 -17.71
C VAL C 118 -32.80 -6.00 -19.16
N SER C 119 -32.55 -7.29 -19.40
CA SER C 119 -32.31 -7.80 -20.73
C SER C 119 -32.71 -9.27 -20.77
N SER C 120 -33.27 -9.71 -21.90
CA SER C 120 -33.49 -11.13 -22.13
C SER C 120 -32.41 -11.75 -23.02
N ALA C 121 -31.32 -11.03 -23.26
CA ALA C 121 -30.19 -11.57 -24.01
C ALA C 121 -29.49 -12.69 -23.23
N SER C 122 -28.96 -13.65 -23.99
CA SER C 122 -28.15 -14.74 -23.46
C SER C 122 -26.68 -14.43 -23.69
N THR C 123 -25.83 -14.88 -22.76
CA THR C 123 -24.38 -14.74 -22.91
C THR C 123 -23.94 -15.16 -24.30
N LYS C 124 -22.98 -14.39 -24.85
CA LYS C 124 -22.53 -14.54 -26.23
C LYS C 124 -21.18 -13.87 -26.37
N GLY C 125 -20.27 -14.51 -27.09
CA GLY C 125 -18.96 -13.98 -27.35
C GLY C 125 -18.95 -12.98 -28.50
N PRO C 126 -17.94 -12.11 -28.53
CA PRO C 126 -17.89 -11.09 -29.58
C PRO C 126 -17.37 -11.66 -30.89
N SER C 127 -17.68 -10.95 -31.97
CA SER C 127 -17.07 -11.17 -33.27
C SER C 127 -16.19 -9.96 -33.58
N VAL C 128 -14.92 -10.20 -33.89
CA VAL C 128 -13.93 -9.13 -34.10
C VAL C 128 -13.64 -8.98 -35.60
N PHE C 129 -13.80 -7.76 -36.09
CA PHE C 129 -13.53 -7.38 -37.47
C PHE C 129 -12.59 -6.19 -37.49
N PRO C 130 -11.60 -6.14 -38.42
CA PRO C 130 -10.60 -5.07 -38.39
C PRO C 130 -10.90 -3.85 -39.26
N LEU C 131 -10.83 -2.65 -38.68
CA LEU C 131 -11.01 -1.41 -39.48
C LEU C 131 -9.68 -1.13 -40.21
N ALA C 132 -9.40 -1.89 -41.26
CA ALA C 132 -8.12 -1.74 -42.00
C ALA C 132 -7.78 -0.26 -42.17
N PRO C 133 -6.49 0.14 -42.05
CA PRO C 133 -6.10 1.54 -42.12
C PRO C 133 -6.29 2.09 -43.54
N SER C 134 -7.55 2.31 -43.94
CA SER C 134 -7.83 2.87 -45.29
C SER C 134 -6.76 3.91 -45.63
N THR C 142 -0.30 10.51 -40.81
CA THR C 142 -1.01 9.78 -39.74
C THR C 142 -2.08 8.88 -40.34
N ALA C 143 -2.05 7.60 -39.98
CA ALA C 143 -3.02 6.65 -40.54
C ALA C 143 -3.90 6.11 -39.42
N ALA C 144 -5.10 5.66 -39.75
CA ALA C 144 -6.03 5.21 -38.70
C ALA C 144 -6.44 3.77 -38.95
N LEU C 145 -6.30 2.91 -37.95
CA LEU C 145 -6.79 1.53 -38.09
C LEU C 145 -7.47 1.15 -36.77
N GLY C 146 -8.22 0.06 -36.77
CA GLY C 146 -8.81 -0.35 -35.49
C GLY C 146 -9.49 -1.69 -35.52
N CYS C 147 -10.26 -1.98 -34.47
CA CYS C 147 -10.98 -3.28 -34.37
C CYS C 147 -12.44 -3.02 -34.02
N LEU C 148 -13.38 -3.73 -34.66
CA LEU C 148 -14.79 -3.59 -34.34
C LEU C 148 -15.26 -4.84 -33.60
N VAL C 149 -15.52 -4.71 -32.29
CA VAL C 149 -15.91 -5.82 -31.44
C VAL C 149 -17.43 -5.85 -31.35
N LYS C 150 -18.06 -6.75 -32.11
CA LYS C 150 -19.50 -6.73 -32.30
C LYS C 150 -20.23 -7.90 -31.64
N ASP C 151 -21.45 -7.61 -31.14
CA ASP C 151 -22.52 -8.58 -30.92
C ASP C 151 -22.24 -9.54 -29.76
N TYR C 152 -21.81 -8.98 -28.63
CA TYR C 152 -21.54 -9.73 -27.41
C TYR C 152 -22.52 -9.34 -26.31
N PHE C 153 -22.46 -10.11 -25.22
CA PHE C 153 -23.32 -9.96 -24.04
C PHE C 153 -22.85 -10.91 -22.95
N PRO C 154 -22.78 -10.46 -21.69
CA PRO C 154 -22.98 -9.08 -21.21
C PRO C 154 -21.71 -8.23 -21.37
N GLU C 155 -21.73 -7.01 -20.85
CA GLU C 155 -20.52 -6.26 -20.74
C GLU C 155 -19.69 -6.83 -19.60
N PRO C 156 -18.40 -6.52 -19.53
CA PRO C 156 -17.59 -5.66 -20.40
C PRO C 156 -16.88 -6.44 -21.47
N VAL C 157 -16.08 -5.75 -22.27
CA VAL C 157 -15.10 -6.39 -23.12
C VAL C 157 -13.91 -5.45 -23.19
N THR C 158 -12.70 -5.97 -23.00
CA THR C 158 -11.51 -5.14 -22.99
C THR C 158 -10.72 -5.38 -24.26
N VAL C 159 -10.03 -4.33 -24.69
CA VAL C 159 -9.24 -4.31 -25.93
C VAL C 159 -7.91 -3.68 -25.60
N SER C 160 -6.83 -4.30 -26.08
CA SER C 160 -5.52 -3.67 -26.05
C SER C 160 -4.85 -3.87 -27.41
N TRP C 161 -3.72 -3.20 -27.61
CA TRP C 161 -3.04 -3.17 -28.91
C TRP C 161 -1.59 -3.60 -28.72
N ASN C 162 -1.18 -4.65 -29.43
CA ASN C 162 0.15 -5.22 -29.29
C ASN C 162 0.41 -5.65 -27.84
N SER C 163 -0.61 -6.28 -27.24
CA SER C 163 -0.54 -6.80 -25.87
C SER C 163 -0.10 -5.71 -24.88
N GLY C 164 -0.61 -4.50 -25.09
CA GLY C 164 -0.35 -3.40 -24.20
C GLY C 164 0.90 -2.61 -24.49
N ALA C 165 1.67 -3.01 -25.51
CA ALA C 165 2.84 -2.23 -25.90
C ALA C 165 2.44 -0.90 -26.53
N LEU C 166 1.40 -0.93 -27.37
CA LEU C 166 0.93 0.27 -28.05
C LEU C 166 -0.18 0.89 -27.21
N THR C 167 0.13 2.04 -26.58
CA THR C 167 -0.87 2.81 -25.87
C THR C 167 -1.04 4.23 -26.39
N SER C 168 -0.08 4.75 -27.13
CA SER C 168 -0.19 6.11 -27.65
C SER C 168 -1.04 6.12 -28.92
N GLY C 169 -2.07 6.97 -28.91
CA GLY C 169 -2.99 7.10 -30.02
C GLY C 169 -4.16 6.14 -30.01
N VAL C 170 -4.41 5.45 -28.91
CA VAL C 170 -5.46 4.44 -28.81
C VAL C 170 -6.70 5.09 -28.19
N HIS C 171 -7.85 4.94 -28.85
CA HIS C 171 -9.14 5.25 -28.23
C HIS C 171 -10.05 4.03 -28.34
N THR C 172 -10.45 3.50 -27.18
CA THR C 172 -11.50 2.49 -27.14
C THR C 172 -12.78 3.18 -26.70
N PHE C 173 -13.84 2.94 -27.40
CA PHE C 173 -15.07 3.71 -27.30
C PHE C 173 -16.06 3.03 -26.38
N PRO C 174 -16.94 3.82 -25.76
CA PRO C 174 -18.02 3.23 -24.96
C PRO C 174 -18.81 2.26 -25.81
N ALA C 175 -19.21 1.13 -25.20
CA ALA C 175 -20.03 0.16 -25.91
C ALA C 175 -21.41 0.75 -26.19
N VAL C 176 -22.01 0.33 -27.28
CA VAL C 176 -23.37 0.73 -27.59
C VAL C 176 -24.25 -0.52 -27.57
N LEU C 177 -25.53 -0.32 -27.31
CA LEU C 177 -26.50 -1.40 -27.19
C LEU C 177 -27.43 -1.36 -28.41
N GLN C 178 -27.27 -2.33 -29.30
CA GLN C 178 -28.03 -2.36 -30.53
C GLN C 178 -29.42 -2.94 -30.30
N SER C 179 -30.29 -2.72 -31.28
CA SER C 179 -31.67 -3.21 -31.21
C SER C 179 -31.74 -4.71 -30.97
N SER C 180 -30.73 -5.45 -31.38
CA SER C 180 -30.72 -6.88 -31.09
C SER C 180 -30.63 -7.17 -29.60
N GLY C 181 -30.28 -6.19 -28.78
CA GLY C 181 -29.95 -6.42 -27.39
C GLY C 181 -28.52 -6.84 -27.14
N LEU C 182 -27.67 -6.83 -28.16
CA LEU C 182 -26.28 -7.22 -28.00
C LEU C 182 -25.40 -5.98 -28.07
N TYR C 183 -24.26 -6.03 -27.40
CA TYR C 183 -23.41 -4.81 -27.35
C TYR C 183 -22.37 -4.81 -28.47
N SER C 184 -21.93 -3.62 -28.87
CA SER C 184 -20.85 -3.50 -29.88
C SER C 184 -19.88 -2.42 -29.43
N LEU C 185 -18.58 -2.68 -29.54
CA LEU C 185 -17.55 -1.69 -29.16
C LEU C 185 -16.54 -1.59 -30.30
N SER C 186 -15.98 -0.40 -30.50
CA SER C 186 -14.97 -0.18 -31.56
C SER C 186 -13.71 0.40 -30.92
N SER C 187 -12.54 -0.12 -31.30
CA SER C 187 -11.26 0.43 -30.79
C SER C 187 -10.44 0.90 -31.98
N VAL C 188 -9.79 2.05 -31.85
CA VAL C 188 -9.01 2.57 -32.96
C VAL C 188 -7.67 3.06 -32.44
N VAL C 189 -6.68 3.05 -33.34
CA VAL C 189 -5.33 3.57 -33.01
C VAL C 189 -4.86 4.33 -34.24
N THR C 190 -4.27 5.50 -34.05
CA THR C 190 -3.72 6.29 -35.17
C THR C 190 -2.24 6.00 -35.23
N VAL C 191 -1.73 5.57 -36.38
CA VAL C 191 -0.31 5.14 -36.44
C VAL C 191 0.39 5.86 -37.59
N PRO C 192 1.74 5.99 -37.59
CA PRO C 192 2.43 6.58 -38.72
C PRO C 192 2.12 5.78 -39.99
N SER C 193 1.97 6.47 -41.12
CA SER C 193 1.58 5.80 -42.38
C SER C 193 2.63 4.76 -42.79
N SER C 194 3.72 4.65 -42.04
CA SER C 194 4.71 3.56 -42.29
C SER C 194 4.06 2.26 -41.78
N SER C 195 2.94 1.89 -42.38
CA SER C 195 2.17 0.72 -41.90
C SER C 195 2.64 -0.54 -42.63
N LEU C 196 3.85 -1.00 -42.30
CA LEU C 196 4.43 -2.23 -42.90
C LEU C 196 5.86 -2.28 -42.40
N GLY C 197 6.41 -1.11 -42.02
CA GLY C 197 7.80 -1.03 -41.53
C GLY C 197 7.96 -1.81 -40.24
N THR C 198 7.98 -3.13 -40.34
CA THR C 198 8.17 -4.01 -39.14
C THR C 198 7.25 -3.52 -38.02
N GLN C 199 6.07 -3.00 -38.37
CA GLN C 199 5.10 -2.61 -37.32
C GLN C 199 3.80 -3.37 -37.56
N THR C 200 3.72 -4.59 -37.05
CA THR C 200 2.46 -5.36 -37.17
C THR C 200 1.55 -4.88 -36.04
N TYR C 201 0.27 -4.67 -36.33
CA TYR C 201 -0.62 -4.11 -35.30
C TYR C 201 -1.69 -5.15 -34.94
N ILE C 202 -1.78 -5.48 -33.65
CA ILE C 202 -2.73 -6.55 -33.22
C ILE C 202 -3.60 -6.04 -32.06
N CYS C 203 -4.93 -6.11 -32.23
CA CYS C 203 -5.83 -5.73 -31.11
C CYS C 203 -6.14 -6.98 -30.30
N ASN C 204 -6.07 -6.85 -28.98
CA ASN C 204 -6.28 -8.06 -28.14
C ASN C 204 -7.61 -7.90 -27.40
N VAL C 205 -8.65 -8.60 -27.85
CA VAL C 205 -9.98 -8.42 -27.24
C VAL C 205 -10.24 -9.60 -26.31
N ASN C 206 -10.94 -9.32 -25.21
CA ASN C 206 -11.01 -10.26 -24.09
C ASN C 206 -12.39 -10.10 -23.46
N HIS C 207 -13.20 -11.18 -23.51
CA HIS C 207 -14.59 -11.20 -23.01
C HIS C 207 -14.74 -12.36 -22.01
N LYS C 208 -14.39 -12.09 -20.76
CA LYS C 208 -14.48 -13.09 -19.69
C LYS C 208 -15.85 -13.76 -19.58
N PRO C 209 -16.99 -13.03 -19.61
CA PRO C 209 -18.29 -13.70 -19.42
C PRO C 209 -18.64 -14.76 -20.47
N SER C 210 -17.88 -14.89 -21.57
CA SER C 210 -18.07 -16.01 -22.49
C SER C 210 -16.76 -16.73 -22.77
N ASN C 211 -15.80 -16.58 -21.86
CA ASN C 211 -14.48 -17.26 -22.02
C ASN C 211 -14.00 -17.09 -23.46
N THR C 212 -13.73 -15.85 -23.87
CA THR C 212 -13.25 -15.58 -25.23
C THR C 212 -11.98 -14.75 -25.16
N LYS C 213 -11.00 -15.11 -25.97
CA LYS C 213 -9.78 -14.33 -26.11
C LYS C 213 -9.39 -14.34 -27.58
N VAL C 214 -9.39 -13.18 -28.20
CA VAL C 214 -9.14 -13.09 -29.63
C VAL C 214 -7.99 -12.12 -29.85
N ASP C 215 -7.09 -12.47 -30.77
CA ASP C 215 -6.10 -11.55 -31.27
C ASP C 215 -6.29 -11.41 -32.76
N LYS C 216 -6.34 -10.16 -33.23
CA LYS C 216 -6.49 -9.91 -34.65
C LYS C 216 -5.40 -8.95 -35.14
N LYS C 217 -4.83 -9.28 -36.28
CA LYS C 217 -3.99 -8.35 -37.04
C LYS C 217 -4.87 -7.44 -37.90
N VAL C 218 -4.41 -6.20 -38.07
CA VAL C 218 -5.04 -5.26 -38.99
C VAL C 218 -4.01 -4.87 -40.04
N GLU C 219 -4.46 -4.79 -41.33
CA GLU C 219 -3.66 -4.35 -42.48
C GLU C 219 -4.51 -4.27 -43.76
N PRO C 220 -4.05 -3.59 -44.84
CA PRO C 220 -4.92 -3.36 -46.02
C PRO C 220 -5.24 -4.59 -46.85
#